data_8GLU
#
_entry.id   8GLU
#
_cell.length_a   1.00
_cell.length_b   1.00
_cell.length_c   1.00
_cell.angle_alpha   90.00
_cell.angle_beta   90.00
_cell.angle_gamma   90.00
#
_symmetry.space_group_name_H-M   'P 1'
#
loop_
_entity.id
_entity.type
_entity.pdbx_description
1 polymer 'Transposon Tn7 transposition protein TnsC'
2 polymer 'Transposon Tn7 transposition protein TnsD'
3 non-polymer "ADENOSINE-5'-TRIPHOSPHATE"
4 non-polymer 'MAGNESIUM ION'
5 non-polymer 'ZINC ION'
6 non-polymer "ADENOSINE-5'-DIPHOSPHATE"
#
loop_
_entity_poly.entity_id
_entity_poly.type
_entity_poly.pdbx_seq_one_letter_code
_entity_poly.pdbx_strand_id
1 'polypeptide(L)'
;MGATRIQAVYRDTGVEAYRDNPFIEALPPLQESVNSAASLKSSLQLTSSDLQKSRVIRAHTICRIPDDYFQPLGTHLLLS
ERISVMIRGGYVGRNPKTGDLQKHLQNGYERVQTGELETFRFEEARSTAQSLLLIGCSGSGKTTSLHRILATYPQVIYHR
ELNVEQVVYLKIDCSHNGSLKEICLNFFRALDRALGSNYERRYGLKRHGIETMLALMSQIANAHALGLLVIDEIQHLSRS
RSGGSQEMLNFFVTMVNIIGVPVMLIGTPKAREIFEADLRSARRGAGFGAIFWDPIQQTQRGKPNQEWIAFTDNLWQLQL
LQRKDALLSDEVRDVWYELSQGVMDIVVKLFVLAQLRALALGNERITAGLLRQVYQDELKPVHPMLEALRSGIPERIARY
SDLVVPEIDKRLIQLQLDIAAIQEQTPEEKALQELDTEDQRHLYLMLKEDYDSSLLIPTIKKAFSQNPTMTRQKLLPLVL
QWLMEGETVVSELEKPSKSKKVSPNSSSVDKLAAALEHHHHHH
;
G,F,E
2 'polypeptide(L)'
;MRNFPVPYSNELIYSTIARAGVYQGIVSPKQLLDEVYGNRKVVATLGLPSHLGVIARHLHQTGRYAVQQLIYEHTLFPLY
APFVGKERRDEAIRLMEYQAQGAVHLMLGVAASRVKSDNRFRYCPDCVALQLNRYGEAFWQRDWYLPALPYCPKHGALVF
FDRAVDDHRHQFWALGHTELLSDYPKDSLSQLTALAAYIAPLLDAPRAQELSPSLEQWTLFYQRLAQDLGLTKSKHIRHD
LVAERVRQTFSDEALEKLDLKLAENKDTCWLKSIFRKHRKAFSYLQHSIVWQALLPKLTVIEALQQASALTEHSITTR
;
X
#
loop_
_chem_comp.id
_chem_comp.type
_chem_comp.name
_chem_comp.formula
ADP non-polymer ADENOSINE-5'-DIPHOSPHATE 'C10 H15 N5 O10 P2'
ATP non-polymer ADENOSINE-5'-TRIPHOSPHATE 'C10 H16 N5 O13 P3'
MG non-polymer 'MAGNESIUM ION' 'Mg 2'
ZN non-polymer 'ZINC ION' 'Zn 2'
#
# COMPACT_ATOMS: atom_id res chain seq x y z
N GLY A 2 11.73 -6.16 -16.76
CA GLY A 2 10.36 -5.70 -16.90
C GLY A 2 9.82 -5.84 -18.31
N ALA A 3 10.54 -5.26 -19.26
CA ALA A 3 10.18 -5.33 -20.67
C ALA A 3 11.31 -5.98 -21.45
N THR A 4 10.95 -6.84 -22.39
CA THR A 4 11.94 -7.56 -23.19
C THR A 4 12.72 -6.59 -24.07
N ARG A 5 14.03 -6.77 -24.12
CA ARG A 5 14.92 -5.91 -24.88
C ARG A 5 15.18 -6.52 -26.25
N ILE A 6 14.95 -5.72 -27.30
CA ILE A 6 15.01 -6.19 -28.68
C ILE A 6 16.18 -5.52 -29.38
N GLN A 7 17.02 -6.32 -30.03
CA GLN A 7 18.09 -5.77 -30.84
C GLN A 7 17.51 -5.04 -32.05
N ALA A 8 18.25 -4.05 -32.54
CA ALA A 8 17.77 -3.18 -33.62
C ALA A 8 18.36 -3.63 -34.95
N VAL A 9 17.53 -3.58 -36.00
CA VAL A 9 17.97 -3.81 -37.38
C VAL A 9 17.49 -2.64 -38.21
N TYR A 10 18.37 -2.12 -39.06
CA TYR A 10 18.12 -0.87 -39.77
C TYR A 10 17.54 -1.15 -41.16
N ARG A 11 16.40 -0.53 -41.45
CA ARG A 11 15.80 -0.57 -42.77
C ARG A 11 16.18 0.68 -43.54
N ASP A 12 15.54 0.88 -44.70
CA ASP A 12 15.83 2.03 -45.56
C ASP A 12 14.56 2.89 -45.66
N THR A 13 14.53 4.00 -44.94
CA THR A 13 13.42 4.92 -45.02
C THR A 13 13.54 5.78 -46.29
N GLY A 14 12.41 5.98 -46.96
CA GLY A 14 12.39 6.72 -48.21
C GLY A 14 12.25 8.21 -48.10
N VAL A 15 12.21 8.76 -46.89
CA VAL A 15 12.03 10.20 -46.68
C VAL A 15 13.39 10.86 -46.64
N GLU A 16 13.50 12.02 -47.31
CA GLU A 16 14.76 12.75 -47.34
C GLU A 16 15.13 13.25 -45.95
N ALA A 17 14.15 13.76 -45.21
CA ALA A 17 14.43 14.26 -43.86
C ALA A 17 14.86 13.13 -42.93
N TYR A 18 14.33 11.92 -43.14
CA TYR A 18 14.69 10.75 -42.34
C TYR A 18 15.90 10.03 -42.95
N ARG A 19 16.97 10.78 -43.17
CA ARG A 19 18.06 10.30 -44.03
C ARG A 19 18.78 9.11 -43.40
N ASP A 20 19.41 9.33 -42.25
CA ASP A 20 20.25 8.29 -41.65
C ASP A 20 19.98 8.09 -40.16
N ASN A 21 19.11 8.90 -39.55
CA ASN A 21 18.82 8.84 -38.12
C ASN A 21 18.47 7.42 -37.69
N PRO A 22 19.33 6.77 -36.91
CA PRO A 22 19.05 5.38 -36.49
C PRO A 22 17.79 5.24 -35.68
N PHE A 23 17.41 6.28 -34.93
CA PHE A 23 16.24 6.21 -34.07
C PHE A 23 14.98 5.98 -34.88
N ILE A 24 14.87 6.63 -36.04
CA ILE A 24 13.74 6.45 -36.93
C ILE A 24 14.09 5.51 -38.10
N GLU A 25 15.18 4.76 -37.98
CA GLU A 25 15.48 3.66 -38.90
C GLU A 25 15.33 2.30 -38.25
N ALA A 26 15.32 2.23 -36.92
CA ALA A 26 15.09 0.97 -36.22
C ALA A 26 13.62 0.75 -35.87
N LEU A 27 12.74 1.67 -36.21
CA LEU A 27 11.32 1.52 -35.92
C LEU A 27 10.64 0.67 -36.99
N PRO A 28 9.63 -0.12 -36.61
CA PRO A 28 8.88 -0.87 -37.61
C PRO A 28 8.15 0.06 -38.55
N PRO A 29 7.97 -0.34 -39.81
CA PRO A 29 7.34 0.55 -40.79
C PRO A 29 5.86 0.72 -40.52
N LEU A 30 5.34 1.86 -40.95
CA LEU A 30 3.90 2.10 -40.87
C LEU A 30 3.18 1.34 -41.98
N GLN A 31 2.04 0.75 -41.64
CA GLN A 31 1.26 -0.01 -42.60
C GLN A 31 0.38 0.94 -43.41
N GLU A 32 -0.50 0.38 -44.23
CA GLU A 32 -1.40 1.17 -45.06
C GLU A 32 -2.74 1.37 -44.36
N SER A 33 -3.58 2.19 -44.99
CA SER A 33 -4.91 2.45 -44.43
C SER A 33 -5.76 1.20 -44.41
N VAL A 34 -5.67 0.37 -45.45
CA VAL A 34 -6.48 -0.85 -45.51
C VAL A 34 -6.05 -1.86 -44.45
N ASN A 35 -4.76 -1.91 -44.10
CA ASN A 35 -4.27 -2.88 -43.13
C ASN A 35 -4.39 -2.42 -41.69
N SER A 36 -4.67 -1.13 -41.46
CA SER A 36 -4.83 -0.63 -40.10
C SER A 36 -6.14 -1.08 -39.47
N ALA A 37 -7.10 -1.52 -40.28
CA ALA A 37 -8.36 -2.03 -39.76
C ALA A 37 -8.33 -3.53 -39.51
N ALA A 38 -7.22 -4.19 -39.82
CA ALA A 38 -7.07 -5.61 -39.55
C ALA A 38 -5.80 -5.95 -38.80
N SER A 39 -4.91 -4.99 -38.56
CA SER A 39 -3.72 -5.22 -37.77
C SER A 39 -3.96 -5.08 -36.27
N LEU A 40 -5.13 -4.57 -35.87
CA LEU A 40 -5.47 -4.41 -34.46
C LEU A 40 -6.63 -5.28 -34.01
N LYS A 41 -7.42 -5.82 -34.93
CA LYS A 41 -8.60 -6.59 -34.56
C LYS A 41 -8.22 -7.85 -33.81
N SER A 42 -8.99 -8.17 -32.78
CA SER A 42 -8.80 -9.37 -31.99
C SER A 42 -10.16 -9.97 -31.65
N SER A 43 -10.17 -11.26 -31.34
CA SER A 43 -11.41 -11.94 -31.01
C SER A 43 -11.09 -13.21 -30.22
N LEU A 44 -12.10 -13.69 -29.50
CA LEU A 44 -11.98 -14.94 -28.77
C LEU A 44 -12.10 -16.12 -29.73
N GLN A 45 -11.40 -17.20 -29.41
CA GLN A 45 -11.38 -18.36 -30.29
C GLN A 45 -12.77 -18.98 -30.42
N LEU A 46 -13.40 -19.28 -29.29
CA LEU A 46 -14.78 -19.79 -29.24
C LEU A 46 -14.96 -21.01 -30.15
N THR A 47 -14.27 -22.08 -29.78
CA THR A 47 -14.39 -23.34 -30.49
C THR A 47 -15.84 -23.82 -30.48
N SER A 48 -16.30 -24.31 -31.63
CA SER A 48 -17.70 -24.75 -31.75
C SER A 48 -17.98 -26.00 -30.94
N SER A 49 -16.97 -26.68 -30.43
CA SER A 49 -17.15 -27.83 -29.55
C SER A 49 -17.24 -27.45 -28.08
N ASP A 50 -17.23 -26.15 -27.77
CA ASP A 50 -17.27 -25.67 -26.41
C ASP A 50 -18.70 -25.48 -25.89
N LEU A 51 -19.71 -25.75 -26.72
CA LEU A 51 -21.10 -25.59 -26.31
C LEU A 51 -21.65 -26.81 -25.58
N GLN A 52 -20.90 -27.92 -25.55
CA GLN A 52 -21.35 -29.15 -24.91
C GLN A 52 -20.77 -29.33 -23.51
N LYS A 53 -20.12 -28.31 -22.96
CA LYS A 53 -19.48 -28.44 -21.66
C LYS A 53 -20.42 -27.98 -20.53
N SER A 54 -20.01 -28.30 -19.30
CA SER A 54 -20.83 -28.05 -18.13
C SER A 54 -20.95 -26.55 -17.87
N ARG A 55 -21.96 -26.19 -17.08
CA ARG A 55 -22.29 -24.78 -16.88
C ARG A 55 -21.16 -24.03 -16.20
N VAL A 56 -20.54 -24.61 -15.18
CA VAL A 56 -19.52 -23.90 -14.42
C VAL A 56 -18.29 -23.64 -15.29
N ILE A 57 -17.87 -24.62 -16.09
CA ILE A 57 -16.72 -24.43 -16.97
C ILE A 57 -17.07 -23.48 -18.10
N ARG A 58 -18.26 -23.64 -18.69
CA ARG A 58 -18.66 -22.81 -19.81
C ARG A 58 -18.89 -21.36 -19.41
N ALA A 59 -19.19 -21.09 -18.13
CA ALA A 59 -19.43 -19.74 -17.67
C ALA A 59 -18.15 -19.00 -17.26
N HIS A 60 -17.02 -19.70 -17.18
CA HIS A 60 -15.76 -19.06 -16.86
C HIS A 60 -14.97 -18.65 -18.09
N THR A 61 -15.48 -18.94 -19.29
CA THR A 61 -14.91 -18.40 -20.51
C THR A 61 -15.71 -17.21 -21.06
N ILE A 62 -16.96 -17.04 -20.63
CA ILE A 62 -17.74 -15.89 -21.03
C ILE A 62 -17.17 -14.62 -20.43
N CYS A 63 -16.67 -14.70 -19.20
CA CYS A 63 -16.11 -13.54 -18.50
C CYS A 63 -14.82 -13.04 -19.13
N ARG A 64 -14.35 -13.66 -20.20
CA ARG A 64 -13.16 -13.20 -20.92
C ARG A 64 -13.50 -12.31 -22.11
N ILE A 65 -14.79 -12.08 -22.39
CA ILE A 65 -15.16 -11.26 -23.55
C ILE A 65 -14.67 -9.82 -23.42
N PRO A 66 -14.91 -9.10 -22.31
CA PRO A 66 -14.45 -7.71 -22.25
C PRO A 66 -12.95 -7.56 -22.41
N ASP A 67 -12.17 -8.51 -21.88
CA ASP A 67 -10.72 -8.40 -21.97
C ASP A 67 -10.19 -8.78 -23.35
N ASP A 68 -10.86 -9.67 -24.06
CA ASP A 68 -10.32 -10.20 -25.31
C ASP A 68 -11.24 -9.95 -26.50
N TYR A 69 -11.76 -8.73 -26.64
CA TYR A 69 -12.54 -8.39 -27.83
C TYR A 69 -12.26 -6.94 -28.18
N PHE A 70 -11.80 -6.72 -29.41
CA PHE A 70 -11.52 -5.37 -29.91
C PHE A 70 -11.95 -5.27 -31.37
N GLN A 71 -12.61 -4.17 -31.70
CA GLN A 71 -13.06 -3.90 -33.06
C GLN A 71 -12.61 -2.50 -33.44
N PRO A 72 -11.65 -2.36 -34.36
CA PRO A 72 -11.12 -1.02 -34.68
C PRO A 72 -12.13 -0.19 -35.45
N LEU A 73 -12.49 0.96 -34.90
CA LEU A 73 -13.46 1.86 -35.51
C LEU A 73 -12.78 2.73 -36.56
N GLY A 74 -13.48 3.76 -37.02
CA GLY A 74 -12.97 4.70 -38.00
C GLY A 74 -12.15 5.85 -37.45
N THR A 75 -11.89 5.86 -36.14
CA THR A 75 -11.05 6.88 -35.53
C THR A 75 -9.68 6.36 -35.12
N HIS A 76 -9.58 5.07 -34.82
CA HIS A 76 -8.30 4.48 -34.45
C HIS A 76 -7.28 4.62 -35.58
N LEU A 77 -7.73 4.62 -36.83
CA LEU A 77 -6.82 4.82 -37.95
C LEU A 77 -6.15 6.19 -37.88
N LEU A 78 -6.95 7.24 -37.70
CA LEU A 78 -6.40 8.60 -37.60
C LEU A 78 -5.51 8.72 -36.38
N LEU A 79 -5.92 8.15 -35.25
CA LEU A 79 -5.11 8.24 -34.04
C LEU A 79 -3.76 7.56 -34.24
N SER A 80 -3.76 6.37 -34.85
CA SER A 80 -2.50 5.66 -35.09
C SER A 80 -1.60 6.43 -36.06
N GLU A 81 -2.18 6.99 -37.12
CA GLU A 81 -1.39 7.78 -38.06
C GLU A 81 -0.75 8.98 -37.37
N ARG A 82 -1.53 9.69 -36.55
CA ARG A 82 -1.00 10.85 -35.85
C ARG A 82 0.08 10.47 -34.87
N ILE A 83 -0.11 9.35 -34.15
CA ILE A 83 0.91 8.90 -33.20
C ILE A 83 2.20 8.54 -33.93
N SER A 84 2.09 7.85 -35.07
CA SER A 84 3.29 7.51 -35.84
C SER A 84 3.99 8.76 -36.34
N VAL A 85 3.23 9.74 -36.82
CA VAL A 85 3.84 10.97 -37.34
C VAL A 85 4.57 11.70 -36.22
N MET A 86 3.94 11.83 -35.05
CA MET A 86 4.55 12.59 -33.98
C MET A 86 5.62 11.81 -33.22
N ILE A 87 5.71 10.49 -33.43
CA ILE A 87 6.81 9.73 -32.84
C ILE A 87 7.99 9.57 -33.81
N ARG A 88 7.77 9.73 -35.11
CA ARG A 88 8.88 9.70 -36.04
C ARG A 88 9.46 11.10 -36.30
N GLY A 89 8.62 12.12 -36.35
CA GLY A 89 9.09 13.47 -36.59
C GLY A 89 9.73 14.14 -35.40
N GLY A 90 9.66 13.53 -34.22
CA GLY A 90 10.31 14.06 -33.04
C GLY A 90 11.74 13.62 -32.83
N TYR A 91 12.29 12.83 -33.75
CA TYR A 91 13.65 12.35 -33.65
C TYR A 91 14.60 13.06 -34.61
N VAL A 92 14.09 13.91 -35.50
CA VAL A 92 14.96 14.60 -36.45
C VAL A 92 15.82 15.64 -35.76
N GLY A 93 15.39 16.14 -34.60
CA GLY A 93 16.17 17.09 -33.84
C GLY A 93 17.17 16.48 -32.87
N ARG A 94 17.26 15.15 -32.82
CA ARG A 94 18.14 14.45 -31.89
C ARG A 94 18.93 13.37 -32.62
N ASN A 95 19.48 13.72 -33.77
CA ASN A 95 20.28 12.78 -34.53
C ASN A 95 21.61 12.53 -33.83
N PRO A 96 21.92 11.30 -33.44
CA PRO A 96 23.20 11.05 -32.74
C PRO A 96 24.37 11.00 -33.70
N LYS A 97 24.09 10.67 -34.97
CA LYS A 97 25.18 10.50 -35.93
C LYS A 97 25.93 11.80 -36.16
N THR A 98 25.21 12.87 -36.48
CA THR A 98 25.86 14.16 -36.73
C THR A 98 25.88 15.03 -35.47
N GLY A 99 26.30 14.44 -34.36
CA GLY A 99 26.59 15.22 -33.15
C GLY A 99 25.49 16.15 -32.71
N ASP A 100 24.24 15.69 -32.71
CA ASP A 100 23.13 16.54 -32.31
C ASP A 100 22.46 16.10 -31.02
N LEU A 101 22.40 14.79 -30.74
CA LEU A 101 21.91 14.34 -29.44
C LEU A 101 22.83 14.79 -28.33
N GLN A 102 24.14 14.74 -28.56
CA GLN A 102 25.12 15.10 -27.54
C GLN A 102 25.07 16.59 -27.19
N LYS A 103 24.63 17.45 -28.12
CA LYS A 103 24.49 18.86 -27.80
C LYS A 103 23.32 19.09 -26.84
N HIS A 104 22.24 18.32 -27.00
CA HIS A 104 21.12 18.43 -26.08
C HIS A 104 21.52 18.01 -24.68
N LEU A 105 22.30 16.93 -24.57
CA LEU A 105 22.76 16.50 -23.25
C LEU A 105 23.73 17.50 -22.64
N GLN A 106 24.59 18.10 -23.46
CA GLN A 106 25.54 19.08 -22.95
C GLN A 106 24.82 20.34 -22.45
N ASN A 107 23.71 20.71 -23.10
CA ASN A 107 22.91 21.82 -22.60
C ASN A 107 22.15 21.45 -21.34
N GLY A 108 21.97 20.16 -21.07
CA GLY A 108 21.27 19.71 -19.88
C GLY A 108 22.08 19.78 -18.60
N TYR A 109 23.39 19.96 -18.69
CA TYR A 109 24.20 20.12 -17.49
C TYR A 109 24.02 21.48 -16.85
N GLU A 110 23.74 22.52 -17.65
CA GLU A 110 23.49 23.83 -17.08
C GLU A 110 22.25 23.82 -16.20
N ARG A 111 21.18 23.17 -16.65
CA ARG A 111 19.95 23.14 -15.88
C ARG A 111 20.14 22.38 -14.56
N VAL A 112 20.87 21.27 -14.60
CA VAL A 112 21.15 20.52 -13.38
C VAL A 112 22.18 21.22 -12.50
N GLN A 113 22.94 22.16 -13.05
CA GLN A 113 23.95 22.90 -12.30
C GLN A 113 23.48 24.28 -11.87
N THR A 114 22.81 25.02 -12.75
CA THR A 114 22.32 26.35 -12.45
C THR A 114 20.90 26.36 -11.90
N GLY A 115 20.02 25.53 -12.44
CA GLY A 115 18.64 25.48 -12.01
C GLY A 115 17.65 26.17 -12.94
N GLU A 116 18.13 26.96 -13.89
CA GLU A 116 17.27 27.64 -14.84
C GLU A 116 17.18 26.79 -16.10
N LEU A 117 15.95 26.41 -16.48
CA LEU A 117 15.75 25.49 -17.59
C LEU A 117 16.06 26.11 -18.95
N GLU A 118 15.81 27.42 -19.12
CA GLU A 118 15.97 28.07 -20.40
C GLU A 118 17.39 28.56 -20.65
N THR A 119 18.37 27.99 -19.95
CA THR A 119 19.77 28.38 -20.13
C THR A 119 20.34 27.61 -21.31
N PHE A 120 20.29 28.23 -22.49
CA PHE A 120 20.89 27.63 -23.67
C PHE A 120 22.40 27.77 -23.64
N ARG A 121 23.09 26.68 -23.95
CA ARG A 121 24.54 26.69 -24.13
C ARG A 121 24.94 26.64 -25.60
N PHE A 122 24.23 25.86 -26.41
CA PHE A 122 24.39 25.85 -27.85
C PHE A 122 23.13 26.40 -28.50
N GLU A 123 23.29 27.39 -29.36
CA GLU A 123 22.16 27.98 -30.06
C GLU A 123 21.75 27.21 -31.30
N GLU A 124 22.49 26.15 -31.65
CA GLU A 124 22.20 25.35 -32.84
C GLU A 124 21.53 24.03 -32.50
N ALA A 125 20.88 23.94 -31.34
CA ALA A 125 20.15 22.75 -30.93
C ALA A 125 18.67 23.10 -30.90
N ARG A 126 17.92 22.58 -31.87
CA ARG A 126 16.51 22.89 -32.03
C ARG A 126 15.64 21.83 -31.35
N SER A 127 14.34 22.13 -31.27
CA SER A 127 13.36 21.22 -30.71
C SER A 127 12.17 21.14 -31.65
N THR A 128 11.74 19.92 -31.99
CA THR A 128 10.63 19.69 -32.90
C THR A 128 9.75 18.55 -32.39
N ALA A 129 9.45 18.58 -31.09
CA ALA A 129 8.79 17.43 -30.47
C ALA A 129 7.33 17.33 -30.87
N GLN A 130 6.61 18.45 -30.86
CA GLN A 130 5.17 18.52 -31.13
C GLN A 130 4.36 17.80 -30.05
N SER A 131 3.12 18.24 -29.83
CA SER A 131 2.32 17.76 -28.71
C SER A 131 0.91 17.42 -29.17
N LEU A 132 0.27 16.52 -28.42
CA LEU A 132 -1.06 16.04 -28.73
C LEU A 132 -1.90 15.99 -27.45
N LEU A 133 -3.21 16.13 -27.61
CA LEU A 133 -4.16 16.07 -26.50
C LEU A 133 -5.28 15.12 -26.88
N LEU A 134 -5.69 14.29 -25.93
CA LEU A 134 -6.69 13.24 -26.17
C LEU A 134 -7.78 13.34 -25.11
N ILE A 135 -8.99 13.70 -25.54
CA ILE A 135 -10.11 13.90 -24.64
C ILE A 135 -11.30 13.09 -25.16
N GLY A 136 -11.91 12.30 -24.26
CA GLY A 136 -13.10 11.55 -24.60
C GLY A 136 -13.81 11.10 -23.35
N CYS A 137 -15.11 10.83 -23.49
CA CYS A 137 -15.93 10.43 -22.35
C CYS A 137 -15.39 9.14 -21.75
N SER A 138 -15.53 9.02 -20.42
CA SER A 138 -14.99 7.86 -19.73
C SER A 138 -15.70 6.59 -20.16
N GLY A 139 -14.94 5.51 -20.28
CA GLY A 139 -15.48 4.25 -20.77
C GLY A 139 -15.50 4.12 -22.28
N SER A 140 -14.92 5.07 -23.01
CA SER A 140 -14.92 5.03 -24.47
C SER A 140 -13.68 4.37 -25.05
N GLY A 141 -12.74 3.95 -24.21
CA GLY A 141 -11.58 3.22 -24.70
C GLY A 141 -10.39 4.09 -25.07
N LYS A 142 -10.03 5.02 -24.18
CA LYS A 142 -8.84 5.83 -24.43
C LYS A 142 -7.57 5.05 -24.13
N THR A 143 -7.60 4.15 -23.15
CA THR A 143 -6.41 3.38 -22.78
C THR A 143 -6.34 2.05 -23.50
N THR A 144 -7.48 1.40 -23.74
CA THR A 144 -7.46 0.12 -24.44
C THR A 144 -7.12 0.29 -25.92
N SER A 145 -7.46 1.44 -26.51
CA SER A 145 -7.02 1.71 -27.86
C SER A 145 -5.54 2.03 -27.91
N LEU A 146 -5.04 2.75 -26.91
CA LEU A 146 -3.62 3.10 -26.89
C LEU A 146 -2.73 1.89 -26.66
N HIS A 147 -3.14 0.99 -25.76
CA HIS A 147 -2.35 -0.21 -25.50
C HIS A 147 -2.36 -1.17 -26.68
N ARG A 148 -3.25 -1.00 -27.64
CA ARG A 148 -3.23 -1.79 -28.86
C ARG A 148 -2.60 -1.09 -30.04
N ILE A 149 -2.59 0.24 -30.04
CA ILE A 149 -1.91 1.00 -31.08
C ILE A 149 -0.41 1.05 -30.84
N LEU A 150 0.01 1.32 -29.60
CA LEU A 150 1.43 1.34 -29.27
C LEU A 150 2.01 -0.07 -29.11
N ALA A 151 1.17 -1.11 -29.15
CA ALA A 151 1.66 -2.46 -29.02
C ALA A 151 2.48 -2.92 -30.22
N THR A 152 2.46 -2.17 -31.31
CA THR A 152 3.23 -2.53 -32.50
C THR A 152 4.68 -2.04 -32.45
N TYR A 153 5.07 -1.34 -31.37
CA TYR A 153 6.42 -0.83 -31.20
C TYR A 153 7.14 -1.58 -30.08
N PRO A 154 8.43 -1.86 -30.25
CA PRO A 154 9.14 -2.72 -29.30
C PRO A 154 9.50 -2.08 -27.97
N GLN A 155 9.02 -0.87 -27.70
CA GLN A 155 9.40 -0.11 -26.50
C GLN A 155 10.92 -0.01 -26.38
N VAL A 156 11.54 -0.88 -25.58
CA VAL A 156 12.97 -0.79 -25.31
C VAL A 156 13.71 -1.47 -26.45
N ILE A 157 14.39 -0.67 -27.28
CA ILE A 157 15.24 -1.18 -28.35
C ILE A 157 16.68 -0.81 -28.02
N TYR A 158 17.57 -1.79 -28.10
CA TYR A 158 18.98 -1.57 -27.80
C TYR A 158 19.78 -1.49 -29.10
N HIS A 159 20.54 -0.42 -29.25
CA HIS A 159 21.44 -0.23 -30.38
C HIS A 159 22.83 -0.74 -30.00
N ARG A 160 23.45 -1.53 -30.88
CA ARG A 160 24.76 -2.07 -30.58
C ARG A 160 25.90 -1.23 -31.14
N GLU A 161 25.68 -0.54 -32.27
CA GLU A 161 26.72 0.36 -32.77
C GLU A 161 26.97 1.51 -31.80
N LEU A 162 25.90 2.06 -31.23
CA LEU A 162 26.00 2.95 -30.08
C LEU A 162 25.85 2.11 -28.82
N ASN A 163 25.67 2.77 -27.68
CA ASN A 163 25.37 2.09 -26.42
C ASN A 163 24.12 2.67 -25.76
N VAL A 164 23.16 3.09 -26.57
CA VAL A 164 21.96 3.77 -26.10
C VAL A 164 20.79 2.81 -26.14
N GLU A 165 20.04 2.73 -25.05
CA GLU A 165 18.81 1.96 -24.97
C GLU A 165 17.65 2.90 -25.27
N GLN A 166 17.07 2.78 -26.47
CA GLN A 166 16.03 3.70 -26.91
C GLN A 166 14.68 3.22 -26.37
N VAL A 167 14.14 3.95 -25.40
CA VAL A 167 12.80 3.69 -24.89
C VAL A 167 11.82 4.39 -25.84
N VAL A 168 11.11 3.59 -26.65
CA VAL A 168 10.25 4.18 -27.68
C VAL A 168 9.13 4.99 -27.05
N TYR A 169 8.47 4.43 -26.03
CA TYR A 169 7.38 5.11 -25.35
C TYR A 169 7.40 4.76 -23.87
N LEU A 170 6.83 5.67 -23.08
CA LEU A 170 6.71 5.48 -21.64
C LEU A 170 5.32 5.95 -21.21
N LYS A 171 4.70 5.19 -20.32
CA LYS A 171 3.35 5.49 -19.85
C LYS A 171 3.37 5.64 -18.34
N ILE A 172 3.01 6.83 -17.86
CA ILE A 172 2.89 7.13 -16.44
C ILE A 172 1.53 7.76 -16.20
N ASP A 173 1.25 8.06 -14.94
CA ASP A 173 0.00 8.75 -14.58
C ASP A 173 0.26 9.69 -13.42
N CYS A 174 -0.56 10.74 -13.34
CA CYS A 174 -0.39 11.76 -12.32
C CYS A 174 -0.76 11.20 -10.95
N SER A 175 -0.41 11.97 -9.91
CA SER A 175 -0.77 11.60 -8.55
C SER A 175 -2.23 11.95 -8.28
N HIS A 176 -2.78 11.31 -7.24
CA HIS A 176 -4.18 11.56 -6.89
C HIS A 176 -4.42 13.01 -6.51
N ASN A 177 -3.41 13.67 -5.93
CA ASN A 177 -3.42 15.10 -5.71
C ASN A 177 -2.59 15.78 -6.79
N GLY A 178 -2.70 17.11 -6.86
CA GLY A 178 -1.91 17.87 -7.80
C GLY A 178 -0.46 17.97 -7.37
N SER A 179 0.22 16.83 -7.34
CA SER A 179 1.57 16.78 -6.81
C SER A 179 2.56 17.49 -7.72
N LEU A 180 3.67 17.91 -7.13
CA LEU A 180 4.77 18.53 -7.86
C LEU A 180 6.01 17.66 -7.94
N LYS A 181 6.27 16.85 -6.90
CA LYS A 181 7.41 15.97 -6.83
C LYS A 181 7.07 14.52 -7.07
N GLU A 182 5.84 14.11 -6.76
CA GLU A 182 5.45 12.73 -7.01
C GLU A 182 5.34 12.41 -8.49
N ILE A 183 5.10 13.40 -9.34
CA ILE A 183 5.14 13.15 -10.79
C ILE A 183 6.56 12.81 -11.22
N CYS A 184 7.54 13.59 -10.75
CA CYS A 184 8.93 13.32 -11.08
C CYS A 184 9.41 12.02 -10.46
N LEU A 185 8.83 11.60 -9.35
CA LEU A 185 9.16 10.30 -8.78
C LEU A 185 8.50 9.15 -9.54
N ASN A 186 7.26 9.36 -10.00
CA ASN A 186 6.57 8.36 -10.80
C ASN A 186 7.26 8.13 -12.13
N PHE A 187 7.84 9.19 -12.70
CA PHE A 187 8.62 9.02 -13.92
C PHE A 187 9.76 8.02 -13.70
N PHE A 188 10.52 8.21 -12.62
CA PHE A 188 11.61 7.29 -12.32
C PHE A 188 11.08 5.89 -12.02
N ARG A 189 9.96 5.81 -11.30
CA ARG A 189 9.39 4.51 -10.92
C ARG A 189 8.91 3.72 -12.13
N ALA A 190 8.35 4.40 -13.12
CA ALA A 190 7.98 3.74 -14.37
C ALA A 190 9.18 3.47 -15.25
N LEU A 191 10.22 4.29 -15.17
CA LEU A 191 11.38 4.11 -16.03
C LEU A 191 12.22 2.91 -15.60
N ASP A 192 12.45 2.73 -14.29
CA ASP A 192 13.32 1.62 -13.89
C ASP A 192 12.59 0.29 -14.00
N ARG A 193 11.27 0.29 -13.84
CA ARG A 193 10.51 -0.95 -13.99
C ARG A 193 10.58 -1.49 -15.41
N ALA A 194 10.49 -0.60 -16.40
CA ALA A 194 10.60 -0.99 -17.80
C ALA A 194 12.04 -1.31 -18.21
N LEU A 195 13.02 -1.00 -17.36
CA LEU A 195 14.41 -1.26 -17.66
C LEU A 195 15.10 -2.19 -16.66
N GLY A 196 14.48 -2.48 -15.52
CA GLY A 196 15.12 -3.31 -14.52
C GLY A 196 16.32 -2.67 -13.87
N SER A 197 16.25 -1.37 -13.57
CA SER A 197 17.32 -0.61 -12.96
C SER A 197 16.83 -0.02 -11.64
N ASN A 198 17.66 0.85 -11.05
CA ASN A 198 17.32 1.57 -9.83
C ASN A 198 17.55 3.09 -9.97
N TYR A 199 16.53 3.77 -10.48
CA TYR A 199 16.54 5.22 -10.62
C TYR A 199 15.81 5.93 -9.50
N GLU A 200 14.75 5.33 -8.96
CA GLU A 200 13.99 5.96 -7.89
C GLU A 200 14.87 6.14 -6.65
N ARG A 201 15.69 5.14 -6.32
CA ARG A 201 16.57 5.26 -5.16
C ARG A 201 17.69 6.26 -5.43
N ARG A 202 18.26 6.24 -6.64
CA ARG A 202 19.41 7.10 -6.92
C ARG A 202 19.01 8.58 -6.98
N TYR A 203 17.85 8.87 -7.55
CA TYR A 203 17.33 10.24 -7.63
C TYR A 203 16.09 10.33 -6.75
N GLY A 204 16.20 11.09 -5.66
CA GLY A 204 15.07 11.25 -4.75
C GLY A 204 15.43 10.99 -3.30
N LEU A 205 16.29 10.00 -3.07
CA LEU A 205 16.74 9.70 -1.71
C LEU A 205 17.66 10.78 -1.17
N LYS A 206 18.21 11.64 -2.03
CA LYS A 206 19.10 12.70 -1.60
C LYS A 206 18.36 13.95 -1.13
N ARG A 207 17.03 13.94 -1.15
CA ARG A 207 16.22 15.08 -0.72
C ARG A 207 16.53 16.34 -1.53
N HIS A 208 16.26 16.23 -2.84
CA HIS A 208 16.52 17.34 -3.75
C HIS A 208 15.36 18.33 -3.75
N GLY A 209 15.62 19.51 -4.31
CA GLY A 209 14.58 20.50 -4.48
C GLY A 209 13.65 20.17 -5.64
N ILE A 210 12.60 20.97 -5.77
CA ILE A 210 11.62 20.73 -6.82
C ILE A 210 12.19 21.02 -8.20
N GLU A 211 12.91 22.15 -8.33
CA GLU A 211 13.47 22.52 -9.62
C GLU A 211 14.65 21.62 -9.99
N THR A 212 15.47 21.27 -9.00
CA THR A 212 16.57 20.34 -9.26
C THR A 212 16.04 18.99 -9.70
N MET A 213 14.95 18.52 -9.08
CA MET A 213 14.34 17.26 -9.51
C MET A 213 13.74 17.39 -10.90
N LEU A 214 13.15 18.54 -11.21
CA LEU A 214 12.67 18.78 -12.57
C LEU A 214 13.80 18.67 -13.59
N ALA A 215 14.98 19.18 -13.27
CA ALA A 215 16.13 19.05 -14.16
C ALA A 215 16.66 17.62 -14.25
N LEU A 216 16.75 16.92 -13.12
CA LEU A 216 17.21 15.54 -13.13
C LEU A 216 16.30 14.66 -13.96
N MET A 217 14.98 14.84 -13.85
CA MET A 217 14.06 14.01 -14.61
C MET A 217 14.26 14.20 -16.11
N SER A 218 14.33 15.44 -16.56
CA SER A 218 14.48 15.75 -17.97
C SER A 218 15.85 15.41 -18.51
N GLN A 219 16.88 15.35 -17.67
CA GLN A 219 18.19 14.92 -18.17
C GLN A 219 18.23 13.43 -18.45
N ILE A 220 17.62 12.62 -17.59
CA ILE A 220 17.55 11.18 -17.84
C ILE A 220 16.49 10.86 -18.88
N ALA A 221 15.54 11.77 -19.12
CA ALA A 221 14.61 11.59 -20.23
C ALA A 221 15.27 11.78 -21.58
N ASN A 222 16.49 12.32 -21.63
CA ASN A 222 17.24 12.44 -22.87
C ASN A 222 18.50 11.58 -22.89
N ALA A 223 18.99 11.13 -21.73
CA ALA A 223 20.07 10.15 -21.72
C ALA A 223 19.64 8.88 -22.42
N HIS A 224 18.42 8.41 -22.14
CA HIS A 224 17.74 7.44 -22.97
C HIS A 224 16.87 8.20 -23.96
N ALA A 225 16.99 7.88 -25.25
CA ALA A 225 16.31 8.65 -26.26
C ALA A 225 14.81 8.38 -26.25
N LEU A 226 14.13 8.84 -25.21
CA LEU A 226 12.69 8.62 -25.10
C LEU A 226 11.98 9.31 -26.26
N GLY A 227 11.05 8.59 -26.89
CA GLY A 227 10.40 9.10 -28.09
C GLY A 227 9.03 9.69 -27.85
N LEU A 228 8.26 9.10 -26.94
CA LEU A 228 6.91 9.54 -26.66
C LEU A 228 6.62 9.35 -25.18
N LEU A 229 6.17 10.42 -24.52
CA LEU A 229 5.80 10.38 -23.12
C LEU A 229 4.28 10.50 -23.02
N VAL A 230 3.65 9.50 -22.43
CA VAL A 230 2.19 9.43 -22.30
C VAL A 230 1.84 9.48 -20.82
N ILE A 231 1.05 10.48 -20.44
CA ILE A 231 0.59 10.65 -19.07
C ILE A 231 -0.91 10.39 -19.03
N ASP A 232 -1.32 9.46 -18.17
CA ASP A 232 -2.71 9.00 -18.13
C ASP A 232 -3.48 9.72 -17.04
N GLU A 233 -4.76 9.99 -17.33
CA GLU A 233 -5.69 10.59 -16.37
C GLU A 233 -5.18 11.95 -15.88
N ILE A 234 -5.09 12.87 -16.85
CA ILE A 234 -4.62 14.22 -16.56
C ILE A 234 -5.58 15.02 -15.70
N GLN A 235 -6.81 14.54 -15.52
CA GLN A 235 -7.77 15.26 -14.68
C GLN A 235 -7.41 15.22 -13.20
N HIS A 236 -6.42 14.41 -12.81
CA HIS A 236 -6.02 14.34 -11.41
C HIS A 236 -5.48 15.68 -10.93
N LEU A 237 -4.73 16.38 -11.77
CA LEU A 237 -4.08 17.62 -11.35
C LEU A 237 -5.06 18.76 -11.11
N SER A 238 -6.34 18.59 -11.47
CA SER A 238 -7.33 19.63 -11.23
C SER A 238 -7.57 19.85 -9.74
N ARG A 239 -7.15 18.92 -8.88
CA ARG A 239 -7.30 19.04 -7.43
C ARG A 239 -6.00 19.49 -6.76
N SER A 240 -5.23 20.34 -7.42
CA SER A 240 -3.91 20.72 -6.94
C SER A 240 -4.01 21.76 -5.83
N ARG A 241 -2.84 22.14 -5.30
CA ARG A 241 -2.74 23.21 -4.32
C ARG A 241 -2.78 24.55 -5.05
N SER A 242 -2.46 25.63 -4.35
CA SER A 242 -2.36 26.95 -4.97
C SER A 242 -1.15 26.98 -5.89
N GLY A 243 -1.38 27.17 -7.19
CA GLY A 243 -0.32 27.20 -8.16
C GLY A 243 0.01 25.87 -8.79
N GLY A 244 -0.57 24.76 -8.31
CA GLY A 244 -0.31 23.46 -8.89
C GLY A 244 -1.03 23.22 -10.21
N SER A 245 -2.08 23.98 -10.50
CA SER A 245 -2.84 23.83 -11.72
C SER A 245 -2.25 24.60 -12.89
N GLN A 246 -1.15 25.31 -12.69
CA GLN A 246 -0.47 26.06 -13.74
C GLN A 246 1.01 25.74 -13.87
N GLU A 247 1.68 25.37 -12.78
CA GLU A 247 3.11 25.11 -12.84
C GLU A 247 3.41 23.94 -13.79
N MET A 248 2.67 22.84 -13.65
CA MET A 248 2.92 21.71 -14.53
C MET A 248 2.32 21.92 -15.92
N LEU A 249 1.28 22.76 -16.05
CA LEU A 249 0.83 23.12 -17.39
C LEU A 249 1.91 23.90 -18.14
N ASN A 250 2.70 24.70 -17.43
CA ASN A 250 3.83 25.37 -18.07
C ASN A 250 5.01 24.41 -18.27
N PHE A 251 5.20 23.49 -17.34
CA PHE A 251 6.32 22.54 -17.47
C PHE A 251 6.11 21.58 -18.63
N PHE A 252 4.87 21.18 -18.89
CA PHE A 252 4.58 20.27 -19.99
C PHE A 252 4.60 20.98 -21.34
N VAL A 253 4.53 22.31 -21.36
CA VAL A 253 4.69 23.05 -22.61
C VAL A 253 6.10 23.60 -22.77
N THR A 254 6.95 23.49 -21.74
CA THR A 254 8.37 23.77 -21.92
C THR A 254 9.18 22.50 -22.15
N MET A 255 8.63 21.33 -21.85
CA MET A 255 9.32 20.08 -22.16
C MET A 255 9.20 19.76 -23.65
N VAL A 256 8.06 20.08 -24.24
CA VAL A 256 7.83 19.77 -25.65
C VAL A 256 8.40 20.83 -26.58
N ASN A 257 8.59 22.06 -26.09
CA ASN A 257 9.01 23.16 -26.94
C ASN A 257 10.51 23.44 -26.89
N ILE A 258 11.18 23.10 -25.79
CA ILE A 258 12.61 23.38 -25.61
C ILE A 258 13.42 22.10 -25.51
N ILE A 259 13.00 21.19 -24.62
CA ILE A 259 13.79 19.99 -24.34
C ILE A 259 13.76 19.04 -25.52
N GLY A 260 12.61 18.89 -26.16
CA GLY A 260 12.51 18.13 -27.40
C GLY A 260 11.87 16.76 -27.31
N VAL A 261 11.27 16.40 -26.18
CA VAL A 261 10.63 15.09 -26.00
C VAL A 261 9.13 15.28 -26.23
N PRO A 262 8.54 14.62 -27.22
CA PRO A 262 7.09 14.76 -27.44
C PRO A 262 6.31 14.21 -26.26
N VAL A 263 5.14 14.79 -26.02
CA VAL A 263 4.28 14.43 -24.90
C VAL A 263 2.85 14.29 -25.39
N MET A 264 2.15 13.29 -24.86
CA MET A 264 0.74 13.08 -25.13
C MET A 264 0.00 12.94 -23.81
N LEU A 265 -1.11 13.64 -23.66
CA LEU A 265 -1.87 13.67 -22.43
C LEU A 265 -3.27 13.12 -22.65
N ILE A 266 -3.68 12.19 -21.80
CA ILE A 266 -5.00 11.56 -21.88
C ILE A 266 -5.80 11.98 -20.66
N GLY A 267 -7.02 12.47 -20.87
CA GLY A 267 -7.85 12.89 -19.78
C GLY A 267 -9.30 13.01 -20.17
N THR A 268 -10.17 12.88 -19.18
CA THR A 268 -11.60 13.02 -19.38
C THR A 268 -11.96 14.48 -19.66
N PRO A 269 -13.14 14.74 -20.23
CA PRO A 269 -13.52 16.12 -20.55
C PRO A 269 -13.54 17.08 -19.36
N LYS A 270 -13.29 16.57 -18.15
CA LYS A 270 -13.21 17.44 -16.99
C LYS A 270 -11.93 18.28 -16.97
N ALA A 271 -10.97 18.01 -17.84
CA ALA A 271 -9.74 18.76 -17.91
C ALA A 271 -9.78 19.91 -18.91
N ARG A 272 -10.92 20.11 -19.59
CA ARG A 272 -11.02 21.24 -20.53
C ARG A 272 -10.93 22.57 -19.79
N GLU A 273 -11.49 22.66 -18.59
CA GLU A 273 -11.37 23.88 -17.79
C GLU A 273 -9.91 24.15 -17.46
N ILE A 274 -9.16 23.12 -17.11
CA ILE A 274 -7.74 23.29 -16.82
C ILE A 274 -6.99 23.74 -18.07
N PHE A 275 -7.27 23.13 -19.21
CA PHE A 275 -6.50 23.36 -20.42
C PHE A 275 -7.00 24.54 -21.25
N GLU A 276 -8.04 25.24 -20.78
CA GLU A 276 -8.49 26.47 -21.44
C GLU A 276 -8.10 27.71 -20.65
N ALA A 277 -7.12 27.58 -19.74
CA ALA A 277 -6.76 28.70 -18.88
C ALA A 277 -6.24 29.88 -19.69
N ASP A 278 -5.40 29.63 -20.69
CA ASP A 278 -4.84 30.69 -21.52
C ASP A 278 -4.54 30.14 -22.89
N LEU A 279 -4.63 31.03 -23.89
CA LEU A 279 -4.33 30.62 -25.27
C LEU A 279 -2.86 30.19 -25.41
N ARG A 280 -1.95 30.93 -24.79
CA ARG A 280 -0.54 30.55 -24.82
C ARG A 280 -0.26 29.31 -23.99
N SER A 281 -1.12 29.00 -23.02
CA SER A 281 -0.99 27.78 -22.24
C SER A 281 -1.76 26.61 -22.83
N ALA A 282 -2.57 26.85 -23.87
CA ALA A 282 -3.36 25.80 -24.51
C ALA A 282 -2.80 25.40 -25.87
N ARG A 283 -2.63 26.36 -26.77
CA ARG A 283 -2.19 26.04 -28.13
C ARG A 283 -0.79 25.45 -28.14
N ARG A 284 0.10 25.95 -27.28
CA ARG A 284 1.44 25.38 -27.19
C ARG A 284 1.40 23.96 -26.67
N GLY A 285 0.53 23.69 -25.71
CA GLY A 285 0.32 22.34 -25.20
C GLY A 285 -0.63 21.48 -26.01
N ALA A 286 -1.24 22.05 -27.04
CA ALA A 286 -2.15 21.37 -27.95
C ALA A 286 -1.82 21.72 -29.40
N GLY A 287 -0.54 21.58 -29.75
CA GLY A 287 -0.10 21.98 -31.08
C GLY A 287 -0.87 21.29 -32.19
N PHE A 288 -1.07 19.98 -32.05
CA PHE A 288 -1.95 19.27 -32.99
C PHE A 288 -3.42 19.57 -32.74
N GLY A 289 -3.75 20.23 -31.64
CA GLY A 289 -5.12 20.42 -31.24
C GLY A 289 -5.55 19.41 -30.21
N ALA A 290 -6.87 19.24 -30.09
CA ALA A 290 -7.46 18.28 -29.19
C ALA A 290 -8.28 17.28 -30.01
N ILE A 291 -8.09 16.00 -29.74
CA ILE A 291 -8.84 14.94 -30.38
C ILE A 291 -10.05 14.63 -29.51
N PHE A 292 -11.24 14.95 -30.00
CA PHE A 292 -12.47 14.76 -29.25
C PHE A 292 -13.12 13.45 -29.65
N TRP A 293 -13.50 12.65 -28.66
CA TRP A 293 -14.10 11.35 -28.87
C TRP A 293 -15.53 11.35 -28.34
N ASP A 294 -16.45 10.82 -29.13
CA ASP A 294 -17.87 10.80 -28.81
C ASP A 294 -18.41 9.38 -28.93
N PRO A 295 -19.48 9.06 -28.22
CA PRO A 295 -20.08 7.73 -28.33
C PRO A 295 -20.67 7.49 -29.72
N ILE A 296 -20.74 6.20 -30.08
CA ILE A 296 -21.26 5.82 -31.39
C ILE A 296 -22.69 6.29 -31.54
N GLN A 297 -23.01 6.86 -32.70
CA GLN A 297 -24.34 7.34 -33.01
C GLN A 297 -25.06 6.33 -33.89
N GLN A 298 -26.36 6.12 -33.60
CA GLN A 298 -27.13 5.14 -34.35
C GLN A 298 -27.26 5.52 -35.81
N THR A 299 -27.63 6.76 -36.09
CA THR A 299 -27.89 7.23 -37.44
C THR A 299 -27.05 8.46 -37.73
N GLN A 300 -26.35 8.46 -38.86
CA GLN A 300 -25.50 9.57 -39.27
C GLN A 300 -26.04 10.34 -40.46
N ARG A 301 -26.34 9.64 -41.57
CA ARG A 301 -26.79 10.28 -42.80
C ARG A 301 -28.17 9.77 -43.19
N GLY A 302 -29.06 9.65 -42.21
CA GLY A 302 -30.40 9.15 -42.46
C GLY A 302 -30.50 7.65 -42.59
N LYS A 303 -29.40 6.94 -42.43
CA LYS A 303 -29.33 5.49 -42.53
C LYS A 303 -28.58 4.95 -41.32
N PRO A 304 -28.80 3.68 -40.97
CA PRO A 304 -28.10 3.11 -39.81
C PRO A 304 -26.59 3.17 -40.00
N ASN A 305 -25.89 3.48 -38.91
CA ASN A 305 -24.44 3.60 -38.95
C ASN A 305 -23.81 2.24 -39.20
N GLN A 306 -22.89 2.18 -40.17
CA GLN A 306 -22.17 0.94 -40.44
C GLN A 306 -21.26 0.56 -39.28
N GLU A 307 -20.79 1.54 -38.52
CA GLU A 307 -19.93 1.24 -37.38
C GLU A 307 -20.69 0.49 -36.29
N TRP A 308 -21.86 1.01 -35.92
CA TRP A 308 -22.66 0.37 -34.87
C TRP A 308 -23.10 -1.03 -35.29
N ILE A 309 -23.54 -1.17 -36.53
CA ILE A 309 -23.97 -2.49 -37.01
C ILE A 309 -22.81 -3.46 -37.05
N ALA A 310 -21.67 -3.02 -37.60
CA ALA A 310 -20.51 -3.90 -37.67
C ALA A 310 -19.94 -4.24 -36.31
N PHE A 311 -20.23 -3.42 -35.29
CA PHE A 311 -19.82 -3.76 -33.93
C PHE A 311 -20.78 -4.76 -33.30
N THR A 312 -22.08 -4.45 -33.33
CA THR A 312 -23.07 -5.28 -32.65
C THR A 312 -23.19 -6.66 -33.30
N ASP A 313 -23.35 -6.70 -34.63
CA ASP A 313 -23.52 -7.97 -35.32
C ASP A 313 -22.27 -8.84 -35.22
N ASN A 314 -21.10 -8.23 -35.11
CA ASN A 314 -19.88 -9.01 -34.91
C ASN A 314 -19.78 -9.53 -33.49
N LEU A 315 -20.18 -8.73 -32.50
CA LEU A 315 -20.16 -9.20 -31.11
C LEU A 315 -21.18 -10.31 -30.88
N TRP A 316 -22.28 -10.31 -31.64
CA TRP A 316 -23.37 -11.25 -31.41
C TRP A 316 -22.97 -12.70 -31.62
N GLN A 317 -21.85 -12.96 -32.31
CA GLN A 317 -21.43 -14.33 -32.63
C GLN A 317 -20.47 -14.90 -31.59
N LEU A 318 -20.51 -14.40 -30.36
CA LEU A 318 -19.68 -14.91 -29.27
C LEU A 318 -20.55 -15.44 -28.13
N GLN A 319 -21.62 -16.14 -28.48
CA GLN A 319 -22.61 -16.60 -27.53
C GLN A 319 -22.36 -18.06 -27.18
N LEU A 320 -22.17 -18.34 -25.90
CA LEU A 320 -22.08 -19.71 -25.40
C LEU A 320 -23.43 -20.16 -24.82
N LEU A 321 -24.43 -20.21 -25.70
CA LEU A 321 -25.78 -20.62 -25.34
C LEU A 321 -26.19 -21.79 -26.23
N GLN A 322 -26.71 -22.84 -25.60
CA GLN A 322 -27.14 -24.01 -26.36
C GLN A 322 -28.37 -23.73 -27.21
N ARG A 323 -29.11 -22.67 -26.91
CA ARG A 323 -30.29 -22.31 -27.70
C ARG A 323 -30.11 -20.89 -28.22
N LYS A 324 -28.94 -20.62 -28.79
CA LYS A 324 -28.64 -19.29 -29.29
C LYS A 324 -29.43 -19.00 -30.56
N ASP A 325 -29.48 -17.71 -30.93
CA ASP A 325 -30.20 -17.26 -32.11
C ASP A 325 -29.22 -17.12 -33.27
N ALA A 326 -29.60 -17.66 -34.43
CA ALA A 326 -28.75 -17.55 -35.61
C ALA A 326 -28.62 -16.09 -36.06
N LEU A 327 -29.72 -15.35 -36.05
CA LEU A 327 -29.74 -13.97 -36.51
C LEU A 327 -30.10 -13.03 -35.36
N LEU A 328 -29.71 -11.77 -35.51
CA LEU A 328 -29.97 -10.74 -34.52
C LEU A 328 -31.13 -9.88 -35.01
N SER A 329 -32.25 -9.93 -34.29
CA SER A 329 -33.41 -9.14 -34.66
C SER A 329 -33.18 -7.66 -34.34
N ASP A 330 -33.83 -6.80 -35.10
CA ASP A 330 -33.64 -5.36 -34.92
C ASP A 330 -34.11 -4.89 -33.55
N GLU A 331 -35.08 -5.60 -32.95
CA GLU A 331 -35.56 -5.21 -31.62
C GLU A 331 -34.47 -5.39 -30.57
N VAL A 332 -33.71 -6.48 -30.65
CA VAL A 332 -32.62 -6.70 -29.71
C VAL A 332 -31.56 -5.62 -29.85
N ARG A 333 -31.22 -5.27 -31.10
CA ARG A 333 -30.25 -4.21 -31.33
C ARG A 333 -30.75 -2.88 -30.79
N ASP A 334 -32.03 -2.57 -31.00
CA ASP A 334 -32.59 -1.32 -30.53
C ASP A 334 -32.55 -1.22 -29.02
N VAL A 335 -32.96 -2.28 -28.32
CA VAL A 335 -32.92 -2.24 -26.85
C VAL A 335 -31.48 -2.22 -26.36
N TRP A 336 -30.57 -2.91 -27.05
CA TRP A 336 -29.17 -2.92 -26.64
C TRP A 336 -28.57 -1.52 -26.73
N TYR A 337 -28.90 -0.78 -27.79
CA TYR A 337 -28.39 0.58 -27.90
C TYR A 337 -29.10 1.52 -26.93
N GLU A 338 -30.40 1.31 -26.70
CA GLU A 338 -31.14 2.18 -25.79
C GLU A 338 -30.64 2.05 -24.35
N LEU A 339 -30.22 0.85 -23.95
CA LEU A 339 -29.77 0.60 -22.59
C LEU A 339 -28.25 0.72 -22.44
N SER A 340 -27.55 1.25 -23.44
CA SER A 340 -26.11 1.43 -23.33
C SER A 340 -25.69 2.83 -23.75
N GLN A 341 -26.46 3.44 -24.65
CA GLN A 341 -26.25 4.82 -25.11
C GLN A 341 -24.89 5.01 -25.77
N GLY A 342 -24.37 3.94 -26.39
CA GLY A 342 -23.20 4.06 -27.24
C GLY A 342 -21.86 3.96 -26.55
N VAL A 343 -21.82 3.93 -25.22
CA VAL A 343 -20.55 3.80 -24.51
C VAL A 343 -19.96 2.42 -24.79
N MET A 344 -18.65 2.36 -24.98
CA MET A 344 -18.00 1.10 -25.30
C MET A 344 -18.15 0.11 -24.15
N ASP A 345 -17.93 0.57 -22.92
CA ASP A 345 -17.86 -0.35 -21.79
C ASP A 345 -19.21 -0.92 -21.43
N ILE A 346 -20.28 -0.12 -21.54
CA ILE A 346 -21.59 -0.57 -21.11
C ILE A 346 -22.11 -1.68 -22.03
N VAL A 347 -21.81 -1.60 -23.32
CA VAL A 347 -22.31 -2.60 -24.27
C VAL A 347 -21.76 -3.99 -23.93
N VAL A 348 -20.44 -4.09 -23.80
CA VAL A 348 -19.80 -5.39 -23.58
C VAL A 348 -20.18 -5.93 -22.20
N LYS A 349 -20.13 -5.07 -21.18
CA LYS A 349 -20.46 -5.52 -19.82
C LYS A 349 -21.91 -5.97 -19.74
N LEU A 350 -22.82 -5.22 -20.37
CA LEU A 350 -24.22 -5.60 -20.36
C LEU A 350 -24.42 -6.95 -21.05
N PHE A 351 -23.76 -7.16 -22.19
CA PHE A 351 -23.88 -8.44 -22.87
C PHE A 351 -23.36 -9.59 -22.01
N VAL A 352 -22.21 -9.40 -21.37
CA VAL A 352 -21.63 -10.47 -20.56
C VAL A 352 -22.52 -10.80 -19.37
N LEU A 353 -23.03 -9.76 -18.68
CA LEU A 353 -23.90 -10.00 -17.54
C LEU A 353 -25.20 -10.69 -17.96
N ALA A 354 -25.78 -10.25 -19.08
CA ALA A 354 -27.00 -10.88 -19.55
C ALA A 354 -26.77 -12.35 -19.89
N GLN A 355 -25.65 -12.66 -20.53
CA GLN A 355 -25.35 -14.06 -20.85
C GLN A 355 -25.13 -14.89 -19.58
N LEU A 356 -24.42 -14.33 -18.59
CA LEU A 356 -24.21 -15.06 -17.35
C LEU A 356 -25.52 -15.34 -16.63
N ARG A 357 -26.41 -14.36 -16.58
CA ARG A 357 -27.70 -14.59 -15.94
C ARG A 357 -28.56 -15.56 -16.73
N ALA A 358 -28.48 -15.53 -18.06
CA ALA A 358 -29.22 -16.51 -18.86
C ALA A 358 -28.73 -17.93 -18.59
N LEU A 359 -27.41 -18.09 -18.39
CA LEU A 359 -26.90 -19.39 -17.97
C LEU A 359 -27.42 -19.76 -16.58
N ALA A 360 -27.39 -18.82 -15.65
CA ALA A 360 -27.74 -19.13 -14.26
C ALA A 360 -29.22 -19.47 -14.11
N LEU A 361 -30.10 -18.81 -14.86
CA LEU A 361 -31.54 -18.99 -14.68
C LEU A 361 -31.98 -20.36 -15.17
N GLY A 362 -31.71 -20.67 -16.44
CA GLY A 362 -32.13 -21.93 -17.02
C GLY A 362 -32.65 -21.79 -18.43
N ASN A 363 -33.24 -20.64 -18.74
CA ASN A 363 -33.71 -20.36 -20.10
C ASN A 363 -32.56 -19.72 -20.87
N GLU A 364 -32.00 -20.46 -21.82
CA GLU A 364 -30.79 -20.03 -22.52
C GLU A 364 -31.15 -19.35 -23.85
N ARG A 365 -31.86 -18.23 -23.72
CA ARG A 365 -32.17 -17.37 -24.87
C ARG A 365 -32.12 -15.92 -24.40
N ILE A 366 -31.41 -15.09 -25.15
CA ILE A 366 -31.27 -13.68 -24.82
C ILE A 366 -32.38 -12.89 -25.51
N THR A 367 -33.12 -12.12 -24.71
CA THR A 367 -34.28 -11.40 -25.19
C THR A 367 -34.27 -10.01 -24.56
N ALA A 368 -34.98 -9.08 -25.19
CA ALA A 368 -35.00 -7.70 -24.71
C ALA A 368 -35.40 -7.62 -23.24
N GLY A 369 -36.37 -8.43 -22.83
CA GLY A 369 -36.77 -8.42 -21.43
C GLY A 369 -35.64 -8.81 -20.49
N LEU A 370 -34.86 -9.81 -20.87
CA LEU A 370 -33.72 -10.21 -20.04
C LEU A 370 -32.68 -9.10 -19.96
N LEU A 371 -32.42 -8.42 -21.08
CA LEU A 371 -31.49 -7.31 -21.07
C LEU A 371 -31.97 -6.21 -20.15
N ARG A 372 -33.25 -5.87 -20.22
CA ARG A 372 -33.80 -4.83 -19.35
C ARG A 372 -33.71 -5.23 -17.89
N GLN A 373 -34.02 -6.48 -17.57
CA GLN A 373 -33.97 -6.93 -16.18
C GLN A 373 -32.54 -6.89 -15.65
N VAL A 374 -31.56 -7.34 -16.45
CA VAL A 374 -30.17 -7.29 -16.01
C VAL A 374 -29.72 -5.84 -15.82
N TYR A 375 -30.15 -4.96 -16.73
CA TYR A 375 -29.78 -3.55 -16.60
C TYR A 375 -30.34 -2.95 -15.33
N GLN A 376 -31.60 -3.27 -15.00
CA GLN A 376 -32.21 -2.72 -13.79
C GLN A 376 -31.68 -3.39 -12.52
N ASP A 377 -31.06 -4.56 -12.64
CA ASP A 377 -30.57 -5.26 -11.45
C ASP A 377 -29.11 -4.93 -11.13
N GLU A 378 -28.22 -5.06 -12.11
CA GLU A 378 -26.79 -5.07 -11.85
C GLU A 378 -26.06 -3.84 -12.38
N LEU A 379 -26.80 -2.78 -12.73
CA LEU A 379 -26.19 -1.54 -13.20
C LEU A 379 -26.74 -0.35 -12.42
N LYS A 380 -26.85 -0.51 -11.10
CA LYS A 380 -27.45 0.55 -10.29
C LYS A 380 -26.65 1.84 -10.28
N PRO A 381 -25.33 1.84 -10.03
CA PRO A 381 -24.63 3.13 -9.89
C PRO A 381 -24.68 4.02 -11.13
N VAL A 382 -24.78 3.44 -12.32
CA VAL A 382 -24.67 4.22 -13.56
C VAL A 382 -26.05 4.47 -14.19
N HIS A 383 -27.13 4.43 -13.39
CA HIS A 383 -28.45 4.71 -13.96
C HIS A 383 -28.64 6.18 -14.30
N PRO A 384 -28.52 7.13 -13.36
CA PRO A 384 -28.89 8.52 -13.69
C PRO A 384 -28.08 9.13 -14.80
N MET A 385 -26.80 8.76 -14.93
CA MET A 385 -25.95 9.38 -15.95
C MET A 385 -26.31 8.89 -17.35
N LEU A 386 -26.52 7.58 -17.51
CA LEU A 386 -27.01 7.09 -18.78
C LEU A 386 -28.41 7.60 -19.07
N GLU A 387 -29.22 7.83 -18.03
CA GLU A 387 -30.53 8.45 -18.24
C GLU A 387 -30.38 9.88 -18.78
N ALA A 388 -29.44 10.64 -18.23
CA ALA A 388 -29.20 11.99 -18.72
C ALA A 388 -28.71 11.97 -20.16
N LEU A 389 -27.82 11.02 -20.50
CA LEU A 389 -27.38 10.89 -21.88
C LEU A 389 -28.54 10.53 -22.80
N ARG A 390 -29.44 9.66 -22.33
CA ARG A 390 -30.60 9.26 -23.11
C ARG A 390 -31.53 10.44 -23.36
N SER A 391 -31.74 11.29 -22.34
CA SER A 391 -32.65 12.41 -22.48
C SER A 391 -32.18 13.39 -23.56
N GLY A 392 -30.89 13.67 -23.59
CA GLY A 392 -30.33 14.57 -24.57
C GLY A 392 -30.44 16.04 -24.25
N ILE A 393 -31.01 16.39 -23.10
CA ILE A 393 -31.13 17.81 -22.72
C ILE A 393 -29.75 18.34 -22.35
N PRO A 394 -29.29 19.43 -22.96
CA PRO A 394 -27.94 19.94 -22.63
C PRO A 394 -27.79 20.34 -21.17
N GLU A 395 -28.86 20.79 -20.52
CA GLU A 395 -28.75 21.18 -19.12
C GLU A 395 -28.39 19.99 -18.23
N ARG A 396 -28.99 18.83 -18.49
CA ARG A 396 -28.65 17.64 -17.72
C ARG A 396 -27.21 17.21 -17.97
N ILE A 397 -26.76 17.25 -19.22
CA ILE A 397 -25.41 16.83 -19.56
C ILE A 397 -24.37 17.84 -19.06
N ALA A 398 -24.79 19.07 -18.77
CA ALA A 398 -23.84 20.09 -18.32
C ALA A 398 -23.13 19.66 -17.04
N ARG A 399 -23.81 18.95 -16.16
CA ARG A 399 -23.19 18.43 -14.95
C ARG A 399 -22.91 16.94 -15.14
N TYR A 400 -21.70 16.52 -14.77
CA TYR A 400 -21.20 15.15 -14.89
C TYR A 400 -21.43 14.57 -16.28
N SER A 401 -21.39 13.24 -16.38
CA SER A 401 -21.60 12.48 -17.62
C SER A 401 -20.42 12.61 -18.57
N ASP A 402 -19.46 13.47 -18.22
CA ASP A 402 -18.22 13.65 -18.96
C ASP A 402 -18.46 13.84 -20.46
N LEU A 403 -19.15 14.92 -20.78
CA LEU A 403 -19.41 15.26 -22.18
C LEU A 403 -19.72 16.74 -22.33
N MET B 1 25.76 0.94 -14.28
CA MET B 1 25.36 2.01 -15.18
C MET B 1 24.58 1.46 -16.36
N ARG B 2 23.59 2.22 -16.84
CA ARG B 2 22.73 1.79 -17.93
C ARG B 2 23.18 2.31 -19.29
N ASN B 3 23.63 3.56 -19.38
CA ASN B 3 24.09 4.14 -20.65
C ASN B 3 25.47 4.73 -20.43
N PHE B 4 26.50 3.89 -20.57
CA PHE B 4 27.87 4.36 -20.51
C PHE B 4 28.28 4.83 -21.91
N PRO B 5 28.71 6.08 -22.07
CA PRO B 5 29.03 6.60 -23.41
C PRO B 5 30.11 5.78 -24.08
N VAL B 6 29.96 5.58 -25.39
CA VAL B 6 31.02 4.95 -26.16
C VAL B 6 32.19 5.93 -26.29
N PRO B 7 33.40 5.53 -25.94
CA PRO B 7 34.54 6.45 -26.06
C PRO B 7 34.77 6.86 -27.50
N TYR B 8 35.17 8.12 -27.69
CA TYR B 8 35.48 8.62 -29.02
C TYR B 8 36.82 8.07 -29.49
N SER B 9 37.26 8.54 -30.65
CA SER B 9 38.56 8.17 -31.18
C SER B 9 39.64 9.07 -30.59
N ASN B 10 40.70 8.47 -30.08
CA ASN B 10 41.84 9.19 -29.50
C ASN B 10 41.40 10.09 -28.34
N GLU B 11 40.89 9.44 -27.29
CA GLU B 11 40.38 10.15 -26.12
C GLU B 11 40.82 9.42 -24.86
N LEU B 12 41.10 10.18 -23.81
CA LEU B 12 41.45 9.61 -22.52
C LEU B 12 40.21 9.04 -21.84
N ILE B 13 40.37 7.90 -21.17
CA ILE B 13 39.26 7.26 -20.47
C ILE B 13 38.76 8.13 -19.34
N TYR B 14 39.63 8.99 -18.79
CA TYR B 14 39.19 9.97 -17.79
C TYR B 14 38.08 10.85 -18.35
N SER B 15 38.26 11.33 -19.58
CA SER B 15 37.21 12.12 -20.21
C SER B 15 35.98 11.29 -20.50
N THR B 16 36.14 10.00 -20.77
CA THR B 16 34.99 9.13 -20.97
C THR B 16 34.14 9.04 -19.71
N ILE B 17 34.78 8.86 -18.55
CA ILE B 17 34.04 8.81 -17.30
C ILE B 17 33.45 10.17 -16.97
N ALA B 18 34.17 11.24 -17.26
CA ALA B 18 33.62 12.59 -17.04
C ALA B 18 32.38 12.82 -17.88
N ARG B 19 32.39 12.37 -19.13
CA ARG B 19 31.23 12.50 -19.99
C ARG B 19 30.08 11.61 -19.52
N ALA B 20 30.41 10.43 -18.98
CA ALA B 20 29.38 9.59 -18.37
C ALA B 20 28.72 10.32 -17.21
N GLY B 21 29.50 11.04 -16.42
CA GLY B 21 28.93 11.84 -15.34
C GLY B 21 28.07 12.98 -15.85
N VAL B 22 28.54 13.68 -16.89
CA VAL B 22 27.83 14.86 -17.36
C VAL B 22 26.56 14.47 -18.10
N TYR B 23 26.49 13.24 -18.63
CA TYR B 23 25.30 12.81 -19.36
C TYR B 23 24.11 12.63 -18.44
N GLN B 24 24.32 12.04 -17.27
CA GLN B 24 23.24 11.65 -16.38
C GLN B 24 23.03 12.62 -15.22
N GLY B 25 23.67 13.78 -15.27
CA GLY B 25 23.44 14.81 -14.27
C GLY B 25 23.84 14.46 -12.85
N ILE B 26 25.02 13.88 -12.66
CA ILE B 26 25.52 13.55 -11.33
C ILE B 26 26.49 14.66 -10.96
N VAL B 27 25.96 15.69 -10.29
CA VAL B 27 26.79 16.84 -9.90
C VAL B 27 27.76 16.45 -8.80
N SER B 28 27.29 15.74 -7.79
CA SER B 28 28.13 15.40 -6.64
C SER B 28 29.17 14.36 -7.04
N PRO B 29 30.46 14.64 -6.86
CA PRO B 29 31.49 13.66 -7.24
C PRO B 29 31.38 12.34 -6.48
N LYS B 30 30.98 12.38 -5.21
CA LYS B 30 30.88 11.14 -4.43
C LYS B 30 29.84 10.21 -5.02
N GLN B 31 28.69 10.75 -5.43
CA GLN B 31 27.65 9.92 -6.05
C GLN B 31 28.16 9.32 -7.35
N LEU B 32 28.90 10.09 -8.15
CA LEU B 32 29.43 9.58 -9.41
C LEU B 32 30.42 8.44 -9.15
N LEU B 33 31.31 8.61 -8.17
CA LEU B 33 32.26 7.55 -7.85
C LEU B 33 31.56 6.31 -7.34
N ASP B 34 30.51 6.48 -6.54
CA ASP B 34 29.75 5.34 -6.05
C ASP B 34 29.06 4.61 -7.20
N GLU B 35 28.47 5.35 -8.14
CA GLU B 35 27.73 4.73 -9.23
C GLU B 35 28.65 4.02 -10.21
N VAL B 36 29.72 4.69 -10.63
CA VAL B 36 30.59 4.12 -11.65
C VAL B 36 31.38 2.94 -11.09
N TYR B 37 31.97 3.10 -9.90
CA TYR B 37 32.88 2.12 -9.34
C TYR B 37 32.27 1.30 -8.21
N GLY B 38 31.67 1.95 -7.22
CA GLY B 38 31.16 1.30 -6.04
C GLY B 38 32.02 1.45 -4.81
N ASN B 39 33.28 1.88 -4.98
CA ASN B 39 34.18 2.13 -3.87
C ASN B 39 34.54 3.60 -3.86
N ARG B 40 34.41 4.24 -2.71
CA ARG B 40 34.64 5.67 -2.57
C ARG B 40 36.09 5.99 -2.20
N LYS B 41 36.97 5.00 -2.19
CA LYS B 41 38.35 5.17 -1.78
C LYS B 41 39.33 4.97 -2.94
N VAL B 42 39.01 5.53 -4.10
CA VAL B 42 39.85 5.45 -5.27
C VAL B 42 40.46 6.82 -5.54
N VAL B 43 41.45 6.85 -6.43
CA VAL B 43 42.11 8.08 -6.84
C VAL B 43 41.95 8.24 -8.34
N ALA B 44 41.45 9.40 -8.76
CA ALA B 44 41.29 9.70 -10.18
C ALA B 44 42.59 10.28 -10.73
N THR B 45 42.99 9.80 -11.91
CA THR B 45 44.23 10.25 -12.52
C THR B 45 44.05 10.39 -14.02
N LEU B 46 44.90 11.23 -14.62
CA LEU B 46 44.94 11.42 -16.07
C LEU B 46 46.09 10.59 -16.64
N GLY B 47 45.74 9.57 -17.40
CA GLY B 47 46.75 8.67 -17.93
C GLY B 47 47.17 7.64 -16.89
N LEU B 48 47.31 6.40 -17.31
CA LEU B 48 47.58 5.28 -16.41
C LEU B 48 46.61 5.23 -15.23
N PRO B 49 45.30 5.09 -15.48
CA PRO B 49 44.35 4.91 -14.38
C PRO B 49 44.39 3.45 -13.90
N SER B 50 43.50 3.15 -12.97
CA SER B 50 43.37 1.80 -12.43
C SER B 50 41.90 1.45 -12.36
N HIS B 51 41.59 0.36 -11.67
CA HIS B 51 40.23 -0.14 -11.51
C HIS B 51 39.58 -0.48 -12.85
N LEU B 52 40.38 -0.75 -13.87
CA LEU B 52 39.84 -1.15 -15.15
C LEU B 52 39.21 -2.55 -15.04
N GLY B 53 38.39 -2.88 -16.03
CA GLY B 53 37.58 -4.06 -16.00
C GLY B 53 36.13 -3.80 -15.66
N VAL B 54 35.86 -2.95 -14.68
CA VAL B 54 34.49 -2.51 -14.43
C VAL B 54 33.97 -1.65 -15.58
N ILE B 55 34.84 -0.82 -16.17
CA ILE B 55 34.43 -0.05 -17.35
C ILE B 55 34.18 -0.98 -18.53
N ALA B 56 35.06 -1.97 -18.73
CA ALA B 56 34.86 -2.94 -19.80
C ALA B 56 33.60 -3.76 -19.61
N ARG B 57 33.23 -4.05 -18.36
CA ARG B 57 31.96 -4.71 -18.09
C ARG B 57 30.78 -3.77 -18.32
N HIS B 58 30.97 -2.47 -18.08
CA HIS B 58 29.96 -1.49 -18.44
C HIS B 58 29.76 -1.44 -19.95
N LEU B 59 30.82 -1.70 -20.72
CA LEU B 59 30.74 -1.80 -22.17
C LEU B 59 30.77 -3.25 -22.64
N HIS B 60 30.11 -4.15 -21.89
CA HIS B 60 30.15 -5.57 -22.22
C HIS B 60 29.31 -5.88 -23.46
N GLN B 61 28.15 -5.23 -23.59
CA GLN B 61 27.24 -5.54 -24.70
C GLN B 61 27.89 -5.25 -26.04
N THR B 62 28.58 -4.11 -26.16
CA THR B 62 29.36 -3.84 -27.36
C THR B 62 30.60 -4.73 -27.35
N GLY B 63 30.68 -5.65 -28.32
CA GLY B 63 31.72 -6.65 -28.30
C GLY B 63 33.12 -6.13 -28.57
N ARG B 64 33.23 -4.95 -29.18
CA ARG B 64 34.55 -4.47 -29.57
C ARG B 64 35.38 -4.03 -28.37
N TYR B 65 34.77 -3.28 -27.44
CA TYR B 65 35.51 -2.70 -26.33
C TYR B 65 35.79 -3.75 -25.28
N ALA B 66 37.06 -4.09 -25.10
CA ALA B 66 37.49 -5.02 -24.06
C ALA B 66 38.54 -4.34 -23.20
N VAL B 67 39.19 -5.11 -22.31
CA VAL B 67 40.20 -4.50 -21.44
C VAL B 67 41.44 -4.11 -22.23
N GLN B 68 41.86 -4.97 -23.16
CA GLN B 68 43.06 -4.65 -23.95
C GLN B 68 42.85 -3.39 -24.80
N GLN B 69 41.68 -3.27 -25.41
CA GLN B 69 41.41 -2.10 -26.24
C GLN B 69 41.43 -0.81 -25.42
N LEU B 70 40.80 -0.82 -24.25
CA LEU B 70 40.79 0.39 -23.43
C LEU B 70 42.18 0.68 -22.86
N ILE B 71 42.95 -0.35 -22.54
CA ILE B 71 44.30 -0.13 -22.02
C ILE B 71 45.18 0.50 -23.09
N TYR B 72 45.13 -0.02 -24.32
CA TYR B 72 46.05 0.38 -25.36
C TYR B 72 45.51 1.46 -26.29
N GLU B 73 44.30 1.95 -26.07
CA GLU B 73 43.71 2.92 -26.99
C GLU B 73 43.04 4.11 -26.32
N HIS B 74 42.98 4.17 -24.99
CA HIS B 74 42.36 5.31 -24.34
C HIS B 74 43.10 5.75 -23.08
N THR B 75 44.34 5.30 -22.88
CA THR B 75 45.20 5.76 -21.80
C THR B 75 46.56 6.11 -22.38
N LEU B 76 47.46 6.57 -21.52
CA LEU B 76 48.81 6.90 -21.91
C LEU B 76 49.76 5.71 -21.82
N PHE B 77 49.21 4.49 -21.80
CA PHE B 77 50.06 3.31 -21.78
C PHE B 77 51.02 3.19 -22.96
N PRO B 78 50.64 3.50 -24.21
CA PRO B 78 51.59 3.30 -25.32
C PRO B 78 52.90 4.03 -25.15
N LEU B 79 52.91 5.18 -24.45
CA LEU B 79 54.16 5.89 -24.23
C LEU B 79 55.08 5.12 -23.28
N TYR B 80 54.52 4.51 -22.25
CA TYR B 80 55.29 3.77 -21.26
C TYR B 80 55.48 2.29 -21.60
N ALA B 81 54.82 1.80 -22.64
CA ALA B 81 54.75 0.36 -22.87
C ALA B 81 56.06 -0.22 -23.40
N PRO B 82 56.60 0.25 -24.53
CA PRO B 82 57.74 -0.46 -25.12
C PRO B 82 59.04 -0.28 -24.33
N PHE B 83 59.26 0.90 -23.75
CA PHE B 83 60.56 1.19 -23.14
C PHE B 83 60.75 0.53 -21.79
N VAL B 84 59.67 0.27 -21.05
CA VAL B 84 59.80 -0.20 -19.67
C VAL B 84 60.37 -1.61 -19.62
N GLY B 85 59.97 -2.46 -20.54
CA GLY B 85 60.41 -3.85 -20.56
C GLY B 85 59.31 -4.74 -21.09
N LYS B 86 59.47 -6.04 -20.84
CA LYS B 86 58.51 -7.04 -21.30
C LYS B 86 57.73 -7.66 -20.15
N GLU B 87 58.41 -8.27 -19.18
CA GLU B 87 57.71 -8.88 -18.07
C GLU B 87 57.09 -7.83 -17.16
N ARG B 88 57.75 -6.68 -16.99
CA ARG B 88 57.16 -5.60 -16.22
C ARG B 88 55.92 -5.04 -16.91
N ARG B 89 55.98 -4.91 -18.24
CA ARG B 89 54.81 -4.47 -19.00
C ARG B 89 53.65 -5.46 -18.84
N ASP B 90 53.95 -6.76 -18.94
CA ASP B 90 52.90 -7.77 -18.80
C ASP B 90 52.30 -7.73 -17.40
N GLU B 91 53.13 -7.59 -16.37
CA GLU B 91 52.64 -7.53 -15.00
C GLU B 91 51.77 -6.29 -14.80
N ALA B 92 52.19 -5.15 -15.34
CA ALA B 92 51.38 -3.95 -15.23
C ALA B 92 50.04 -4.11 -15.93
N ILE B 93 50.04 -4.72 -17.12
CA ILE B 93 48.80 -4.95 -17.85
C ILE B 93 47.87 -5.85 -17.05
N ARG B 94 48.42 -6.92 -16.46
CA ARG B 94 47.62 -7.82 -15.64
C ARG B 94 47.08 -7.10 -14.41
N LEU B 95 47.84 -6.14 -13.88
CA LEU B 95 47.44 -5.47 -12.65
C LEU B 95 46.39 -4.38 -12.88
N MET B 96 46.33 -3.81 -14.09
CA MET B 96 45.37 -2.72 -14.33
C MET B 96 43.92 -3.15 -14.08
N GLU B 97 43.62 -4.44 -14.25
CA GLU B 97 42.24 -4.89 -14.02
C GLU B 97 41.85 -4.90 -12.55
N TYR B 98 42.80 -4.75 -11.64
CA TYR B 98 42.51 -4.80 -10.21
C TYR B 98 42.47 -3.40 -9.62
N GLN B 99 42.29 -3.33 -8.31
CA GLN B 99 42.03 -2.08 -7.61
C GLN B 99 43.27 -1.41 -7.06
N ALA B 100 44.46 -1.93 -7.37
CA ALA B 100 45.70 -1.38 -6.85
C ALA B 100 46.04 -0.06 -7.54
N GLN B 101 45.52 1.05 -7.00
CA GLN B 101 45.75 2.36 -7.62
C GLN B 101 47.21 2.77 -7.57
N GLY B 102 47.87 2.58 -6.43
CA GLY B 102 49.25 3.01 -6.31
C GLY B 102 50.23 2.13 -7.06
N ALA B 103 49.84 0.88 -7.33
CA ALA B 103 50.76 -0.07 -7.94
C ALA B 103 51.08 0.32 -9.38
N VAL B 104 50.09 0.78 -10.15
CA VAL B 104 50.35 1.17 -11.53
C VAL B 104 51.31 2.34 -11.59
N HIS B 105 51.14 3.31 -10.69
CA HIS B 105 52.00 4.49 -10.66
C HIS B 105 53.36 4.20 -10.04
N LEU B 106 53.50 3.11 -9.29
CA LEU B 106 54.73 2.84 -8.57
C LEU B 106 55.64 1.83 -9.27
N MET B 107 55.07 0.74 -9.81
CA MET B 107 55.90 -0.29 -10.43
C MET B 107 56.60 0.25 -11.65
N LEU B 108 55.90 1.02 -12.48
CA LEU B 108 56.50 1.66 -13.65
C LEU B 108 57.44 2.76 -13.16
N GLY B 109 58.74 2.50 -13.21
CA GLY B 109 59.70 3.45 -12.68
C GLY B 109 59.65 4.79 -13.39
N VAL B 110 59.39 4.77 -14.70
CA VAL B 110 59.24 6.01 -15.45
C VAL B 110 58.03 6.79 -14.94
N ALA B 111 56.97 6.09 -14.53
CA ALA B 111 55.78 6.74 -14.01
C ALA B 111 55.92 7.13 -12.54
N ALA B 112 56.99 6.70 -11.88
CA ALA B 112 57.20 7.01 -10.46
C ALA B 112 57.87 8.38 -10.33
N SER B 113 57.11 9.41 -10.71
CA SER B 113 57.58 10.79 -10.64
C SER B 113 57.25 11.46 -9.31
N ARG B 114 56.62 10.74 -8.38
CA ARG B 114 56.26 11.27 -7.08
C ARG B 114 55.39 12.52 -7.23
N VAL B 115 56.01 13.70 -7.12
CA VAL B 115 55.29 14.94 -7.33
C VAL B 115 54.87 15.05 -8.79
N LYS B 116 53.60 15.41 -9.01
CA LYS B 116 53.07 15.50 -10.37
C LYS B 116 53.74 16.64 -11.13
N SER B 117 54.03 16.39 -12.40
CA SER B 117 54.66 17.38 -13.27
C SER B 117 53.56 18.16 -13.99
N ASP B 118 53.31 19.38 -13.51
CA ASP B 118 52.29 20.27 -14.07
C ASP B 118 50.91 19.59 -14.09
N ASN B 119 50.41 19.33 -12.88
CA ASN B 119 49.11 18.71 -12.72
C ASN B 119 47.96 19.58 -13.20
N ARG B 120 48.24 20.76 -13.75
CA ARG B 120 47.20 21.62 -14.30
C ARG B 120 46.60 21.00 -15.56
N PHE B 121 45.42 21.47 -15.92
CA PHE B 121 44.74 21.01 -17.11
C PHE B 121 45.23 21.78 -18.33
N ARG B 122 45.49 21.06 -19.42
CA ARG B 122 45.92 21.65 -20.67
C ARG B 122 44.81 21.59 -21.70
N TYR B 123 44.93 22.41 -22.74
CA TYR B 123 44.06 22.31 -23.90
C TYR B 123 44.73 23.01 -25.07
N CYS B 124 44.21 22.73 -26.27
CA CYS B 124 44.71 23.27 -27.52
C CYS B 124 43.64 24.14 -28.17
N PRO B 125 43.99 25.33 -28.67
CA PRO B 125 42.96 26.24 -29.17
C PRO B 125 42.34 25.77 -30.48
N ASP B 126 43.14 25.29 -31.42
CA ASP B 126 42.62 24.92 -32.73
C ASP B 126 41.89 23.58 -32.70
N CYS B 127 42.35 22.64 -31.87
CA CYS B 127 41.75 21.30 -31.87
C CYS B 127 40.30 21.31 -31.38
N VAL B 128 39.97 22.23 -30.48
CA VAL B 128 38.59 22.32 -30.00
C VAL B 128 37.64 22.67 -31.14
N ALA B 129 38.08 23.54 -32.05
CA ALA B 129 37.25 23.88 -33.21
C ALA B 129 36.98 22.66 -34.08
N LEU B 130 38.03 21.87 -34.35
CA LEU B 130 37.84 20.66 -35.15
C LEU B 130 36.93 19.66 -34.44
N GLN B 131 37.12 19.48 -33.14
CA GLN B 131 36.29 18.53 -32.40
C GLN B 131 34.83 18.95 -32.40
N LEU B 132 34.57 20.25 -32.26
CA LEU B 132 33.19 20.73 -32.32
C LEU B 132 32.62 20.61 -33.73
N ASN B 133 33.44 20.80 -34.75
CA ASN B 133 32.96 20.72 -36.13
C ASN B 133 32.85 19.28 -36.63
N ARG B 134 33.34 18.31 -35.88
CA ARG B 134 33.26 16.91 -36.29
C ARG B 134 32.41 16.05 -35.36
N TYR B 135 32.63 16.13 -34.05
CA TYR B 135 31.94 15.28 -33.10
C TYR B 135 30.83 15.99 -32.33
N GLY B 136 30.91 17.30 -32.17
CA GLY B 136 29.92 18.04 -31.42
C GLY B 136 30.23 18.23 -29.95
N GLU B 137 31.31 17.63 -29.45
CA GLU B 137 31.71 17.76 -28.05
C GLU B 137 33.18 18.18 -27.97
N ALA B 138 33.62 18.40 -26.74
CA ALA B 138 35.01 18.67 -26.44
C ALA B 138 35.47 17.66 -25.39
N PHE B 139 36.67 17.11 -25.58
CA PHE B 139 37.16 16.05 -24.72
C PHE B 139 38.68 16.10 -24.67
N TRP B 140 39.24 15.49 -23.64
CA TRP B 140 40.69 15.39 -23.54
C TRP B 140 41.22 14.47 -24.62
N GLN B 141 42.44 14.73 -25.07
CA GLN B 141 43.05 13.99 -26.15
C GLN B 141 44.45 13.55 -25.74
N ARG B 142 44.83 12.35 -26.14
CA ARG B 142 46.15 11.82 -25.78
C ARG B 142 47.28 12.59 -26.45
N ASP B 143 46.99 13.39 -27.48
CA ASP B 143 48.03 14.22 -28.08
C ASP B 143 48.44 15.34 -27.15
N TRP B 144 47.47 15.99 -26.50
CA TRP B 144 47.78 17.10 -25.62
C TRP B 144 48.57 16.63 -24.40
N TYR B 145 48.10 15.58 -23.75
CA TYR B 145 48.61 15.21 -22.43
C TYR B 145 49.85 14.32 -22.52
N LEU B 146 50.84 14.77 -23.28
CA LEU B 146 52.15 14.17 -23.16
C LEU B 146 52.74 14.49 -21.79
N PRO B 147 53.40 13.54 -21.14
CA PRO B 147 53.90 13.79 -19.78
C PRO B 147 54.80 15.02 -19.66
N ALA B 148 55.63 15.32 -20.65
CA ALA B 148 56.57 16.43 -20.53
C ALA B 148 56.55 17.38 -21.73
N LEU B 149 55.59 17.25 -22.64
CA LEU B 149 55.52 18.15 -23.79
C LEU B 149 54.21 18.92 -23.76
N PRO B 150 54.22 20.21 -23.44
CA PRO B 150 53.01 21.03 -23.52
C PRO B 150 52.79 21.61 -24.91
N TYR B 151 52.90 20.76 -25.94
CA TYR B 151 52.79 21.20 -27.32
C TYR B 151 51.96 20.19 -28.10
N CYS B 152 50.89 20.66 -28.74
CA CYS B 152 50.15 19.81 -29.65
C CYS B 152 51.01 19.48 -30.87
N PRO B 153 51.01 18.23 -31.33
CA PRO B 153 51.90 17.87 -32.45
C PRO B 153 51.56 18.59 -33.75
N LYS B 154 50.27 18.69 -34.10
CA LYS B 154 49.89 19.35 -35.34
C LYS B 154 50.05 20.87 -35.24
N HIS B 155 49.56 21.46 -34.14
CA HIS B 155 49.57 22.90 -33.97
C HIS B 155 50.82 23.35 -33.24
N GLY B 156 50.84 24.60 -32.79
CA GLY B 156 52.03 25.16 -32.19
C GLY B 156 52.20 24.92 -30.69
N ALA B 157 51.22 25.35 -29.90
CA ALA B 157 51.38 25.29 -28.45
C ALA B 157 50.02 25.11 -27.79
N LEU B 158 50.06 24.63 -26.55
CA LEU B 158 48.87 24.46 -25.73
C LEU B 158 48.58 25.73 -24.95
N VAL B 159 47.49 25.72 -24.19
CA VAL B 159 47.09 26.86 -23.38
C VAL B 159 46.65 26.33 -22.01
N PHE B 160 47.46 26.57 -20.99
CA PHE B 160 47.08 26.18 -19.65
C PHE B 160 46.00 27.11 -19.11
N PHE B 161 45.43 26.72 -17.96
CA PHE B 161 44.54 27.59 -17.20
C PHE B 161 44.55 27.11 -15.75
N ASP B 162 43.59 27.60 -14.97
CA ASP B 162 43.57 27.34 -13.54
C ASP B 162 43.21 25.88 -13.26
N ARG B 163 43.12 25.56 -11.96
CA ARG B 163 42.77 24.24 -11.47
C ARG B 163 43.84 23.20 -11.78
N ALA B 164 43.80 22.08 -11.08
CA ALA B 164 44.75 21.00 -11.27
C ALA B 164 44.12 19.70 -10.79
N VAL B 165 44.72 18.58 -11.18
CA VAL B 165 44.19 17.28 -10.81
C VAL B 165 44.22 17.10 -9.30
N ASP B 166 45.34 17.47 -8.67
CA ASP B 166 45.49 17.29 -7.23
C ASP B 166 44.65 18.27 -6.41
N ASP B 167 44.04 19.28 -7.06
CA ASP B 167 43.19 20.20 -6.33
C ASP B 167 41.98 19.49 -5.75
N HIS B 168 41.39 18.56 -6.51
CA HIS B 168 40.29 17.73 -6.04
C HIS B 168 40.53 16.33 -6.58
N ARG B 169 40.88 15.39 -5.71
CA ARG B 169 41.27 14.05 -6.12
C ARG B 169 40.10 13.09 -6.23
N HIS B 170 38.88 13.54 -5.98
CA HIS B 170 37.69 12.69 -6.08
C HIS B 170 36.72 13.18 -7.15
N GLN B 171 37.15 14.05 -8.06
CA GLN B 171 36.26 14.62 -9.06
C GLN B 171 36.81 14.38 -10.46
N PHE B 172 35.89 14.23 -11.41
CA PHE B 172 36.21 14.11 -12.83
C PHE B 172 35.69 15.37 -13.52
N TRP B 173 36.57 16.05 -14.25
CA TRP B 173 36.22 17.33 -14.89
C TRP B 173 36.22 17.18 -16.40
N ALA B 174 35.22 17.78 -17.04
CA ALA B 174 35.04 17.72 -18.48
C ALA B 174 35.18 19.11 -19.08
N LEU B 175 35.99 19.24 -20.12
CA LEU B 175 36.22 20.53 -20.75
C LEU B 175 34.95 21.04 -21.41
N GLY B 176 34.78 22.36 -21.38
CA GLY B 176 33.64 23.00 -22.01
C GLY B 176 34.01 24.18 -22.89
N HIS B 177 33.42 24.27 -24.08
CA HIS B 177 33.78 25.35 -25.01
C HIS B 177 33.15 26.67 -24.60
N THR B 178 31.83 26.71 -24.43
CA THR B 178 31.15 27.97 -24.16
C THR B 178 31.66 28.61 -22.87
N GLU B 179 31.96 27.79 -21.87
CA GLU B 179 32.77 28.27 -20.76
C GLU B 179 34.07 28.84 -21.32
N LEU B 180 34.23 30.15 -21.17
CA LEU B 180 35.25 30.86 -21.95
C LEU B 180 36.63 30.29 -21.68
N LEU B 181 37.20 29.65 -22.70
CA LEU B 181 38.55 29.13 -22.59
C LEU B 181 39.52 30.26 -22.33
N SER B 182 40.42 30.05 -21.37
CA SER B 182 41.32 31.12 -20.91
C SER B 182 42.42 31.37 -21.94
N ASP B 183 41.99 31.80 -23.12
CA ASP B 183 42.93 32.05 -24.21
C ASP B 183 43.66 33.37 -23.98
N TYR B 184 44.97 33.29 -23.95
CA TYR B 184 45.86 34.44 -23.86
C TYR B 184 47.01 34.22 -24.83
N PRO B 185 47.66 35.29 -25.28
CA PRO B 185 48.67 35.14 -26.34
C PRO B 185 49.77 34.16 -25.97
N LYS B 186 50.15 33.34 -26.95
CA LYS B 186 51.12 32.28 -26.75
C LYS B 186 52.24 32.39 -27.79
N ASP B 187 53.45 32.11 -27.35
CA ASP B 187 54.61 32.00 -28.25
C ASP B 187 55.29 30.67 -28.01
N SER B 188 55.60 29.97 -29.09
CA SER B 188 56.17 28.63 -29.01
C SER B 188 57.35 28.50 -29.96
N LEU B 189 58.32 27.70 -29.55
CA LEU B 189 59.45 27.39 -30.42
C LEU B 189 59.02 26.42 -31.52
N SER B 190 59.78 26.44 -32.62
CA SER B 190 59.52 25.55 -33.74
C SER B 190 60.37 24.29 -33.70
N GLN B 191 61.25 24.17 -32.70
CA GLN B 191 62.08 22.98 -32.55
C GLN B 191 61.46 21.93 -31.65
N LEU B 192 60.36 22.25 -30.97
CA LEU B 192 59.68 21.30 -30.08
C LEU B 192 58.38 20.78 -30.70
N THR B 193 57.75 21.58 -31.57
CA THR B 193 56.59 21.12 -32.31
C THR B 193 56.97 19.94 -33.19
N ALA B 194 58.17 19.99 -33.77
CA ALA B 194 58.67 18.89 -34.57
C ALA B 194 58.84 17.63 -33.72
N LEU B 195 59.37 17.78 -32.50
CA LEU B 195 59.52 16.63 -31.61
C LEU B 195 58.16 16.05 -31.25
N ALA B 196 57.19 16.91 -30.97
CA ALA B 196 55.84 16.44 -30.65
C ALA B 196 55.22 15.69 -31.82
N ALA B 197 55.39 16.21 -33.04
CA ALA B 197 54.85 15.53 -34.21
C ALA B 197 55.59 14.23 -34.50
N TYR B 198 56.87 14.15 -34.11
CA TYR B 198 57.62 12.92 -34.30
C TYR B 198 57.19 11.85 -33.30
N ILE B 199 56.86 12.27 -32.08
CA ILE B 199 56.48 11.30 -31.05
C ILE B 199 55.00 10.90 -31.17
N ALA B 200 54.17 11.77 -31.75
CA ALA B 200 52.74 11.51 -31.81
C ALA B 200 52.35 10.19 -32.48
N PRO B 201 52.93 9.76 -33.61
CA PRO B 201 52.48 8.51 -34.24
C PRO B 201 52.66 7.28 -33.38
N LEU B 202 53.51 7.33 -32.35
CA LEU B 202 53.70 6.17 -31.49
C LEU B 202 52.42 5.80 -30.74
N LEU B 203 51.55 6.78 -30.49
CA LEU B 203 50.32 6.51 -29.76
C LEU B 203 49.40 5.57 -30.53
N ASP B 204 49.17 5.85 -31.81
CA ASP B 204 48.25 5.08 -32.64
C ASP B 204 49.06 4.19 -33.58
N ALA B 205 49.42 3.00 -33.10
CA ALA B 205 50.17 2.05 -33.90
C ALA B 205 49.92 0.63 -33.42
N PRO B 206 49.26 -0.21 -34.24
CA PRO B 206 48.99 -1.58 -33.81
C PRO B 206 50.23 -2.42 -33.60
N ARG B 207 51.36 -2.04 -34.19
CA ARG B 207 52.58 -2.83 -34.02
C ARG B 207 53.15 -2.69 -32.61
N ALA B 208 52.87 -1.57 -31.94
CA ALA B 208 53.41 -1.34 -30.60
C ALA B 208 52.78 -2.23 -29.54
N GLN B 209 51.66 -2.90 -29.84
CA GLN B 209 51.02 -3.75 -28.86
C GLN B 209 51.90 -4.92 -28.46
N GLU B 210 52.57 -5.53 -29.43
CA GLU B 210 53.45 -6.67 -29.20
C GLU B 210 54.91 -6.33 -29.50
N LEU B 211 55.33 -5.12 -29.10
CA LEU B 211 56.67 -4.63 -29.40
C LEU B 211 57.21 -3.91 -28.18
N SER B 212 58.08 -4.59 -27.43
CA SER B 212 58.70 -3.98 -26.24
C SER B 212 60.05 -4.62 -25.97
N PRO B 213 61.15 -3.91 -26.18
CA PRO B 213 62.48 -4.49 -25.94
C PRO B 213 62.80 -4.61 -24.47
N SER B 214 63.97 -5.14 -24.16
CA SER B 214 64.46 -5.31 -22.79
C SER B 214 65.61 -4.34 -22.53
N LEU B 215 66.09 -4.36 -21.28
CA LEU B 215 67.19 -3.47 -20.90
C LEU B 215 68.47 -3.80 -21.64
N GLU B 216 68.84 -5.09 -21.67
CA GLU B 216 70.03 -5.50 -22.40
C GLU B 216 69.87 -5.22 -23.89
N GLN B 217 68.66 -5.42 -24.42
CA GLN B 217 68.40 -5.08 -25.81
C GLN B 217 68.59 -3.59 -26.06
N TRP B 218 68.12 -2.76 -25.12
CA TRP B 218 68.32 -1.31 -25.26
C TRP B 218 69.80 -0.96 -25.28
N THR B 219 70.57 -1.56 -24.37
CA THR B 219 72.00 -1.28 -24.32
C THR B 219 72.68 -1.69 -25.62
N LEU B 220 72.35 -2.88 -26.12
CA LEU B 220 72.98 -3.36 -27.35
C LEU B 220 72.60 -2.49 -28.54
N PHE B 221 71.32 -2.07 -28.62
CA PHE B 221 70.87 -1.24 -29.72
C PHE B 221 71.57 0.12 -29.69
N TYR B 222 71.67 0.74 -28.51
CA TYR B 222 72.33 2.04 -28.43
C TYR B 222 73.82 1.93 -28.74
N GLN B 223 74.47 0.87 -28.25
CA GLN B 223 75.88 0.67 -28.56
C GLN B 223 76.09 0.46 -30.06
N ARG B 224 75.21 -0.31 -30.69
CA ARG B 224 75.32 -0.55 -32.13
C ARG B 224 75.10 0.74 -32.91
N LEU B 225 74.14 1.56 -32.49
CA LEU B 225 73.92 2.85 -33.14
C LEU B 225 75.14 3.76 -32.99
N ALA B 226 75.73 3.80 -31.80
CA ALA B 226 76.93 4.60 -31.59
C ALA B 226 78.08 4.10 -32.46
N GLN B 227 78.20 2.78 -32.60
CA GLN B 227 79.24 2.22 -33.46
C GLN B 227 79.01 2.62 -34.92
N ASP B 228 77.76 2.56 -35.39
CA ASP B 228 77.47 2.92 -36.77
C ASP B 228 77.76 4.39 -37.04
N LEU B 229 77.30 5.28 -36.15
CA LEU B 229 77.48 6.71 -36.37
C LEU B 229 78.94 7.13 -36.23
N GLY B 230 79.79 6.28 -35.65
CA GLY B 230 81.20 6.62 -35.51
C GLY B 230 81.50 7.62 -34.43
N LEU B 231 80.55 7.94 -33.56
CA LEU B 231 80.74 8.91 -32.49
C LEU B 231 81.36 8.29 -31.24
N THR B 232 82.02 7.14 -31.37
CA THR B 232 82.62 6.45 -30.25
C THR B 232 84.06 6.08 -30.58
N LYS B 233 84.90 6.06 -29.56
CA LYS B 233 86.30 5.67 -29.70
C LYS B 233 86.44 4.17 -29.43
N SER B 234 87.67 3.70 -29.30
CA SER B 234 87.94 2.30 -28.99
C SER B 234 87.53 2.03 -27.54
N LYS B 235 86.35 1.44 -27.35
CA LYS B 235 85.79 1.18 -26.03
C LYS B 235 85.70 2.47 -25.21
N HIS B 236 85.33 3.56 -25.87
CA HIS B 236 85.24 4.86 -25.23
C HIS B 236 84.20 5.70 -25.96
N ILE B 237 84.18 7.00 -25.67
CA ILE B 237 83.24 7.93 -26.28
C ILE B 237 84.01 9.14 -26.77
N ARG B 238 83.47 9.80 -27.80
CA ARG B 238 84.01 11.09 -28.22
C ARG B 238 83.84 12.13 -27.11
N HIS B 239 82.77 12.01 -26.33
CA HIS B 239 82.41 12.85 -25.19
C HIS B 239 82.02 14.26 -25.60
N ASP B 240 82.16 14.62 -26.86
CA ASP B 240 81.73 15.93 -27.33
C ASP B 240 80.81 15.85 -28.54
N LEU B 241 81.06 14.91 -29.45
CA LEU B 241 80.28 14.84 -30.68
C LEU B 241 78.80 14.59 -30.38
N VAL B 242 78.51 13.71 -29.42
CA VAL B 242 77.13 13.51 -28.99
C VAL B 242 76.55 14.80 -28.44
N ALA B 243 77.39 15.65 -27.85
CA ALA B 243 76.91 16.92 -27.34
C ALA B 243 76.53 17.88 -28.46
N GLU B 244 77.43 18.07 -29.44
CA GLU B 244 77.07 19.05 -30.46
C GLU B 244 76.02 18.53 -31.43
N ARG B 245 75.85 17.21 -31.54
CA ARG B 245 74.74 16.70 -32.36
C ARG B 245 73.40 17.16 -31.83
N VAL B 246 73.16 16.94 -30.53
CA VAL B 246 71.90 17.39 -29.95
C VAL B 246 71.87 18.91 -29.84
N ARG B 247 73.03 19.56 -29.70
CA ARG B 247 73.07 21.02 -29.65
C ARG B 247 72.61 21.63 -30.98
N GLN B 248 73.04 21.05 -32.10
CA GLN B 248 72.62 21.54 -33.40
C GLN B 248 71.18 21.15 -33.70
N THR B 249 70.80 19.92 -33.36
CA THR B 249 69.43 19.48 -33.65
C THR B 249 68.41 20.24 -32.80
N PHE B 250 68.72 20.46 -31.52
CA PHE B 250 67.81 21.14 -30.62
C PHE B 250 68.56 22.25 -29.88
N SER B 251 67.92 23.40 -29.77
CA SER B 251 68.53 24.54 -29.10
C SER B 251 68.47 24.36 -27.58
N ASP B 252 69.28 25.17 -26.89
CA ASP B 252 69.35 25.07 -25.43
C ASP B 252 68.04 25.50 -24.77
N GLU B 253 67.31 26.43 -25.40
CA GLU B 253 66.05 26.87 -24.82
C GLU B 253 65.05 25.73 -24.73
N ALA B 254 64.98 24.90 -25.77
CA ALA B 254 64.08 23.75 -25.73
C ALA B 254 64.47 22.78 -24.63
N LEU B 255 65.77 22.49 -24.51
CA LEU B 255 66.23 21.54 -23.50
C LEU B 255 65.95 22.04 -22.09
N GLU B 256 66.17 23.34 -21.83
CA GLU B 256 65.85 23.87 -20.51
C GLU B 256 64.34 23.97 -20.30
N LYS B 257 63.56 24.13 -21.36
CA LYS B 257 62.11 24.09 -21.23
C LYS B 257 61.62 22.71 -20.82
N LEU B 258 62.24 21.67 -21.37
CA LEU B 258 61.86 20.29 -21.05
C LEU B 258 62.56 19.76 -19.79
N ASP B 259 63.34 20.61 -19.11
CA ASP B 259 64.11 20.21 -17.92
C ASP B 259 65.10 19.10 -18.24
N LEU B 260 65.74 19.20 -19.40
CA LEU B 260 66.87 18.35 -19.78
C LEU B 260 68.06 19.19 -20.20
N LYS B 261 68.36 20.23 -19.41
CA LYS B 261 69.49 21.09 -19.72
C LYS B 261 70.79 20.30 -19.72
N LEU B 262 71.61 20.53 -20.74
CA LEU B 262 72.87 19.80 -20.87
C LEU B 262 73.82 20.18 -19.74
N ALA B 263 74.51 19.18 -19.21
CA ALA B 263 75.50 19.35 -18.15
C ALA B 263 76.77 18.60 -18.50
N GLU B 264 77.25 18.80 -19.73
CA GLU B 264 78.42 18.06 -20.21
C GLU B 264 79.67 18.39 -19.42
N ASN B 265 79.69 19.50 -18.68
CA ASN B 265 80.82 19.79 -17.80
C ASN B 265 80.95 18.75 -16.70
N LYS B 266 79.83 18.32 -16.14
CA LYS B 266 79.80 17.32 -15.09
C LYS B 266 79.58 15.93 -15.69
N ASP B 267 80.13 14.92 -15.03
CA ASP B 267 79.99 13.55 -15.52
C ASP B 267 78.54 13.08 -15.51
N THR B 268 77.77 13.45 -14.48
CA THR B 268 76.39 12.99 -14.35
C THR B 268 75.51 13.75 -15.33
N CYS B 269 74.99 13.04 -16.33
CA CYS B 269 74.10 13.64 -17.31
C CYS B 269 73.22 12.54 -17.90
N TRP B 270 72.01 12.92 -18.32
CA TRP B 270 71.09 11.94 -18.87
C TRP B 270 71.61 11.36 -20.18
N LEU B 271 72.23 12.20 -21.02
CA LEU B 271 72.82 11.70 -22.25
C LEU B 271 73.95 10.72 -21.98
N LYS B 272 74.83 11.05 -21.03
CA LYS B 272 75.90 10.15 -20.67
C LYS B 272 75.36 8.85 -20.07
N SER B 273 74.31 8.97 -19.26
CA SER B 273 73.68 7.77 -18.70
C SER B 273 73.11 6.87 -19.79
N ILE B 274 72.48 7.47 -20.80
CA ILE B 274 71.94 6.69 -21.92
C ILE B 274 73.07 6.00 -22.67
N PHE B 275 74.15 6.74 -22.96
CA PHE B 275 75.27 6.13 -23.66
C PHE B 275 75.90 5.01 -22.84
N ARG B 276 75.92 5.16 -21.52
CA ARG B 276 76.47 4.13 -20.65
C ARG B 276 75.45 2.99 -20.52
N LYS B 277 75.73 2.05 -19.60
CA LYS B 277 74.83 0.93 -19.40
C LYS B 277 73.47 1.41 -18.89
N HIS B 278 72.41 0.75 -19.36
CA HIS B 278 71.05 1.10 -18.98
C HIS B 278 70.61 0.24 -17.81
N ARG B 279 70.24 0.89 -16.70
CA ARG B 279 69.92 0.18 -15.47
C ARG B 279 68.46 0.34 -15.04
N LYS B 280 67.69 1.19 -15.71
CA LYS B 280 66.31 1.43 -15.31
C LYS B 280 65.50 1.76 -16.57
N ALA B 281 64.31 2.32 -16.39
CA ALA B 281 63.42 2.65 -17.50
C ALA B 281 63.51 4.14 -17.78
N PHE B 282 64.27 4.50 -18.80
CA PHE B 282 64.34 5.90 -19.23
C PHE B 282 63.03 6.33 -19.88
N SER B 283 62.71 7.60 -19.71
CA SER B 283 61.47 8.13 -20.27
C SER B 283 61.53 8.13 -21.79
N TYR B 284 60.38 8.42 -22.41
CA TYR B 284 60.29 8.38 -23.86
C TYR B 284 61.11 9.52 -24.48
N LEU B 285 61.14 10.68 -23.83
CA LEU B 285 61.87 11.82 -24.37
C LEU B 285 63.36 11.54 -24.46
N GLN B 286 63.94 10.89 -23.46
CA GLN B 286 65.36 10.61 -23.48
C GLN B 286 65.74 9.74 -24.67
N HIS B 287 64.81 8.90 -25.15
CA HIS B 287 65.07 8.13 -26.35
C HIS B 287 64.77 8.92 -27.61
N SER B 288 63.66 9.68 -27.61
CA SER B 288 63.21 10.38 -28.81
C SER B 288 64.18 11.48 -29.21
N ILE B 289 64.71 12.22 -28.24
CA ILE B 289 65.65 13.30 -28.56
C ILE B 289 66.88 12.73 -29.24
N VAL B 290 67.43 11.64 -28.69
CA VAL B 290 68.61 11.02 -29.28
C VAL B 290 68.28 10.47 -30.66
N TRP B 291 67.11 9.84 -30.82
CA TRP B 291 66.72 9.28 -32.10
C TRP B 291 66.62 10.36 -33.17
N GLN B 292 66.01 11.50 -32.82
CA GLN B 292 65.85 12.57 -33.80
C GLN B 292 67.17 13.28 -34.07
N ALA B 293 68.06 13.35 -33.08
CA ALA B 293 69.34 14.01 -33.29
C ALA B 293 70.31 13.16 -34.10
N LEU B 294 70.20 11.84 -34.00
CA LEU B 294 71.14 10.93 -34.67
C LEU B 294 70.60 10.40 -35.99
N LEU B 295 69.34 9.98 -36.03
CA LEU B 295 68.72 9.40 -37.22
C LEU B 295 67.48 10.21 -37.57
N PRO B 296 67.62 11.30 -38.32
CA PRO B 296 66.46 12.17 -38.60
C PRO B 296 65.48 11.59 -39.62
N LYS B 297 65.85 10.54 -40.36
CA LYS B 297 65.02 10.02 -41.43
C LYS B 297 64.33 8.71 -41.05
N LEU B 298 64.24 8.42 -39.75
CA LEU B 298 63.55 7.24 -39.26
C LEU B 298 62.55 7.65 -38.19
N THR B 299 61.32 7.14 -38.32
CA THR B 299 60.28 7.43 -37.35
C THR B 299 60.34 6.42 -36.21
N VAL B 300 59.40 6.54 -35.27
CA VAL B 300 59.46 5.77 -34.04
C VAL B 300 59.23 4.28 -34.30
N ILE B 301 58.33 3.95 -35.23
CA ILE B 301 57.91 2.56 -35.40
C ILE B 301 59.05 1.70 -35.93
N GLU B 302 59.68 2.14 -37.02
CA GLU B 302 60.77 1.34 -37.58
C GLU B 302 62.01 1.40 -36.70
N ALA B 303 62.19 2.49 -35.94
CA ALA B 303 63.27 2.52 -34.95
C ALA B 303 63.08 1.46 -33.89
N LEU B 304 61.85 1.33 -33.39
CA LEU B 304 61.55 0.27 -32.42
C LEU B 304 61.73 -1.10 -33.04
N GLN B 305 61.29 -1.27 -34.29
CA GLN B 305 61.44 -2.56 -34.97
C GLN B 305 62.91 -2.93 -35.11
N GLN B 306 63.75 -1.98 -35.52
CA GLN B 306 65.18 -2.25 -35.65
C GLN B 306 65.81 -2.54 -34.30
N ALA B 307 65.41 -1.80 -33.26
CA ALA B 307 65.99 -2.03 -31.93
C ALA B 307 65.63 -3.41 -31.41
N SER B 308 64.38 -3.84 -31.59
CA SER B 308 63.94 -5.12 -31.07
C SER B 308 64.28 -6.29 -31.99
N ALA B 309 64.70 -6.02 -33.23
CA ALA B 309 65.05 -7.12 -34.14
C ALA B 309 66.26 -7.88 -33.63
N LEU B 310 67.25 -7.18 -33.09
CA LEU B 310 68.45 -7.82 -32.56
C LEU B 310 68.85 -7.21 -31.22
N ALA C 3 -1.79 -17.00 8.55
CA ALA C 3 -0.91 -17.38 9.65
C ALA C 3 -0.31 -18.76 9.42
N THR C 4 -0.88 -19.49 8.46
CA THR C 4 -0.42 -20.83 8.12
C THR C 4 -0.10 -20.92 6.64
N ARG C 5 0.99 -21.60 6.31
CA ARG C 5 1.41 -21.80 4.93
C ARG C 5 1.08 -23.23 4.51
N ILE C 6 0.35 -23.36 3.41
CA ILE C 6 -0.11 -24.65 2.91
C ILE C 6 0.58 -24.94 1.60
N GLN C 7 1.18 -26.13 1.49
CA GLN C 7 1.79 -26.55 0.24
C GLN C 7 0.73 -26.74 -0.84
N ALA C 8 1.10 -26.47 -2.08
CA ALA C 8 0.17 -26.49 -3.20
C ALA C 8 0.26 -27.81 -3.95
N VAL C 9 -0.90 -28.28 -4.41
CA VAL C 9 -1.00 -29.45 -5.27
C VAL C 9 -1.71 -29.03 -6.55
N TYR C 10 -1.08 -29.30 -7.69
CA TYR C 10 -1.56 -28.76 -8.96
C TYR C 10 -2.69 -29.59 -9.52
N ARG C 11 -3.71 -28.90 -10.04
CA ARG C 11 -4.89 -29.50 -10.64
C ARG C 11 -5.04 -28.96 -12.06
N ASP C 12 -6.03 -29.49 -12.79
CA ASP C 12 -6.31 -29.06 -14.15
C ASP C 12 -7.75 -28.58 -14.26
N THR C 13 -7.97 -27.60 -15.13
CA THR C 13 -9.29 -27.06 -15.39
C THR C 13 -9.57 -27.10 -16.88
N GLY C 14 -10.84 -27.34 -17.23
CA GLY C 14 -11.21 -27.45 -18.63
C GLY C 14 -11.29 -26.12 -19.36
N VAL C 15 -11.18 -25.01 -18.64
CA VAL C 15 -11.25 -23.69 -19.27
C VAL C 15 -9.96 -23.46 -20.04
N GLU C 16 -10.09 -23.10 -21.32
CA GLU C 16 -8.93 -22.89 -22.17
C GLU C 16 -8.22 -21.58 -21.86
N ALA C 17 -8.88 -20.63 -21.21
CA ALA C 17 -8.25 -19.36 -20.90
C ALA C 17 -7.23 -19.48 -19.78
N TYR C 18 -7.31 -20.52 -18.96
CA TYR C 18 -6.38 -20.69 -17.85
C TYR C 18 -5.15 -21.50 -18.24
N ARG C 19 -5.33 -22.54 -19.07
CA ARG C 19 -4.23 -23.35 -19.57
C ARG C 19 -3.38 -23.88 -18.42
N ASP C 20 -2.10 -23.47 -18.39
CA ASP C 20 -1.19 -23.82 -17.31
C ASP C 20 -0.80 -22.55 -16.56
N ASN C 21 -1.65 -22.18 -15.61
CA ASN C 21 -1.39 -21.04 -14.73
C ASN C 21 -1.28 -21.54 -13.31
N PRO C 22 -0.11 -21.44 -12.66
CA PRO C 22 0.02 -21.98 -11.31
C PRO C 22 -0.94 -21.37 -10.30
N PHE C 23 -1.16 -20.06 -10.39
CA PHE C 23 -2.03 -19.39 -9.42
C PHE C 23 -3.47 -19.87 -9.53
N ILE C 24 -3.97 -20.03 -10.74
CA ILE C 24 -5.35 -20.47 -10.92
C ILE C 24 -5.48 -21.96 -10.61
N GLU C 25 -4.50 -22.76 -11.03
CA GLU C 25 -4.60 -24.20 -10.88
C GLU C 25 -4.18 -24.70 -9.51
N ALA C 26 -3.68 -23.83 -8.62
CA ALA C 26 -3.41 -24.21 -7.25
C ALA C 26 -4.62 -24.05 -6.33
N LEU C 27 -5.70 -23.47 -6.82
CA LEU C 27 -6.91 -23.26 -6.04
C LEU C 27 -7.78 -24.50 -6.05
N PRO C 28 -8.77 -24.58 -5.16
CA PRO C 28 -9.72 -25.71 -5.19
C PRO C 28 -10.41 -25.81 -6.54
N PRO C 29 -10.90 -27.00 -6.89
CA PRO C 29 -11.50 -27.20 -8.21
C PRO C 29 -12.78 -26.39 -8.40
N LEU C 30 -13.24 -26.36 -9.64
CA LEU C 30 -14.44 -25.60 -10.01
C LEU C 30 -15.67 -26.39 -9.63
N GLN C 31 -16.46 -25.86 -8.71
CA GLN C 31 -17.71 -26.48 -8.30
C GLN C 31 -18.90 -25.70 -8.85
N GLU C 32 -20.01 -26.40 -9.07
CA GLU C 32 -21.22 -25.75 -9.55
C GLU C 32 -21.84 -24.88 -8.46
N SER C 33 -22.61 -23.89 -8.88
CA SER C 33 -23.21 -22.95 -7.94
C SER C 33 -24.19 -23.64 -7.00
N VAL C 34 -25.01 -24.55 -7.53
CA VAL C 34 -26.05 -25.18 -6.72
C VAL C 34 -25.43 -26.04 -5.63
N ASN C 35 -24.32 -26.72 -5.94
CA ASN C 35 -23.63 -27.53 -4.95
C ASN C 35 -22.67 -26.74 -4.09
N SER C 36 -22.55 -25.43 -4.31
CA SER C 36 -21.70 -24.58 -3.49
C SER C 36 -22.47 -23.94 -2.34
N ALA C 37 -23.77 -24.16 -2.23
CA ALA C 37 -24.55 -23.66 -1.11
C ALA C 37 -24.57 -24.62 0.08
N ALA C 38 -24.20 -25.89 -0.13
CA ALA C 38 -24.10 -26.83 0.96
C ALA C 38 -22.75 -26.81 1.65
N SER C 39 -21.79 -26.07 1.10
CA SER C 39 -20.47 -25.93 1.72
C SER C 39 -20.46 -24.89 2.83
N LEU C 40 -21.54 -24.12 2.99
CA LEU C 40 -21.61 -23.10 4.02
C LEU C 40 -22.50 -23.46 5.19
N LYS C 41 -23.45 -24.38 5.01
CA LYS C 41 -24.39 -24.71 6.07
C LYS C 41 -23.67 -25.33 7.26
N SER C 42 -24.05 -24.89 8.45
CA SER C 42 -23.52 -25.46 9.69
C SER C 42 -24.56 -25.29 10.78
N SER C 43 -24.47 -26.14 11.80
CA SER C 43 -25.42 -26.11 12.90
C SER C 43 -24.80 -26.74 14.12
N LEU C 44 -25.44 -26.51 15.26
CA LEU C 44 -24.97 -27.08 16.52
C LEU C 44 -25.09 -28.60 16.49
N GLN C 45 -24.09 -29.27 17.08
CA GLN C 45 -24.06 -30.72 17.16
C GLN C 45 -24.30 -31.18 18.59
N LEU C 46 -24.66 -32.47 18.72
CA LEU C 46 -24.88 -33.18 19.99
C LEU C 46 -26.14 -32.71 20.71
N THR C 47 -26.82 -31.67 20.21
CA THR C 47 -28.01 -31.18 20.87
C THR C 47 -29.18 -32.14 20.69
N SER C 48 -29.08 -33.32 21.30
CA SER C 48 -30.11 -34.35 21.14
C SER C 48 -30.59 -34.88 22.49
N SER C 49 -29.68 -34.92 23.47
CA SER C 49 -30.02 -35.45 24.79
C SER C 49 -29.48 -34.58 25.91
N ASP C 50 -29.42 -33.26 25.69
CA ASP C 50 -28.92 -32.31 26.68
C ASP C 50 -30.05 -31.63 27.44
N LEU C 51 -31.18 -32.31 27.62
CA LEU C 51 -32.35 -31.75 28.27
C LEU C 51 -32.49 -32.19 29.73
N GLN C 52 -31.49 -32.87 30.30
CA GLN C 52 -31.63 -33.37 31.65
C GLN C 52 -30.36 -33.22 32.48
N LYS C 53 -29.39 -32.42 32.02
CA LYS C 53 -28.13 -32.32 32.75
C LYS C 53 -28.22 -31.32 33.91
N SER C 54 -28.43 -30.05 33.60
CA SER C 54 -28.49 -28.99 34.62
C SER C 54 -29.05 -27.75 33.93
N ARG C 55 -29.00 -26.62 34.65
CA ARG C 55 -29.47 -25.35 34.10
C ARG C 55 -28.34 -24.44 33.63
N VAL C 56 -27.20 -24.42 34.32
CA VAL C 56 -26.07 -23.60 33.89
C VAL C 56 -25.51 -24.09 32.56
N ILE C 57 -25.37 -25.40 32.39
CA ILE C 57 -24.88 -25.96 31.13
C ILE C 57 -25.86 -25.64 30.00
N ARG C 58 -27.15 -25.83 30.24
CA ARG C 58 -28.15 -25.56 29.21
C ARG C 58 -28.28 -24.06 28.92
N ALA C 59 -27.85 -23.20 29.84
CA ALA C 59 -27.84 -21.77 29.57
C ALA C 59 -26.58 -21.33 28.85
N HIS C 60 -25.44 -21.96 29.14
CA HIS C 60 -24.20 -21.59 28.45
C HIS C 60 -24.17 -22.14 27.03
N THR C 61 -24.83 -23.28 26.78
CA THR C 61 -24.84 -23.83 25.42
C THR C 61 -25.63 -22.95 24.46
N ILE C 62 -26.74 -22.36 24.92
CA ILE C 62 -27.58 -21.56 24.04
C ILE C 62 -26.86 -20.30 23.59
N CYS C 63 -25.94 -19.77 24.41
CA CYS C 63 -25.24 -18.54 24.07
C CYS C 63 -24.34 -18.69 22.85
N ARG C 64 -24.07 -19.91 22.40
CA ARG C 64 -23.22 -20.14 21.26
C ARG C 64 -24.00 -20.28 19.95
N ILE C 65 -25.32 -20.13 19.98
CA ILE C 65 -26.11 -20.24 18.75
C ILE C 65 -25.73 -19.18 17.71
N PRO C 66 -25.65 -17.88 18.05
CA PRO C 66 -25.33 -16.90 17.01
C PRO C 66 -23.96 -17.09 16.38
N ASP C 67 -23.04 -17.76 17.05
CA ASP C 67 -21.69 -17.95 16.55
C ASP C 67 -21.50 -19.28 15.84
N ASP C 68 -22.54 -20.13 15.77
CA ASP C 68 -22.42 -21.42 15.11
C ASP C 68 -23.56 -21.76 14.16
N TYR C 69 -24.62 -20.96 14.11
CA TYR C 69 -25.75 -21.23 13.24
C TYR C 69 -25.62 -20.40 11.98
N PHE C 70 -25.53 -21.06 10.83
CA PHE C 70 -25.41 -20.39 9.55
C PHE C 70 -26.17 -21.19 8.51
N GLN C 71 -27.22 -20.59 7.94
CA GLN C 71 -28.08 -21.25 6.97
C GLN C 71 -28.08 -20.46 5.68
N PRO C 72 -27.39 -20.93 4.64
CA PRO C 72 -27.29 -20.15 3.40
C PRO C 72 -28.64 -19.94 2.75
N LEU C 73 -28.82 -18.76 2.17
CA LEU C 73 -30.03 -18.43 1.44
C LEU C 73 -29.80 -18.65 -0.06
N GLY C 74 -30.77 -18.20 -0.87
CA GLY C 74 -30.64 -18.29 -2.30
C GLY C 74 -29.87 -17.18 -2.97
N THR C 75 -29.45 -16.18 -2.21
CA THR C 75 -28.70 -15.05 -2.76
C THR C 75 -27.21 -15.19 -2.59
N HIS C 76 -26.72 -16.30 -2.03
CA HIS C 76 -25.30 -16.52 -1.86
C HIS C 76 -24.64 -17.16 -3.08
N LEU C 77 -25.42 -17.81 -3.94
CA LEU C 77 -24.85 -18.41 -5.15
C LEU C 77 -24.24 -17.34 -6.04
N LEU C 78 -24.95 -16.23 -6.26
CA LEU C 78 -24.44 -15.15 -7.09
C LEU C 78 -23.15 -14.57 -6.52
N LEU C 79 -23.14 -14.31 -5.21
CA LEU C 79 -21.95 -13.73 -4.59
C LEU C 79 -20.77 -14.69 -4.68
N SER C 80 -21.00 -15.98 -4.40
CA SER C 80 -19.92 -16.95 -4.47
C SER C 80 -19.37 -17.06 -5.89
N GLU C 81 -20.24 -17.10 -6.89
CA GLU C 81 -19.78 -17.20 -8.26
C GLU C 81 -18.99 -15.96 -8.67
N ARG C 82 -19.49 -14.77 -8.32
CA ARG C 82 -18.76 -13.55 -8.65
C ARG C 82 -17.40 -13.52 -7.98
N ILE C 83 -17.33 -13.94 -6.71
CA ILE C 83 -16.05 -13.92 -6.01
C ILE C 83 -15.07 -14.91 -6.63
N SER C 84 -15.54 -16.11 -6.97
CA SER C 84 -14.64 -17.09 -7.60
C SER C 84 -14.14 -16.61 -8.94
N VAL C 85 -15.03 -16.03 -9.75
CA VAL C 85 -14.62 -15.52 -11.06
C VAL C 85 -13.61 -14.39 -10.89
N MET C 86 -13.83 -13.50 -9.91
CA MET C 86 -12.90 -12.41 -9.69
C MET C 86 -11.54 -12.90 -9.22
N ILE C 87 -11.51 -13.92 -8.35
CA ILE C 87 -10.24 -14.43 -7.87
C ILE C 87 -9.47 -15.10 -9.01
N ARG C 88 -10.13 -15.96 -9.78
CA ARG C 88 -9.41 -16.71 -10.80
C ARG C 88 -9.06 -15.87 -12.02
N GLY C 89 -9.93 -14.91 -12.39
CA GLY C 89 -9.69 -14.09 -13.56
C GLY C 89 -8.70 -12.95 -13.33
N GLY C 90 -8.27 -12.73 -12.10
CA GLY C 90 -7.26 -11.74 -11.83
C GLY C 90 -5.84 -12.24 -11.97
N TYR C 91 -5.66 -13.49 -12.39
CA TYR C 91 -4.34 -14.08 -12.54
C TYR C 91 -3.97 -14.39 -13.98
N VAL C 92 -4.87 -14.17 -14.94
CA VAL C 92 -4.53 -14.42 -16.34
C VAL C 92 -3.46 -13.46 -16.82
N GLY C 93 -3.56 -12.18 -16.43
CA GLY C 93 -2.55 -11.22 -16.81
C GLY C 93 -1.21 -11.48 -16.15
N ARG C 94 -1.22 -11.88 -14.87
CA ARG C 94 0.00 -12.10 -14.11
C ARG C 94 0.44 -13.57 -14.19
N ASN C 95 0.69 -14.01 -15.41
CA ASN C 95 1.18 -15.36 -15.63
C ASN C 95 2.68 -15.41 -15.33
N PRO C 96 3.13 -16.19 -14.37
CA PRO C 96 4.56 -16.21 -14.05
C PRO C 96 5.37 -17.10 -14.97
N LYS C 97 4.74 -18.15 -15.51
CA LYS C 97 5.43 -19.13 -16.35
C LYS C 97 5.47 -18.60 -17.78
N THR C 98 6.51 -17.83 -18.08
CA THR C 98 6.73 -17.29 -19.42
C THR C 98 7.78 -18.13 -20.14
N GLY C 99 7.48 -18.49 -21.39
CA GLY C 99 8.36 -19.34 -22.16
C GLY C 99 9.50 -18.57 -22.81
N ASP C 100 9.95 -19.08 -23.96
CA ASP C 100 11.06 -18.46 -24.69
C ASP C 100 10.54 -17.32 -25.58
N LEU C 101 9.98 -16.32 -24.92
CA LEU C 101 9.39 -15.20 -25.65
C LEU C 101 10.45 -14.36 -26.35
N GLN C 102 11.66 -14.30 -25.81
CA GLN C 102 12.70 -13.44 -26.38
C GLN C 102 12.99 -13.81 -27.83
N LYS C 103 13.24 -15.10 -28.08
CA LYS C 103 13.54 -15.54 -29.44
C LYS C 103 12.37 -15.31 -30.37
N HIS C 104 11.14 -15.57 -29.89
CA HIS C 104 9.97 -15.40 -30.73
C HIS C 104 9.78 -13.95 -31.15
N LEU C 105 9.87 -13.03 -30.18
CA LEU C 105 9.75 -11.61 -30.51
C LEU C 105 10.87 -11.12 -31.41
N GLN C 106 12.10 -11.59 -31.17
CA GLN C 106 13.21 -11.18 -32.03
C GLN C 106 12.99 -11.66 -33.47
N ASN C 107 12.57 -12.92 -33.64
CA ASN C 107 12.32 -13.44 -34.97
C ASN C 107 11.20 -12.68 -35.65
N GLY C 108 10.12 -12.40 -34.93
CA GLY C 108 9.04 -11.64 -35.52
C GLY C 108 9.44 -10.23 -35.92
N TYR C 109 10.24 -9.58 -35.07
CA TYR C 109 10.73 -8.24 -35.40
C TYR C 109 11.61 -8.27 -36.65
N GLU C 110 12.51 -9.23 -36.75
CA GLU C 110 13.36 -9.33 -37.93
C GLU C 110 12.51 -9.60 -39.18
N ARG C 111 11.51 -10.47 -39.07
CA ARG C 111 10.69 -10.81 -40.22
C ARG C 111 9.81 -9.65 -40.65
N VAL C 112 9.33 -8.83 -39.71
CA VAL C 112 8.53 -7.68 -40.10
C VAL C 112 9.42 -6.54 -40.62
N GLN C 113 10.69 -6.50 -40.19
CA GLN C 113 11.60 -5.50 -40.72
C GLN C 113 12.05 -5.84 -42.14
N THR C 114 12.27 -7.13 -42.43
CA THR C 114 12.67 -7.52 -43.78
C THR C 114 11.56 -7.23 -44.78
N GLY C 115 10.32 -7.50 -44.42
CA GLY C 115 9.18 -7.27 -45.29
C GLY C 115 8.32 -8.49 -45.53
N GLU C 116 8.73 -9.67 -45.09
CA GLU C 116 7.92 -10.88 -45.28
C GLU C 116 6.59 -10.77 -44.55
N LEU C 117 6.61 -10.31 -43.31
CA LEU C 117 5.40 -10.15 -42.52
C LEU C 117 4.84 -8.75 -42.67
N GLU C 118 3.51 -8.64 -42.66
CA GLU C 118 2.88 -7.33 -42.80
C GLU C 118 2.78 -6.62 -41.46
N THR C 119 2.42 -7.34 -40.39
CA THR C 119 2.26 -6.72 -39.08
C THR C 119 2.56 -7.75 -37.99
N PHE C 120 3.24 -7.29 -36.93
CA PHE C 120 3.51 -8.11 -35.77
C PHE C 120 3.10 -7.35 -34.50
N ARG C 121 2.66 -8.10 -33.51
CA ARG C 121 2.21 -7.52 -32.24
C ARG C 121 3.12 -8.01 -31.12
N PHE C 122 3.61 -7.07 -30.32
CA PHE C 122 4.54 -7.36 -29.24
C PHE C 122 3.79 -7.52 -27.92
N GLU C 123 4.54 -7.65 -26.83
CA GLU C 123 3.95 -7.86 -25.52
C GLU C 123 3.19 -6.62 -25.06
N GLU C 124 2.10 -6.86 -24.33
CA GLU C 124 1.29 -5.78 -23.77
C GLU C 124 0.96 -6.09 -22.32
N ALA C 125 0.86 -5.05 -21.52
CA ALA C 125 0.62 -5.19 -20.09
C ALA C 125 -0.84 -5.51 -19.79
N ARG C 126 -1.07 -6.05 -18.60
CA ARG C 126 -2.42 -6.36 -18.16
C ARG C 126 -3.22 -5.08 -17.94
N SER C 127 -4.46 -5.07 -18.42
CA SER C 127 -5.33 -3.91 -18.27
C SER C 127 -5.94 -3.92 -16.87
N THR C 128 -6.93 -3.06 -16.65
CA THR C 128 -7.57 -2.97 -15.34
C THR C 128 -8.33 -4.25 -15.02
N ALA C 129 -8.32 -4.64 -13.76
CA ALA C 129 -9.06 -5.80 -13.29
C ALA C 129 -10.42 -5.38 -12.75
N GLN C 130 -11.34 -6.33 -12.70
CA GLN C 130 -12.71 -6.02 -12.32
C GLN C 130 -12.80 -5.73 -10.82
N SER C 131 -13.76 -4.88 -10.46
CA SER C 131 -14.03 -4.52 -9.08
C SER C 131 -15.51 -4.73 -8.79
N LEU C 132 -15.81 -5.24 -7.60
CA LEU C 132 -17.17 -5.54 -7.20
C LEU C 132 -17.59 -4.62 -6.06
N LEU C 133 -18.85 -4.21 -6.08
CA LEU C 133 -19.43 -3.36 -5.05
C LEU C 133 -20.54 -4.12 -4.37
N LEU C 134 -20.40 -4.33 -3.06
CA LEU C 134 -21.42 -5.00 -2.26
C LEU C 134 -21.99 -3.98 -1.28
N ILE C 135 -23.25 -3.64 -1.46
CA ILE C 135 -23.93 -2.65 -0.61
C ILE C 135 -25.15 -3.33 0.01
N GLY C 136 -25.26 -3.25 1.32
CA GLY C 136 -26.37 -3.88 2.01
C GLY C 136 -26.59 -3.27 3.36
N CYS C 137 -27.82 -3.39 3.85
CA CYS C 137 -28.18 -2.85 5.14
C CYS C 137 -27.38 -3.52 6.24
N SER C 138 -27.05 -2.75 7.27
CA SER C 138 -26.28 -3.28 8.39
C SER C 138 -27.08 -4.35 9.12
N GLY C 139 -26.42 -5.46 9.45
CA GLY C 139 -27.08 -6.58 10.09
C GLY C 139 -27.53 -7.66 9.14
N SER C 140 -27.23 -7.55 7.86
CA SER C 140 -27.62 -8.56 6.88
C SER C 140 -26.56 -9.63 6.68
N GLY C 141 -25.42 -9.53 7.35
CA GLY C 141 -24.39 -10.54 7.26
C GLY C 141 -23.39 -10.32 6.15
N LYS C 142 -22.90 -9.08 6.03
CA LYS C 142 -21.93 -8.76 4.98
C LYS C 142 -20.51 -9.13 5.36
N THR C 143 -20.26 -9.52 6.62
CA THR C 143 -18.95 -9.98 7.05
C THR C 143 -18.92 -11.47 7.35
N THR C 144 -19.96 -12.00 7.97
CA THR C 144 -20.04 -13.45 8.18
C THR C 144 -20.10 -14.20 6.86
N SER C 145 -20.91 -13.71 5.93
CA SER C 145 -21.00 -14.37 4.62
C SER C 145 -19.67 -14.35 3.90
N LEU C 146 -18.98 -13.21 3.90
CA LEU C 146 -17.66 -13.13 3.29
C LEU C 146 -16.64 -14.04 3.96
N HIS C 147 -16.64 -14.10 5.29
CA HIS C 147 -15.71 -14.99 5.98
C HIS C 147 -15.98 -16.46 5.71
N ARG C 148 -17.26 -16.87 5.68
CA ARG C 148 -17.56 -18.27 5.39
C ARG C 148 -17.30 -18.62 3.94
N ILE C 149 -17.51 -17.69 3.01
CA ILE C 149 -17.22 -17.94 1.61
C ILE C 149 -15.71 -18.05 1.39
N LEU C 150 -14.95 -17.11 1.96
CA LEU C 150 -13.50 -17.13 1.81
C LEU C 150 -12.83 -18.21 2.63
N ALA C 151 -13.55 -18.83 3.59
CA ALA C 151 -12.98 -19.92 4.36
C ALA C 151 -12.70 -21.15 3.52
N THR C 152 -13.34 -21.27 2.35
CA THR C 152 -13.07 -22.39 1.46
C THR C 152 -11.81 -22.18 0.62
N TYR C 153 -11.26 -20.97 0.58
CA TYR C 153 -10.01 -20.71 -0.10
C TYR C 153 -8.90 -20.55 0.92
N PRO C 154 -7.85 -21.37 0.90
CA PRO C 154 -6.73 -21.14 1.80
C PRO C 154 -6.09 -19.79 1.54
N GLN C 155 -5.66 -19.13 2.62
CA GLN C 155 -5.17 -17.76 2.50
C GLN C 155 -3.78 -17.70 1.88
N VAL C 156 -2.79 -18.30 2.54
CA VAL C 156 -1.41 -18.23 2.10
C VAL C 156 -1.00 -19.61 1.58
N ILE C 157 -0.64 -19.67 0.31
CA ILE C 157 -0.18 -20.89 -0.34
C ILE C 157 1.25 -20.65 -0.84
N TYR C 158 2.14 -21.58 -0.54
CA TYR C 158 3.54 -21.47 -0.91
C TYR C 158 3.83 -22.35 -2.11
N HIS C 159 4.37 -21.77 -3.17
CA HIS C 159 4.72 -22.50 -4.37
C HIS C 159 6.16 -22.98 -4.26
N ARG C 160 6.35 -24.31 -4.32
CA ARG C 160 7.70 -24.87 -4.16
C ARG C 160 8.62 -24.45 -5.30
N GLU C 161 8.11 -24.48 -6.54
CA GLU C 161 8.95 -24.14 -7.69
C GLU C 161 9.35 -22.68 -7.68
N LEU C 162 8.41 -21.79 -7.38
CA LEU C 162 8.68 -20.36 -7.34
C LEU C 162 9.10 -19.96 -5.93
N ASN C 163 9.20 -18.67 -5.67
CA ASN C 163 9.56 -18.13 -4.36
C ASN C 163 8.63 -16.98 -3.99
N VAL C 164 7.35 -17.10 -4.31
CA VAL C 164 6.35 -16.10 -4.01
C VAL C 164 5.24 -16.75 -3.19
N GLU C 165 4.85 -16.08 -2.10
CA GLU C 165 3.75 -16.55 -1.26
C GLU C 165 2.45 -15.95 -1.79
N GLN C 166 1.55 -16.80 -2.25
CA GLN C 166 0.30 -16.34 -2.86
C GLN C 166 -0.71 -16.08 -1.76
N VAL C 167 -0.97 -14.80 -1.49
CA VAL C 167 -2.00 -14.40 -0.53
C VAL C 167 -3.32 -14.33 -1.30
N VAL C 168 -4.11 -15.39 -1.19
CA VAL C 168 -5.32 -15.51 -2.00
C VAL C 168 -6.30 -14.38 -1.67
N TYR C 169 -6.51 -14.13 -0.38
CA TYR C 169 -7.42 -13.08 0.05
C TYR C 169 -6.81 -12.34 1.22
N LEU C 170 -7.38 -11.16 1.51
CA LEU C 170 -6.88 -10.34 2.61
C LEU C 170 -7.98 -9.35 2.98
N LYS C 171 -8.36 -9.35 4.26
CA LYS C 171 -9.49 -8.57 4.74
C LYS C 171 -9.01 -7.48 5.68
N ILE C 172 -9.31 -6.22 5.34
CA ILE C 172 -9.03 -5.09 6.22
C ILE C 172 -10.32 -4.34 6.44
N ASP C 173 -10.25 -3.26 7.23
CA ASP C 173 -11.36 -2.34 7.39
C ASP C 173 -10.89 -0.93 7.10
N CYS C 174 -11.82 -0.08 6.68
CA CYS C 174 -11.48 1.29 6.35
C CYS C 174 -10.96 2.03 7.58
N SER C 175 -10.17 3.07 7.34
CA SER C 175 -9.70 3.90 8.43
C SER C 175 -10.88 4.50 9.18
N HIS C 176 -10.79 4.45 10.51
CA HIS C 176 -11.93 4.86 11.33
C HIS C 176 -12.25 6.34 11.16
N ASN C 177 -11.24 7.18 10.96
CA ASN C 177 -11.47 8.61 10.79
C ASN C 177 -11.50 9.05 9.33
N GLY C 178 -11.32 8.12 8.39
CA GLY C 178 -11.40 8.45 6.98
C GLY C 178 -10.13 8.96 6.34
N SER C 179 -9.03 9.00 7.08
CA SER C 179 -7.76 9.45 6.51
C SER C 179 -7.12 8.36 5.67
N LEU C 180 -6.46 8.77 4.59
CA LEU C 180 -5.79 7.81 3.72
C LEU C 180 -4.59 7.17 4.41
N LYS C 181 -3.93 7.91 5.31
CA LYS C 181 -2.70 7.42 5.93
C LYS C 181 -2.95 6.19 6.81
N GLU C 182 -4.15 6.02 7.34
CA GLU C 182 -4.43 4.85 8.17
C GLU C 182 -5.01 3.70 7.37
N ILE C 183 -5.67 3.97 6.25
CA ILE C 183 -5.95 2.90 5.29
C ILE C 183 -4.64 2.33 4.78
N CYS C 184 -3.64 3.18 4.55
CA CYS C 184 -2.32 2.73 4.12
C CYS C 184 -1.58 1.97 5.21
N LEU C 185 -2.03 2.03 6.46
CA LEU C 185 -1.35 1.36 7.57
C LEU C 185 -2.06 0.09 8.01
N ASN C 186 -3.39 0.05 7.93
CA ASN C 186 -4.12 -1.18 8.19
C ASN C 186 -3.70 -2.28 7.23
N PHE C 187 -3.35 -1.91 6.00
CA PHE C 187 -2.83 -2.87 5.04
C PHE C 187 -1.56 -3.53 5.57
N PHE C 188 -0.61 -2.72 6.03
CA PHE C 188 0.64 -3.28 6.55
C PHE C 188 0.38 -4.11 7.81
N ARG C 189 -0.55 -3.67 8.64
CA ARG C 189 -0.89 -4.43 9.85
C ARG C 189 -1.48 -5.79 9.50
N ALA C 190 -2.35 -5.84 8.48
CA ALA C 190 -2.99 -7.09 8.12
C ALA C 190 -2.05 -8.03 7.38
N LEU C 191 -1.07 -7.49 6.64
CA LEU C 191 -0.06 -8.35 6.04
C LEU C 191 0.77 -9.09 7.06
N ASP C 192 0.80 -8.63 8.31
CA ASP C 192 1.65 -9.23 9.32
C ASP C 192 0.96 -10.31 10.14
N ARG C 193 -0.35 -10.23 10.30
CA ARG C 193 -1.07 -11.29 11.02
C ARG C 193 -1.32 -12.51 10.15
N ALA C 194 -1.17 -12.39 8.84
CA ALA C 194 -1.36 -13.51 7.93
C ALA C 194 -0.06 -14.20 7.55
N LEU C 195 1.06 -13.47 7.56
CA LEU C 195 2.37 -14.02 7.26
C LEU C 195 3.19 -14.09 8.54
N GLY C 196 4.45 -14.54 8.40
CA GLY C 196 5.33 -14.67 9.54
C GLY C 196 6.32 -13.54 9.70
N SER C 197 6.44 -12.70 8.67
CA SER C 197 7.39 -11.60 8.70
C SER C 197 6.79 -10.39 9.42
N ASN C 198 7.59 -9.33 9.55
CA ASN C 198 7.13 -8.08 10.12
C ASN C 198 7.21 -6.97 9.09
N TYR C 199 6.25 -6.04 9.16
CA TYR C 199 6.21 -4.91 8.24
C TYR C 199 5.91 -3.57 8.90
N GLU C 200 5.29 -3.52 10.08
CA GLU C 200 4.83 -2.26 10.64
C GLU C 200 5.99 -1.28 10.83
N ARG C 201 7.12 -1.76 11.33
CA ARG C 201 8.29 -0.92 11.55
C ARG C 201 9.26 -0.91 10.38
N ARG C 202 9.32 -1.99 9.60
CA ARG C 202 10.24 -2.02 8.47
C ARG C 202 9.77 -1.14 7.33
N TYR C 203 8.47 -1.20 7.00
CA TYR C 203 7.90 -0.45 5.88
C TYR C 203 6.95 0.64 6.35
N GLY C 204 7.04 1.05 7.61
CA GLY C 204 6.14 2.04 8.15
C GLY C 204 6.73 3.44 8.24
N LEU C 205 7.67 3.74 7.35
CA LEU C 205 8.30 5.06 7.36
C LEU C 205 7.27 6.15 7.10
N LYS C 206 7.32 7.22 7.90
CA LYS C 206 6.33 8.27 7.86
C LYS C 206 6.60 9.33 6.81
N ARG C 207 7.79 9.35 6.20
CA ARG C 207 8.13 10.39 5.25
C ARG C 207 7.48 10.18 3.89
N HIS C 208 6.96 8.99 3.62
CA HIS C 208 6.31 8.73 2.34
C HIS C 208 4.95 9.42 2.29
N GLY C 209 4.67 10.07 1.17
CA GLY C 209 3.37 10.64 0.93
C GLY C 209 2.35 9.57 0.57
N ILE C 210 1.09 10.01 0.42
CA ILE C 210 0.03 9.08 0.07
C ILE C 210 0.30 8.46 -1.29
N GLU C 211 0.72 9.27 -2.26
CA GLU C 211 1.13 8.72 -3.55
C GLU C 211 2.37 7.86 -3.41
N THR C 212 3.27 8.22 -2.50
CA THR C 212 4.39 7.33 -2.19
C THR C 212 3.94 6.10 -1.43
N MET C 213 2.88 6.23 -0.61
CA MET C 213 2.32 5.07 0.06
C MET C 213 1.74 4.08 -0.96
N LEU C 214 1.20 4.61 -2.07
CA LEU C 214 0.75 3.75 -3.15
C LEU C 214 1.86 2.82 -3.61
N ALA C 215 3.03 3.37 -3.92
CA ALA C 215 4.16 2.55 -4.36
C ALA C 215 4.72 1.69 -3.24
N LEU C 216 4.69 2.19 -2.00
CA LEU C 216 5.20 1.42 -0.87
C LEU C 216 4.40 0.15 -0.67
N MET C 217 3.07 0.23 -0.78
CA MET C 217 2.25 -0.97 -0.69
C MET C 217 2.26 -1.75 -2.01
N SER C 218 2.53 -1.09 -3.13
CA SER C 218 2.70 -1.78 -4.40
C SER C 218 3.88 -2.73 -4.36
N GLN C 219 4.99 -2.31 -3.76
CA GLN C 219 6.21 -3.12 -3.72
C GLN C 219 5.99 -4.44 -3.00
N ILE C 220 4.96 -4.54 -2.15
CA ILE C 220 4.66 -5.78 -1.46
C ILE C 220 3.39 -6.46 -1.98
N ALA C 221 2.49 -5.71 -2.63
CA ALA C 221 1.31 -6.33 -3.23
C ALA C 221 1.60 -6.92 -4.59
N ASN C 222 2.72 -6.55 -5.22
CA ASN C 222 3.14 -7.17 -6.47
C ASN C 222 4.16 -8.27 -6.24
N ALA C 223 4.99 -8.16 -5.20
CA ALA C 223 5.89 -9.26 -4.85
C ALA C 223 5.08 -10.50 -4.48
N HIS C 224 4.00 -10.32 -3.74
CA HIS C 224 3.06 -11.39 -3.48
C HIS C 224 2.04 -11.49 -4.62
N ALA C 225 1.26 -12.57 -4.59
CA ALA C 225 0.27 -12.85 -5.63
C ALA C 225 -1.14 -12.52 -5.16
N LEU C 226 -1.29 -11.40 -4.44
CA LEU C 226 -2.56 -10.99 -3.85
C LEU C 226 -3.70 -11.08 -4.85
N GLY C 227 -4.70 -11.90 -4.53
CA GLY C 227 -5.81 -12.12 -5.43
C GLY C 227 -7.01 -11.24 -5.14
N LEU C 228 -7.22 -10.91 -3.87
CA LEU C 228 -8.27 -10.00 -3.47
C LEU C 228 -7.74 -9.02 -2.43
N LEU C 229 -8.40 -7.87 -2.34
CA LEU C 229 -8.18 -6.94 -1.25
C LEU C 229 -9.55 -6.31 -0.94
N VAL C 230 -10.24 -6.88 0.04
CA VAL C 230 -11.57 -6.43 0.40
C VAL C 230 -11.46 -5.36 1.48
N ILE C 231 -12.13 -4.24 1.25
CA ILE C 231 -12.08 -3.09 2.16
C ILE C 231 -13.44 -2.95 2.81
N ASP C 232 -13.57 -3.45 4.04
CA ASP C 232 -14.82 -3.41 4.76
C ASP C 232 -15.08 -2.01 5.32
N GLU C 233 -16.36 -1.72 5.56
CA GLU C 233 -16.78 -0.49 6.24
C GLU C 233 -16.40 0.75 5.44
N ILE C 234 -16.72 0.72 4.14
CA ILE C 234 -16.34 1.83 3.26
C ILE C 234 -17.16 3.08 3.51
N GLN C 235 -18.20 3.01 4.33
CA GLN C 235 -19.04 4.16 4.59
C GLN C 235 -18.30 5.26 5.37
N HIS C 236 -17.18 4.93 6.01
CA HIS C 236 -16.44 5.92 6.77
C HIS C 236 -15.77 6.96 5.88
N LEU C 237 -15.56 6.65 4.60
CA LEU C 237 -14.93 7.61 3.70
C LEU C 237 -15.77 8.87 3.54
N SER C 238 -17.09 8.74 3.64
CA SER C 238 -17.96 9.91 3.55
C SER C 238 -17.70 10.85 4.73
N ARG C 239 -17.57 12.14 4.43
CA ARG C 239 -17.26 13.16 5.43
C ARG C 239 -15.95 12.83 6.15
N SER C 240 -14.87 12.78 5.38
CA SER C 240 -13.54 12.53 5.89
C SER C 240 -12.79 13.85 6.03
N ARG C 241 -11.51 13.78 6.35
CA ARG C 241 -10.69 14.96 6.60
C ARG C 241 -9.58 15.17 5.59
N SER C 242 -8.87 14.10 5.21
CA SER C 242 -7.71 14.26 4.33
C SER C 242 -8.11 14.65 2.91
N GLY C 243 -9.08 13.94 2.34
CA GLY C 243 -9.49 14.15 0.97
C GLY C 243 -10.85 14.83 0.89
N GLY C 244 -10.93 15.89 0.10
CA GLY C 244 -12.14 16.67 0.01
C GLY C 244 -13.23 16.07 -0.86
N SER C 245 -12.99 15.98 -2.17
CA SER C 245 -14.02 15.55 -3.11
C SER C 245 -13.94 14.06 -3.43
N GLN C 246 -12.84 13.60 -4.03
CA GLN C 246 -12.72 12.21 -4.45
C GLN C 246 -11.33 11.64 -4.22
N GLU C 247 -10.51 12.29 -3.38
CA GLU C 247 -9.12 11.87 -3.22
C GLU C 247 -9.02 10.49 -2.59
N MET C 248 -10.03 10.07 -1.83
CA MET C 248 -9.97 8.75 -1.19
C MET C 248 -9.92 7.64 -2.24
N LEU C 249 -10.83 7.67 -3.20
CA LEU C 249 -10.88 6.66 -4.26
C LEU C 249 -10.00 7.00 -5.46
N ASN C 250 -9.46 8.22 -5.52
CA ASN C 250 -8.41 8.50 -6.49
C ASN C 250 -7.18 7.65 -6.23
N PHE C 251 -6.98 7.22 -4.98
CA PHE C 251 -5.97 6.21 -4.67
C PHE C 251 -6.35 4.86 -5.27
N PHE C 252 -7.58 4.41 -5.04
CA PHE C 252 -7.97 3.05 -5.42
C PHE C 252 -8.02 2.88 -6.93
N VAL C 253 -8.44 3.91 -7.66
CA VAL C 253 -8.50 3.80 -9.12
C VAL C 253 -7.09 3.56 -9.68
N THR C 254 -6.11 4.32 -9.19
CA THR C 254 -4.73 4.13 -9.63
C THR C 254 -4.19 2.78 -9.19
N MET C 255 -4.53 2.34 -7.97
CA MET C 255 -4.04 1.06 -7.48
C MET C 255 -4.59 -0.09 -8.31
N VAL C 256 -5.85 0.00 -8.72
CA VAL C 256 -6.43 -1.04 -9.59
C VAL C 256 -5.81 -0.97 -10.99
N ASN C 257 -5.60 0.25 -11.50
CA ASN C 257 -5.07 0.39 -12.86
C ASN C 257 -3.65 -0.15 -12.96
N ILE C 258 -2.80 0.12 -11.96
CA ILE C 258 -1.38 -0.22 -12.08
C ILE C 258 -1.12 -1.63 -11.58
N ILE C 259 -1.42 -1.91 -10.31
CA ILE C 259 -1.15 -3.23 -9.75
C ILE C 259 -2.06 -4.28 -10.37
N GLY C 260 -3.36 -4.00 -10.44
CA GLY C 260 -4.31 -4.92 -11.03
C GLY C 260 -4.92 -5.92 -10.09
N VAL C 261 -4.76 -5.77 -8.78
CA VAL C 261 -5.40 -6.66 -7.83
C VAL C 261 -6.89 -6.30 -7.74
N PRO C 262 -7.80 -7.26 -7.92
CA PRO C 262 -9.22 -6.95 -7.77
C PRO C 262 -9.52 -6.44 -6.37
N VAL C 263 -10.39 -5.45 -6.28
CA VAL C 263 -10.76 -4.83 -5.02
C VAL C 263 -12.27 -4.96 -4.85
N MET C 264 -12.69 -5.48 -3.71
CA MET C 264 -14.10 -5.60 -3.37
C MET C 264 -14.42 -4.67 -2.21
N LEU C 265 -15.45 -3.85 -2.38
CA LEU C 265 -15.82 -2.83 -1.40
C LEU C 265 -17.15 -3.21 -0.78
N ILE C 266 -17.16 -3.32 0.55
CA ILE C 266 -18.37 -3.65 1.30
C ILE C 266 -18.81 -2.40 2.05
N GLY C 267 -20.06 -2.00 1.85
CA GLY C 267 -20.54 -0.76 2.43
C GLY C 267 -22.00 -0.83 2.80
N THR C 268 -22.49 0.29 3.29
CA THR C 268 -23.84 0.58 3.75
C THR C 268 -24.50 1.58 2.79
N PRO C 269 -25.84 1.52 2.61
CA PRO C 269 -26.49 2.45 1.68
C PRO C 269 -26.17 3.93 1.88
N LYS C 270 -25.48 4.26 2.97
CA LYS C 270 -24.93 5.61 3.13
C LYS C 270 -23.77 5.84 2.17
N ALA C 271 -23.06 4.79 1.79
CA ALA C 271 -21.87 4.92 0.94
C ALA C 271 -22.20 4.98 -0.54
N ARG C 272 -23.48 4.90 -0.92
CA ARG C 272 -23.83 4.99 -2.33
C ARG C 272 -23.52 6.38 -2.89
N GLU C 273 -23.76 7.42 -2.10
CA GLU C 273 -23.53 8.79 -2.54
C GLU C 273 -22.05 9.09 -2.77
N ILE C 274 -21.15 8.30 -2.18
CA ILE C 274 -19.72 8.48 -2.44
C ILE C 274 -19.42 8.22 -3.91
N PHE C 275 -19.94 7.11 -4.44
CA PHE C 275 -19.64 6.72 -5.81
C PHE C 275 -20.56 7.38 -6.83
N GLU C 276 -21.85 7.54 -6.52
CA GLU C 276 -22.80 8.08 -7.48
C GLU C 276 -22.60 9.60 -7.55
N ALA C 277 -21.49 9.99 -8.18
CA ALA C 277 -21.19 11.41 -8.35
C ALA C 277 -20.74 11.75 -9.77
N ASP C 278 -20.11 10.78 -10.44
CA ASP C 278 -19.58 11.01 -11.78
C ASP C 278 -19.36 9.67 -12.46
N LEU C 279 -19.25 9.70 -13.79
CA LEU C 279 -19.15 8.46 -14.56
C LEU C 279 -17.80 7.78 -14.36
N ARG C 280 -16.73 8.55 -14.18
CA ARG C 280 -15.40 7.97 -14.07
C ARG C 280 -15.30 7.04 -12.86
N SER C 281 -15.88 7.44 -11.73
CA SER C 281 -15.81 6.63 -10.52
C SER C 281 -16.93 5.63 -10.41
N ALA C 282 -18.13 5.95 -10.92
CA ALA C 282 -19.22 5.00 -10.88
C ALA C 282 -19.00 3.83 -11.83
N ARG C 283 -18.29 4.07 -12.95
CA ARG C 283 -17.97 2.98 -13.85
C ARG C 283 -17.00 1.99 -13.23
N ARG C 284 -16.21 2.40 -12.24
CA ARG C 284 -15.28 1.51 -11.58
C ARG C 284 -15.81 0.94 -10.28
N GLY C 285 -16.73 1.64 -9.61
CA GLY C 285 -17.38 1.05 -8.45
C GLY C 285 -18.20 -0.17 -8.83
N ALA C 286 -18.99 -0.05 -9.88
CA ALA C 286 -19.73 -1.18 -10.44
C ALA C 286 -18.96 -1.82 -11.60
N GLY C 287 -17.70 -2.19 -11.34
CA GLY C 287 -16.87 -2.74 -12.40
C GLY C 287 -17.38 -4.08 -12.91
N PHE C 288 -17.80 -4.96 -12.00
CA PHE C 288 -18.27 -6.29 -12.34
C PHE C 288 -19.69 -6.50 -11.82
N GLY C 289 -20.50 -5.45 -11.88
CA GLY C 289 -21.83 -5.50 -11.33
C GLY C 289 -21.86 -5.09 -9.87
N ALA C 290 -23.03 -4.62 -9.44
CA ALA C 290 -23.23 -4.17 -8.07
C ALA C 290 -24.29 -5.04 -7.40
N ILE C 291 -23.95 -5.58 -6.24
CA ILE C 291 -24.86 -6.42 -5.48
C ILE C 291 -25.52 -5.58 -4.39
N PHE C 292 -26.83 -5.48 -4.44
CA PHE C 292 -27.60 -4.72 -3.47
C PHE C 292 -28.47 -5.67 -2.66
N TRP C 293 -28.38 -5.59 -1.34
CA TRP C 293 -29.07 -6.49 -0.44
C TRP C 293 -30.22 -5.77 0.25
N ASP C 294 -31.29 -6.50 0.50
CA ASP C 294 -32.48 -6.02 1.18
C ASP C 294 -32.92 -7.04 2.21
N PRO C 295 -33.64 -6.61 3.25
CA PRO C 295 -34.12 -7.57 4.26
C PRO C 295 -35.07 -8.59 3.66
N ILE C 296 -35.08 -9.78 4.25
CA ILE C 296 -35.87 -10.89 3.74
C ILE C 296 -37.35 -10.51 3.76
N GLN C 297 -38.03 -10.77 2.65
CA GLN C 297 -39.46 -10.49 2.54
C GLN C 297 -40.27 -11.69 3.01
N GLN C 298 -41.31 -11.41 3.80
CA GLN C 298 -42.15 -12.49 4.33
C GLN C 298 -42.86 -13.23 3.20
N THR C 299 -43.35 -12.50 2.21
CA THR C 299 -44.06 -13.08 1.08
C THR C 299 -43.42 -12.68 -0.23
N GLN C 300 -43.51 -13.57 -1.22
CA GLN C 300 -43.00 -13.32 -2.56
C GLN C 300 -44.13 -13.53 -3.55
N ARG C 301 -44.40 -12.51 -4.37
CA ARG C 301 -45.54 -12.50 -5.30
C ARG C 301 -46.80 -12.69 -4.46
N GLY C 302 -47.66 -13.66 -4.77
CA GLY C 302 -48.87 -13.86 -4.02
C GLY C 302 -48.82 -15.03 -3.06
N LYS C 303 -47.62 -15.53 -2.78
CA LYS C 303 -47.44 -16.67 -1.90
C LYS C 303 -46.41 -16.36 -0.83
N PRO C 304 -46.49 -17.01 0.33
CA PRO C 304 -45.46 -16.82 1.35
C PRO C 304 -44.09 -17.27 0.84
N ASN C 305 -43.06 -16.53 1.23
CA ASN C 305 -41.71 -16.85 0.80
C ASN C 305 -41.26 -18.16 1.42
N GLN C 306 -40.67 -19.03 0.58
CA GLN C 306 -40.16 -20.30 1.09
C GLN C 306 -38.89 -20.13 1.90
N GLU C 307 -38.07 -19.13 1.55
CA GLU C 307 -36.80 -18.92 2.25
C GLU C 307 -37.03 -18.54 3.70
N TRP C 308 -37.99 -17.64 3.96
CA TRP C 308 -38.28 -17.26 5.35
C TRP C 308 -38.79 -18.44 6.15
N ILE C 309 -39.69 -19.23 5.58
CA ILE C 309 -40.25 -20.38 6.28
C ILE C 309 -39.14 -21.38 6.60
N ALA C 310 -38.29 -21.68 5.62
CA ALA C 310 -37.20 -22.62 5.84
C ALA C 310 -36.22 -22.11 6.89
N PHE C 311 -35.85 -20.83 6.82
CA PHE C 311 -34.90 -20.28 7.78
C PHE C 311 -35.46 -20.27 9.20
N THR C 312 -36.75 -19.96 9.36
CA THR C 312 -37.34 -19.99 10.69
C THR C 312 -37.45 -21.43 11.22
N ASP C 313 -37.93 -22.35 10.37
CA ASP C 313 -38.17 -23.71 10.83
C ASP C 313 -36.88 -24.48 11.05
N ASN C 314 -35.78 -24.06 10.41
CA ASN C 314 -34.51 -24.72 10.66
C ASN C 314 -33.93 -24.31 12.01
N LEU C 315 -34.08 -23.03 12.37
CA LEU C 315 -33.60 -22.57 13.67
C LEU C 315 -34.51 -23.02 14.80
N TRP C 316 -35.80 -23.23 14.51
CA TRP C 316 -36.74 -23.62 15.55
C TRP C 316 -36.40 -24.95 16.22
N GLN C 317 -35.60 -25.78 15.58
CA GLN C 317 -35.28 -27.10 16.12
C GLN C 317 -34.00 -27.11 16.94
N LEU C 318 -33.49 -25.95 17.35
CA LEU C 318 -32.30 -25.87 18.19
C LEU C 318 -32.65 -25.55 19.65
N GLN C 319 -33.92 -25.66 20.02
CA GLN C 319 -34.34 -25.35 21.38
C GLN C 319 -33.75 -26.34 22.37
N LEU C 320 -33.50 -25.85 23.59
CA LEU C 320 -33.00 -26.68 24.68
C LEU C 320 -33.93 -26.61 25.90
N LEU C 321 -35.21 -26.37 25.65
CA LEU C 321 -36.21 -26.35 26.72
C LEU C 321 -36.83 -27.73 26.90
N GLN C 322 -37.23 -28.02 28.14
CA GLN C 322 -37.84 -29.31 28.42
C GLN C 322 -39.18 -29.46 27.71
N ARG C 323 -40.03 -28.44 27.78
CA ARG C 323 -41.32 -28.45 27.10
C ARG C 323 -41.23 -27.81 25.72
N LYS C 324 -40.29 -28.28 24.91
CA LYS C 324 -40.13 -27.77 23.56
C LYS C 324 -41.28 -28.26 22.68
N ASP C 325 -41.70 -27.41 21.74
CA ASP C 325 -42.79 -27.72 20.83
C ASP C 325 -42.22 -28.14 19.48
N ALA C 326 -42.60 -29.34 19.02
CA ALA C 326 -42.12 -29.82 17.73
C ALA C 326 -42.64 -28.96 16.58
N LEU C 327 -43.91 -28.57 16.65
CA LEU C 327 -44.53 -27.77 15.61
C LEU C 327 -44.47 -26.30 15.97
N LEU C 328 -44.50 -25.45 14.94
CA LEU C 328 -44.46 -24.00 15.11
C LEU C 328 -45.80 -23.42 14.66
N SER C 329 -46.48 -22.73 15.58
CA SER C 329 -47.74 -22.10 15.25
C SER C 329 -47.52 -20.83 14.43
N ASP C 330 -48.49 -20.53 13.56
CA ASP C 330 -48.35 -19.38 12.67
C ASP C 330 -48.29 -18.07 13.43
N GLU C 331 -48.94 -17.99 14.60
CA GLU C 331 -48.91 -16.76 15.40
C GLU C 331 -47.49 -16.45 15.86
N VAL C 332 -46.74 -17.47 16.28
CA VAL C 332 -45.36 -17.25 16.73
C VAL C 332 -44.51 -16.73 15.58
N ARG C 333 -44.66 -17.33 14.39
CA ARG C 333 -43.89 -16.86 13.24
C ARG C 333 -44.26 -15.43 12.86
N ASP C 334 -45.55 -15.10 12.90
CA ASP C 334 -45.98 -13.75 12.58
C ASP C 334 -45.40 -12.74 13.57
N VAL C 335 -45.44 -13.07 14.86
CA VAL C 335 -44.87 -12.18 15.87
C VAL C 335 -43.36 -12.04 15.69
N TRP C 336 -42.69 -13.15 15.39
CA TRP C 336 -41.24 -13.12 15.18
C TRP C 336 -40.87 -12.21 14.02
N TYR C 337 -41.59 -12.33 12.90
CA TYR C 337 -41.30 -11.46 11.76
C TYR C 337 -41.66 -10.02 12.07
N GLU C 338 -42.74 -9.78 12.81
CA GLU C 338 -43.13 -8.42 13.16
C GLU C 338 -42.07 -7.75 14.01
N LEU C 339 -41.50 -8.47 14.97
CA LEU C 339 -40.47 -7.92 15.84
C LEU C 339 -39.08 -7.97 15.23
N SER C 340 -38.90 -8.67 14.10
CA SER C 340 -37.60 -8.74 13.45
C SER C 340 -37.50 -7.91 12.19
N GLN C 341 -38.61 -7.72 11.47
CA GLN C 341 -38.66 -6.93 10.24
C GLN C 341 -37.72 -7.46 9.16
N GLY C 342 -37.38 -8.74 9.21
CA GLY C 342 -36.56 -9.36 8.19
C GLY C 342 -35.07 -9.17 8.35
N VAL C 343 -34.62 -8.41 9.35
CA VAL C 343 -33.19 -8.23 9.56
C VAL C 343 -32.60 -9.52 10.10
N MET C 344 -31.46 -9.93 9.54
CA MET C 344 -30.88 -11.23 9.89
C MET C 344 -30.46 -11.28 11.34
N ASP C 345 -29.84 -10.22 11.85
CA ASP C 345 -29.24 -10.28 13.18
C ASP C 345 -30.30 -10.27 14.28
N ILE C 346 -31.45 -9.64 14.03
CA ILE C 346 -32.46 -9.46 15.07
C ILE C 346 -33.26 -10.74 15.20
N VAL C 347 -32.87 -11.78 14.48
CA VAL C 347 -33.53 -13.08 14.57
C VAL C 347 -32.81 -13.94 15.62
N VAL C 348 -31.50 -14.14 15.41
CA VAL C 348 -30.73 -14.99 16.32
C VAL C 348 -30.69 -14.38 17.72
N LYS C 349 -30.52 -13.06 17.81
CA LYS C 349 -30.50 -12.41 19.11
C LYS C 349 -31.85 -12.53 19.81
N LEU C 350 -32.94 -12.27 19.09
CA LEU C 350 -34.26 -12.36 19.69
C LEU C 350 -34.62 -13.78 20.09
N PHE C 351 -34.02 -14.79 19.44
CA PHE C 351 -34.24 -16.16 19.87
C PHE C 351 -33.39 -16.51 21.08
N VAL C 352 -32.12 -16.13 21.07
CA VAL C 352 -31.20 -16.51 22.16
C VAL C 352 -31.60 -15.83 23.46
N LEU C 353 -31.93 -14.54 23.41
CA LEU C 353 -32.32 -13.84 24.63
C LEU C 353 -33.62 -14.41 25.19
N ALA C 354 -34.57 -14.74 24.32
CA ALA C 354 -35.81 -15.36 24.78
C ALA C 354 -35.55 -16.71 25.41
N GLN C 355 -34.66 -17.51 24.82
CA GLN C 355 -34.31 -18.81 25.39
C GLN C 355 -33.69 -18.64 26.77
N LEU C 356 -32.77 -17.69 26.91
CA LEU C 356 -32.12 -17.47 28.20
C LEU C 356 -33.12 -16.99 29.24
N ARG C 357 -34.02 -16.08 28.86
CA ARG C 357 -35.03 -15.60 29.81
C ARG C 357 -35.96 -16.73 30.23
N ALA C 358 -36.36 -17.59 29.29
CA ALA C 358 -37.21 -18.72 29.65
C ALA C 358 -36.49 -19.68 30.58
N LEU C 359 -35.21 -19.93 30.33
CA LEU C 359 -34.43 -20.81 31.20
C LEU C 359 -34.33 -20.23 32.60
N ALA C 360 -34.06 -18.94 32.71
CA ALA C 360 -33.86 -18.34 34.04
C ALA C 360 -35.18 -18.18 34.79
N LEU C 361 -36.28 -17.91 34.08
CA LEU C 361 -37.54 -17.67 34.75
C LEU C 361 -38.09 -18.94 35.39
N GLY C 362 -38.08 -20.04 34.66
CA GLY C 362 -38.55 -21.30 35.20
C GLY C 362 -39.45 -22.09 34.27
N ASN C 363 -40.26 -21.40 33.48
CA ASN C 363 -41.16 -22.05 32.53
C ASN C 363 -40.40 -22.37 31.26
N GLU C 364 -40.45 -23.63 30.84
CA GLU C 364 -39.63 -24.13 29.73
C GLU C 364 -40.38 -24.05 28.40
N ARG C 365 -40.91 -22.88 28.07
CA ARG C 365 -41.69 -22.69 26.85
C ARG C 365 -41.45 -21.29 26.29
N ILE C 366 -41.74 -21.13 25.01
CA ILE C 366 -41.68 -19.83 24.34
C ILE C 366 -43.05 -19.55 23.73
N THR C 367 -43.58 -18.37 24.02
CA THR C 367 -44.85 -17.92 23.47
C THR C 367 -44.68 -16.51 22.90
N ALA C 368 -45.78 -15.97 22.36
CA ALA C 368 -45.74 -14.62 21.81
C ALA C 368 -45.46 -13.59 22.89
N GLY C 369 -46.06 -13.78 24.07
CA GLY C 369 -45.87 -12.81 25.15
C GLY C 369 -44.43 -12.70 25.60
N LEU C 370 -43.73 -13.83 25.71
CA LEU C 370 -42.34 -13.81 26.15
C LEU C 370 -41.46 -13.08 25.14
N LEU C 371 -41.66 -13.35 23.85
CA LEU C 371 -40.89 -12.66 22.82
C LEU C 371 -41.20 -11.16 22.81
N ARG C 372 -42.48 -10.80 22.97
CA ARG C 372 -42.84 -9.39 23.04
C ARG C 372 -42.18 -8.71 24.23
N GLN C 373 -42.17 -9.37 25.39
CA GLN C 373 -41.55 -8.77 26.57
C GLN C 373 -40.04 -8.63 26.40
N VAL C 374 -39.38 -9.64 25.83
CA VAL C 374 -37.93 -9.53 25.66
C VAL C 374 -37.60 -8.46 24.62
N TYR C 375 -38.44 -8.28 23.60
CA TYR C 375 -38.25 -7.19 22.66
C TYR C 375 -38.41 -5.84 23.36
N GLN C 376 -39.43 -5.71 24.21
CA GLN C 376 -39.66 -4.46 24.91
C GLN C 376 -38.57 -4.15 25.93
N ASP C 377 -37.89 -5.17 26.46
CA ASP C 377 -36.90 -4.97 27.49
C ASP C 377 -35.48 -4.80 26.93
N GLU C 378 -35.01 -5.80 26.17
CA GLU C 378 -33.60 -5.88 25.82
C GLU C 378 -33.26 -5.21 24.50
N LEU C 379 -34.22 -5.04 23.60
CA LEU C 379 -33.96 -4.48 22.26
C LEU C 379 -34.30 -3.00 22.18
N LYS C 380 -34.10 -2.25 23.25
CA LYS C 380 -34.47 -0.84 23.28
C LYS C 380 -33.74 0.01 22.24
N PRO C 381 -32.41 -0.05 22.11
CA PRO C 381 -31.74 0.86 21.16
C PRO C 381 -32.12 0.63 19.71
N VAL C 382 -32.66 -0.53 19.36
CA VAL C 382 -33.01 -0.83 17.96
C VAL C 382 -34.41 -0.35 17.60
N HIS C 383 -35.21 0.08 18.59
CA HIS C 383 -36.61 0.43 18.35
C HIS C 383 -36.83 1.47 17.26
N PRO C 384 -36.14 2.62 17.23
CA PRO C 384 -36.48 3.63 16.21
C PRO C 384 -36.31 3.15 14.79
N MET C 385 -35.25 2.37 14.51
CA MET C 385 -34.98 1.99 13.13
C MET C 385 -35.97 0.93 12.65
N LEU C 386 -36.32 -0.02 13.53
CA LEU C 386 -37.36 -0.98 13.18
C LEU C 386 -38.71 -0.29 13.02
N GLU C 387 -38.98 0.76 13.81
CA GLU C 387 -40.19 1.54 13.61
C GLU C 387 -40.18 2.22 12.24
N ALA C 388 -39.02 2.74 11.83
CA ALA C 388 -38.89 3.32 10.50
C ALA C 388 -39.16 2.28 9.41
N LEU C 389 -38.66 1.05 9.61
CA LEU C 389 -38.98 -0.03 8.68
C LEU C 389 -40.47 -0.30 8.63
N ARG C 390 -41.13 -0.29 9.79
CA ARG C 390 -42.57 -0.51 9.83
C ARG C 390 -43.32 0.58 9.07
N SER C 391 -42.89 1.84 9.23
CA SER C 391 -43.54 2.94 8.52
C SER C 391 -43.43 2.78 7.01
N GLY C 392 -42.22 2.47 6.52
CA GLY C 392 -42.00 2.25 5.11
C GLY C 392 -41.83 3.49 4.28
N ILE C 393 -41.92 4.67 4.87
CA ILE C 393 -41.78 5.92 4.11
C ILE C 393 -40.31 6.10 3.74
N PRO C 394 -39.99 6.40 2.47
CA PRO C 394 -38.58 6.50 2.07
C PRO C 394 -37.80 7.53 2.85
N GLU C 395 -38.34 8.74 3.04
CA GLU C 395 -37.59 9.77 3.75
C GLU C 395 -37.58 9.52 5.25
N ARG C 396 -38.64 8.90 5.79
CA ARG C 396 -38.63 8.55 7.21
C ARG C 396 -37.52 7.56 7.54
N ILE C 397 -37.32 6.58 6.66
CA ILE C 397 -36.17 5.69 6.82
C ILE C 397 -34.88 6.43 6.54
N ALA C 398 -34.88 7.35 5.57
CA ALA C 398 -33.69 8.11 5.21
C ALA C 398 -33.25 9.06 6.30
N ARG C 399 -34.09 9.32 7.31
CA ARG C 399 -33.64 10.10 8.47
C ARG C 399 -32.41 9.46 9.11
N TYR C 400 -32.40 8.13 9.22
CA TYR C 400 -31.22 7.39 9.64
C TYR C 400 -30.51 6.85 8.41
N SER C 401 -29.19 6.73 8.49
CA SER C 401 -28.36 6.50 7.33
C SER C 401 -27.59 5.19 7.39
N ASP C 402 -28.24 4.11 7.86
CA ASP C 402 -27.61 2.80 7.82
C ASP C 402 -28.60 1.70 7.44
N LEU C 403 -29.57 2.00 6.58
CA LEU C 403 -30.54 1.02 6.12
C LEU C 403 -31.07 1.43 4.75
N VAL C 404 -31.59 0.43 4.03
CA VAL C 404 -32.19 0.70 2.73
C VAL C 404 -33.41 1.59 2.90
N VAL C 405 -33.52 2.61 2.06
CA VAL C 405 -34.61 3.59 2.17
C VAL C 405 -35.61 3.42 1.04
N THR D 4 -3.11 -10.86 43.07
CA THR D 4 -3.76 -12.15 43.31
C THR D 4 -3.18 -13.23 42.42
N ARG D 5 -2.37 -14.11 42.99
CA ARG D 5 -1.72 -15.21 42.28
C ARG D 5 -2.33 -16.51 42.75
N ILE D 6 -3.27 -17.05 41.96
CA ILE D 6 -3.93 -18.31 42.25
C ILE D 6 -3.57 -19.29 41.14
N GLN D 7 -3.13 -20.49 41.54
CA GLN D 7 -2.67 -21.49 40.59
C GLN D 7 -3.85 -22.04 39.79
N ALA D 8 -3.55 -22.96 38.88
CA ALA D 8 -4.52 -23.47 37.92
C ALA D 8 -5.03 -24.84 38.37
N VAL D 9 -6.36 -24.94 38.48
CA VAL D 9 -7.05 -26.20 38.74
C VAL D 9 -8.18 -26.33 37.75
N TYR D 10 -8.29 -27.49 37.11
CA TYR D 10 -9.25 -27.71 36.02
C TYR D 10 -10.35 -28.65 36.48
N ARG D 11 -11.59 -28.19 36.37
CA ARG D 11 -12.77 -29.00 36.62
C ARG D 11 -13.70 -28.90 35.41
N ASP D 12 -14.10 -30.04 34.87
CA ASP D 12 -14.85 -30.05 33.63
C ASP D 12 -16.27 -29.54 33.83
N THR D 13 -16.87 -29.07 32.74
CA THR D 13 -18.25 -28.63 32.72
C THR D 13 -18.98 -29.37 31.60
N GLY D 14 -20.31 -29.44 31.74
CA GLY D 14 -21.10 -30.23 30.82
C GLY D 14 -21.26 -29.64 29.43
N VAL D 15 -20.88 -28.39 29.23
CA VAL D 15 -21.01 -27.77 27.92
C VAL D 15 -20.00 -28.39 26.94
N GLU D 16 -20.49 -28.79 25.77
CA GLU D 16 -19.61 -29.39 24.77
C GLU D 16 -18.66 -28.36 24.19
N ALA D 17 -19.11 -27.11 24.03
CA ALA D 17 -18.30 -26.08 23.40
C ALA D 17 -17.09 -25.69 24.23
N TYR D 18 -17.02 -26.10 25.49
CA TYR D 18 -15.90 -25.82 26.37
C TYR D 18 -15.17 -27.11 26.74
N ARG D 19 -14.97 -27.98 25.74
CA ARG D 19 -14.54 -29.34 25.99
C ARG D 19 -13.17 -29.39 26.65
N ASP D 20 -12.14 -28.91 25.95
CA ASP D 20 -10.76 -29.04 26.42
C ASP D 20 -10.05 -27.69 26.34
N ASN D 21 -10.69 -26.66 26.86
CA ASN D 21 -10.07 -25.34 26.93
C ASN D 21 -9.44 -25.17 28.31
N PRO D 22 -8.11 -25.14 28.41
CA PRO D 22 -7.48 -25.01 29.75
C PRO D 22 -7.86 -23.72 30.46
N PHE D 23 -7.98 -22.61 29.73
CA PHE D 23 -8.30 -21.33 30.37
C PHE D 23 -9.68 -21.33 30.98
N ILE D 24 -10.67 -21.90 30.28
CA ILE D 24 -12.03 -21.94 30.81
C ILE D 24 -12.10 -22.83 32.05
N GLU D 25 -11.47 -24.00 32.00
CA GLU D 25 -11.56 -24.93 33.12
C GLU D 25 -10.70 -24.51 34.29
N ALA D 26 -9.69 -23.66 34.06
CA ALA D 26 -8.90 -23.14 35.17
C ALA D 26 -9.69 -22.19 36.05
N LEU D 27 -10.76 -21.61 35.52
CA LEU D 27 -11.60 -20.71 36.31
C LEU D 27 -12.38 -21.51 37.35
N PRO D 28 -12.88 -20.83 38.39
CA PRO D 28 -13.70 -21.53 39.39
C PRO D 28 -14.90 -22.18 38.74
N PRO D 29 -15.38 -23.30 39.28
CA PRO D 29 -16.44 -24.05 38.62
C PRO D 29 -17.72 -23.24 38.50
N LEU D 30 -18.49 -23.55 37.45
CA LEU D 30 -19.74 -22.87 37.20
C LEU D 30 -20.70 -23.06 38.36
N GLN D 31 -21.40 -21.99 38.72
CA GLN D 31 -22.30 -22.00 39.87
C GLN D 31 -23.67 -21.49 39.46
N GLU D 32 -24.69 -21.94 40.17
CA GLU D 32 -26.06 -21.54 39.91
C GLU D 32 -26.33 -20.18 40.54
N SER D 33 -27.60 -19.77 40.60
CA SER D 33 -27.96 -18.47 41.15
C SER D 33 -27.80 -18.41 42.67
N VAL D 34 -27.89 -19.56 43.35
CA VAL D 34 -27.79 -19.56 44.81
C VAL D 34 -26.39 -19.16 45.24
N ASN D 35 -25.36 -19.79 44.66
CA ASN D 35 -23.99 -19.49 45.02
C ASN D 35 -23.57 -18.10 44.58
N SER D 36 -24.02 -17.65 43.41
CA SER D 36 -23.67 -16.32 42.92
C SER D 36 -24.19 -15.23 43.85
N ALA D 37 -25.43 -15.40 44.33
CA ALA D 37 -26.03 -14.42 45.24
C ALA D 37 -25.66 -14.65 46.70
N ALA D 38 -25.04 -15.78 47.02
CA ALA D 38 -24.63 -16.06 48.39
C ALA D 38 -23.15 -15.80 48.65
N SER D 39 -22.33 -15.71 47.60
CA SER D 39 -20.90 -15.46 47.77
C SER D 39 -20.56 -13.98 47.90
N LEU D 40 -21.54 -13.09 47.76
CA LEU D 40 -21.29 -11.66 47.83
C LEU D 40 -21.94 -10.96 49.01
N LYS D 41 -22.85 -11.63 49.71
CA LYS D 41 -23.52 -11.02 50.86
C LYS D 41 -22.51 -10.74 51.96
N SER D 42 -22.58 -9.54 52.53
CA SER D 42 -21.68 -9.13 53.61
C SER D 42 -22.42 -8.20 54.54
N SER D 43 -22.10 -8.30 55.83
CA SER D 43 -22.73 -7.47 56.85
C SER D 43 -21.80 -7.36 58.05
N LEU D 44 -22.06 -6.36 58.88
CA LEU D 44 -21.27 -6.17 60.09
C LEU D 44 -21.78 -7.07 61.21
N GLN D 45 -20.84 -7.59 62.00
CA GLN D 45 -21.21 -8.47 63.10
C GLN D 45 -21.99 -7.71 64.17
N LEU D 46 -21.37 -6.70 64.77
CA LEU D 46 -21.99 -5.84 65.77
C LEU D 46 -22.52 -6.66 66.95
N THR D 47 -21.60 -7.31 67.64
CA THR D 47 -21.95 -8.08 68.82
C THR D 47 -22.47 -7.17 69.92
N SER D 48 -23.26 -7.76 70.84
CA SER D 48 -23.87 -6.99 71.91
C SER D 48 -22.86 -6.45 72.92
N SER D 49 -21.62 -6.91 72.88
CA SER D 49 -20.62 -6.51 73.87
C SER D 49 -20.10 -5.09 73.66
N ASP D 50 -20.24 -4.53 72.46
CA ASP D 50 -19.70 -3.21 72.17
C ASP D 50 -20.70 -2.08 72.41
N LEU D 51 -21.91 -2.40 72.87
CA LEU D 51 -22.91 -1.35 73.09
C LEU D 51 -22.47 -0.38 74.19
N GLN D 52 -21.96 -0.91 75.29
CA GLN D 52 -21.53 -0.09 76.42
C GLN D 52 -20.00 0.04 76.37
N LYS D 53 -19.53 1.08 75.71
CA LYS D 53 -18.11 1.36 75.61
C LYS D 53 -17.93 2.84 75.26
N SER D 54 -16.69 3.23 74.96
CA SER D 54 -16.39 4.61 74.66
C SER D 54 -17.09 5.07 73.38
N ARG D 55 -17.45 6.36 73.35
CA ARG D 55 -18.14 6.90 72.18
C ARG D 55 -17.22 7.01 70.98
N VAL D 56 -15.91 7.13 71.20
CA VAL D 56 -14.96 7.31 70.10
C VAL D 56 -14.87 6.05 69.25
N ILE D 57 -14.70 4.90 69.90
CA ILE D 57 -14.60 3.64 69.18
C ILE D 57 -15.91 3.33 68.47
N ARG D 58 -17.04 3.60 69.12
CA ARG D 58 -18.33 3.43 68.46
C ARG D 58 -18.48 4.36 67.27
N ALA D 59 -17.97 5.59 67.37
CA ALA D 59 -18.04 6.51 66.23
C ALA D 59 -17.23 5.99 65.05
N HIS D 60 -16.02 5.47 65.32
CA HIS D 60 -15.25 4.86 64.23
C HIS D 60 -15.94 3.64 63.66
N THR D 61 -16.57 2.82 64.51
CA THR D 61 -17.30 1.66 64.01
C THR D 61 -18.45 2.08 63.11
N ILE D 62 -19.16 3.15 63.49
CA ILE D 62 -20.23 3.68 62.66
C ILE D 62 -19.68 4.19 61.34
N CYS D 63 -18.55 4.90 61.39
CA CYS D 63 -17.95 5.43 60.16
C CYS D 63 -17.50 4.30 59.25
N ARG D 64 -17.22 3.13 59.81
CA ARG D 64 -16.85 1.97 59.00
C ARG D 64 -18.04 1.25 58.39
N ILE D 65 -19.28 1.63 58.74
CA ILE D 65 -20.45 0.94 58.20
C ILE D 65 -20.56 1.04 56.68
N PRO D 66 -20.50 2.23 56.06
CA PRO D 66 -20.75 2.29 54.61
C PRO D 66 -19.78 1.47 53.78
N ASP D 67 -18.54 1.31 54.23
CA ASP D 67 -17.60 0.45 53.52
C ASP D 67 -17.88 -1.03 53.75
N ASP D 68 -18.32 -1.40 54.95
CA ASP D 68 -18.47 -2.79 55.34
C ASP D 68 -19.88 -3.33 55.19
N TYR D 69 -20.82 -2.55 54.65
CA TYR D 69 -22.20 -2.98 54.50
C TYR D 69 -22.55 -3.06 53.03
N PHE D 70 -23.23 -4.14 52.64
CA PHE D 70 -23.67 -4.33 51.27
C PHE D 70 -24.89 -5.24 51.25
N GLN D 71 -25.83 -4.94 50.35
CA GLN D 71 -27.05 -5.73 50.19
C GLN D 71 -27.33 -5.93 48.71
N PRO D 72 -27.21 -7.15 48.19
CA PRO D 72 -27.44 -7.36 46.75
C PRO D 72 -28.92 -7.22 46.40
N LEU D 73 -29.19 -6.44 45.36
CA LEU D 73 -30.55 -6.26 44.86
C LEU D 73 -30.83 -7.28 43.76
N GLY D 74 -31.92 -7.08 43.02
CA GLY D 74 -32.40 -8.05 42.06
C GLY D 74 -31.73 -8.07 40.71
N THR D 75 -30.65 -7.31 40.53
CA THR D 75 -29.91 -7.30 39.27
C THR D 75 -28.51 -7.89 39.40
N HIS D 76 -28.07 -8.19 40.63
CA HIS D 76 -26.73 -8.72 40.83
C HIS D 76 -26.56 -10.07 40.15
N LEU D 77 -27.57 -10.94 40.24
CA LEU D 77 -27.47 -12.26 39.61
C LEU D 77 -27.40 -12.14 38.09
N LEU D 78 -28.21 -11.25 37.49
CA LEU D 78 -28.15 -11.05 36.05
C LEU D 78 -26.77 -10.53 35.63
N LEU D 79 -26.25 -9.55 36.38
CA LEU D 79 -24.94 -9.00 36.03
C LEU D 79 -23.85 -10.07 36.17
N SER D 80 -23.92 -10.88 37.22
CA SER D 80 -22.93 -11.92 37.43
C SER D 80 -22.97 -12.95 36.31
N GLU D 81 -24.17 -13.38 35.92
CA GLU D 81 -24.30 -14.35 34.84
C GLU D 81 -23.77 -13.78 33.53
N ARG D 82 -24.12 -12.52 33.24
CA ARG D 82 -23.64 -11.90 32.00
C ARG D 82 -22.13 -11.79 31.98
N ILE D 83 -21.53 -11.38 33.10
CA ILE D 83 -20.08 -11.26 33.16
C ILE D 83 -19.41 -12.62 33.03
N SER D 84 -19.96 -13.64 33.69
CA SER D 84 -19.36 -14.98 33.58
C SER D 84 -19.43 -15.49 32.15
N VAL D 85 -20.57 -15.31 31.49
CA VAL D 85 -20.70 -15.74 30.09
C VAL D 85 -19.71 -14.97 29.22
N MET D 86 -19.56 -13.68 29.47
CA MET D 86 -18.65 -12.86 28.67
C MET D 86 -17.19 -13.30 28.84
N ILE D 87 -16.78 -13.57 30.08
CA ILE D 87 -15.40 -13.97 30.32
C ILE D 87 -15.13 -15.36 29.76
N ARG D 88 -16.08 -16.28 29.91
CA ARG D 88 -15.86 -17.65 29.47
C ARG D 88 -16.19 -17.85 27.98
N GLY D 89 -16.72 -16.85 27.30
CA GLY D 89 -17.03 -16.99 25.90
C GLY D 89 -16.07 -16.26 24.99
N GLY D 90 -15.18 -15.48 25.59
CA GLY D 90 -14.17 -14.76 24.85
C GLY D 90 -12.87 -15.50 24.62
N TYR D 91 -12.80 -16.77 25.02
CA TYR D 91 -11.61 -17.60 24.80
C TYR D 91 -11.81 -18.64 23.72
N VAL D 92 -13.00 -18.75 23.15
CA VAL D 92 -13.30 -19.83 22.23
C VAL D 92 -12.44 -19.73 20.97
N GLY D 93 -12.29 -18.52 20.44
CA GLY D 93 -11.38 -18.30 19.33
C GLY D 93 -9.93 -18.09 19.73
N ARG D 94 -9.66 -18.03 21.03
CA ARG D 94 -8.31 -17.80 21.54
C ARG D 94 -7.83 -18.95 22.43
N ASN D 95 -8.48 -20.11 22.34
CA ASN D 95 -8.08 -21.23 23.17
C ASN D 95 -6.70 -21.74 22.77
N PRO D 96 -5.90 -22.19 23.72
CA PRO D 96 -4.57 -22.73 23.41
C PRO D 96 -4.59 -24.18 22.96
N LYS D 97 -5.75 -24.83 22.95
CA LYS D 97 -5.87 -26.24 22.56
C LYS D 97 -5.79 -26.32 21.03
N THR D 98 -4.57 -26.20 20.52
CA THR D 98 -4.30 -26.30 19.09
C THR D 98 -3.13 -27.26 18.90
N GLY D 99 -3.42 -28.46 18.41
CA GLY D 99 -2.40 -29.46 18.17
C GLY D 99 -1.63 -29.19 16.90
N ASP D 100 -1.22 -30.28 16.24
CA ASP D 100 -0.48 -30.18 14.98
C ASP D 100 -1.49 -30.01 13.84
N LEU D 101 -1.98 -28.77 13.70
CA LEU D 101 -2.97 -28.46 12.68
C LEU D 101 -2.40 -28.48 11.28
N GLN D 102 -1.06 -28.43 11.14
CA GLN D 102 -0.46 -28.43 9.81
C GLN D 102 -0.77 -29.74 9.08
N LYS D 103 -0.66 -30.87 9.78
CA LYS D 103 -0.99 -32.15 9.16
C LYS D 103 -2.44 -32.20 8.73
N HIS D 104 -3.35 -31.72 9.58
CA HIS D 104 -4.77 -31.74 9.25
C HIS D 104 -5.06 -30.88 8.01
N LEU D 105 -4.51 -29.67 7.98
CA LEU D 105 -4.74 -28.78 6.84
C LEU D 105 -4.14 -29.36 5.56
N GLN D 106 -2.93 -29.92 5.65
CA GLN D 106 -2.31 -30.52 4.47
C GLN D 106 -3.12 -31.70 3.96
N ASN D 107 -3.60 -32.55 4.87
CA ASN D 107 -4.42 -33.69 4.44
C ASN D 107 -5.73 -33.23 3.82
N GLY D 108 -6.36 -32.20 4.39
CA GLY D 108 -7.58 -31.69 3.81
C GLY D 108 -7.36 -31.10 2.42
N TYR D 109 -6.28 -30.34 2.25
CA TYR D 109 -5.96 -29.77 0.95
C TYR D 109 -5.65 -30.87 -0.07
N GLU D 110 -4.95 -31.92 0.35
CA GLU D 110 -4.64 -33.02 -0.55
C GLU D 110 -5.92 -33.76 -0.94
N ARG D 111 -6.85 -33.94 0.00
CA ARG D 111 -8.05 -34.71 -0.28
C ARG D 111 -9.04 -33.91 -1.14
N VAL D 112 -9.15 -32.61 -0.91
CA VAL D 112 -10.07 -31.81 -1.71
C VAL D 112 -9.59 -31.67 -3.15
N GLN D 113 -8.29 -31.89 -3.39
CA GLN D 113 -7.72 -31.84 -4.73
C GLN D 113 -7.91 -33.15 -5.49
N THR D 114 -8.44 -34.19 -4.85
CA THR D 114 -8.68 -35.46 -5.50
C THR D 114 -10.15 -35.74 -5.75
N GLY D 115 -11.05 -34.88 -5.27
CA GLY D 115 -12.47 -35.03 -5.52
C GLY D 115 -13.22 -35.84 -4.49
N GLU D 116 -12.53 -36.50 -3.56
CA GLU D 116 -13.22 -37.28 -2.53
C GLU D 116 -13.86 -36.38 -1.49
N LEU D 117 -13.16 -35.33 -1.07
CA LEU D 117 -13.67 -34.37 -0.09
C LEU D 117 -14.20 -33.16 -0.85
N GLU D 118 -15.52 -32.99 -0.83
CA GLU D 118 -16.14 -31.92 -1.61
C GLU D 118 -15.73 -30.54 -1.11
N THR D 119 -15.69 -30.34 0.19
CA THR D 119 -15.40 -29.02 0.75
C THR D 119 -14.69 -29.17 2.08
N PHE D 120 -14.03 -28.09 2.48
CA PHE D 120 -13.28 -28.06 3.74
C PHE D 120 -13.16 -26.62 4.20
N ARG D 121 -12.90 -26.44 5.49
CA ARG D 121 -12.75 -25.13 6.10
C ARG D 121 -11.31 -24.96 6.57
N PHE D 122 -10.72 -23.81 6.25
CA PHE D 122 -9.28 -23.59 6.44
C PHE D 122 -8.97 -22.49 7.46
N GLU D 123 -9.94 -22.05 8.25
CA GLU D 123 -9.75 -20.95 9.17
C GLU D 123 -9.97 -21.39 10.61
N GLU D 124 -9.30 -20.71 11.54
CA GLU D 124 -9.50 -20.91 12.96
C GLU D 124 -9.80 -19.60 13.70
N ALA D 125 -9.71 -18.45 13.02
CA ALA D 125 -9.97 -17.17 13.65
C ALA D 125 -11.48 -16.93 13.73
N ARG D 126 -12.14 -17.78 14.51
CA ARG D 126 -13.57 -17.72 14.74
C ARG D 126 -13.78 -17.15 16.13
N SER D 127 -13.89 -15.83 16.22
CA SER D 127 -14.10 -15.15 17.49
C SER D 127 -14.82 -13.83 17.21
N THR D 128 -16.13 -13.82 17.42
CA THR D 128 -16.91 -12.61 17.24
C THR D 128 -16.48 -11.56 18.26
N ALA D 129 -16.38 -10.31 17.81
CA ALA D 129 -16.01 -9.22 18.69
C ALA D 129 -17.08 -9.02 19.76
N GLN D 130 -16.78 -9.45 20.98
CA GLN D 130 -17.73 -9.40 22.09
C GLN D 130 -17.47 -8.16 22.92
N SER D 131 -18.54 -7.46 23.29
CA SER D 131 -18.43 -6.27 24.11
C SER D 131 -19.77 -5.98 24.77
N LEU D 132 -19.71 -5.17 25.84
CA LEU D 132 -20.91 -4.69 26.50
C LEU D 132 -20.60 -3.33 27.11
N LEU D 133 -21.45 -2.35 26.81
CA LEU D 133 -21.29 -0.98 27.31
C LEU D 133 -22.21 -0.83 28.51
N LEU D 134 -21.65 -1.04 29.70
CA LEU D 134 -22.42 -1.05 30.95
C LEU D 134 -22.36 0.34 31.58
N ILE D 135 -23.43 1.11 31.41
CA ILE D 135 -23.50 2.46 31.94
C ILE D 135 -24.77 2.63 32.76
N GLY D 136 -24.76 3.65 33.60
CA GLY D 136 -25.89 3.96 34.45
C GLY D 136 -25.63 5.25 35.20
N CYS D 137 -26.56 5.59 36.09
CA CYS D 137 -26.44 6.81 36.87
C CYS D 137 -25.20 6.76 37.76
N SER D 138 -24.57 7.91 37.95
CA SER D 138 -23.37 7.98 38.76
C SER D 138 -23.71 7.69 40.23
N GLY D 139 -22.89 6.85 40.85
CA GLY D 139 -23.10 6.47 42.23
C GLY D 139 -24.13 5.39 42.44
N SER D 140 -24.74 4.86 41.38
CA SER D 140 -25.77 3.85 41.49
C SER D 140 -25.21 2.44 41.72
N GLY D 141 -23.90 2.32 41.92
CA GLY D 141 -23.30 1.02 42.14
C GLY D 141 -22.59 0.43 40.95
N LYS D 142 -22.06 1.27 40.05
CA LYS D 142 -21.33 0.76 38.89
C LYS D 142 -19.88 0.44 39.20
N THR D 143 -19.40 0.75 40.40
CA THR D 143 -18.03 0.44 40.81
C THR D 143 -17.95 -0.51 41.99
N THR D 144 -18.73 -0.29 43.04
CA THR D 144 -18.68 -1.20 44.20
C THR D 144 -19.25 -2.57 43.86
N SER D 145 -20.42 -2.59 43.23
CA SER D 145 -21.00 -3.87 42.82
C SER D 145 -20.14 -4.57 41.78
N LEU D 146 -19.56 -3.82 40.84
CA LEU D 146 -18.64 -4.43 39.88
C LEU D 146 -17.41 -5.00 40.57
N HIS D 147 -16.88 -4.30 41.57
CA HIS D 147 -15.76 -4.84 42.34
C HIS D 147 -16.14 -6.15 43.00
N ARG D 148 -17.31 -6.19 43.63
CA ARG D 148 -17.74 -7.40 44.31
C ARG D 148 -17.95 -8.55 43.32
N ILE D 149 -18.51 -8.24 42.15
CA ILE D 149 -18.73 -9.28 41.14
C ILE D 149 -17.40 -9.81 40.62
N LEU D 150 -16.47 -8.91 40.32
CA LEU D 150 -15.20 -9.32 39.74
C LEU D 150 -14.26 -9.96 40.74
N ALA D 151 -14.47 -9.72 42.04
CA ALA D 151 -13.61 -10.32 43.05
C ALA D 151 -13.77 -11.84 43.12
N THR D 152 -14.88 -12.38 42.60
CA THR D 152 -15.08 -13.83 42.63
C THR D 152 -14.05 -14.55 41.76
N TYR D 153 -13.75 -14.01 40.59
CA TYR D 153 -12.80 -14.63 39.67
C TYR D 153 -11.38 -14.19 40.01
N PRO D 154 -10.45 -15.13 40.18
CA PRO D 154 -9.04 -14.74 40.40
C PRO D 154 -8.49 -13.94 39.23
N GLN D 155 -7.67 -12.94 39.56
CA GLN D 155 -7.17 -12.05 38.51
C GLN D 155 -6.10 -12.73 37.66
N VAL D 156 -5.17 -13.45 38.30
CA VAL D 156 -4.03 -14.05 37.61
C VAL D 156 -4.03 -15.55 37.86
N ILE D 157 -3.86 -16.33 36.80
CA ILE D 157 -3.78 -17.78 36.86
C ILE D 157 -2.49 -18.22 36.18
N TYR D 158 -1.75 -19.10 36.83
CA TYR D 158 -0.49 -19.63 36.30
C TYR D 158 -0.67 -21.11 35.99
N HIS D 159 -0.31 -21.50 34.77
CA HIS D 159 -0.39 -22.89 34.33
C HIS D 159 1.00 -23.50 34.32
N ARG D 160 1.12 -24.70 34.90
CA ARG D 160 2.41 -25.36 34.99
C ARG D 160 2.91 -25.78 33.61
N GLU D 161 2.04 -26.43 32.83
CA GLU D 161 2.45 -26.91 31.51
C GLU D 161 2.77 -25.76 30.57
N LEU D 162 1.93 -24.73 30.55
CA LEU D 162 2.12 -23.59 29.68
C LEU D 162 2.98 -22.54 30.38
N ASN D 163 3.17 -21.39 29.75
CA ASN D 163 3.94 -20.29 30.32
C ASN D 163 3.24 -18.97 30.08
N VAL D 164 1.92 -18.95 30.27
CA VAL D 164 1.10 -17.76 30.05
C VAL D 164 0.40 -17.40 31.35
N GLU D 165 0.40 -16.11 31.67
CA GLU D 165 -0.24 -15.58 32.88
C GLU D 165 -1.58 -14.99 32.49
N GLN D 166 -2.65 -15.73 32.77
CA GLN D 166 -4.00 -15.35 32.35
C GLN D 166 -4.52 -14.23 33.25
N VAL D 167 -4.77 -13.06 32.66
CA VAL D 167 -5.38 -11.95 33.37
C VAL D 167 -6.87 -11.97 33.07
N VAL D 168 -7.68 -12.42 34.04
CA VAL D 168 -9.10 -12.58 33.80
C VAL D 168 -9.78 -11.24 33.59
N TYR D 169 -9.50 -10.27 34.46
CA TYR D 169 -10.14 -8.97 34.39
C TYR D 169 -9.14 -7.89 34.77
N LEU D 170 -9.41 -6.67 34.32
CA LEU D 170 -8.59 -5.52 34.67
C LEU D 170 -9.46 -4.28 34.65
N LYS D 171 -9.34 -3.47 35.70
CA LYS D 171 -10.11 -2.24 35.85
C LYS D 171 -9.17 -1.05 35.84
N ILE D 172 -9.52 -0.03 35.05
CA ILE D 172 -8.71 1.17 34.90
C ILE D 172 -9.61 2.38 35.05
N ASP D 173 -9.09 3.43 35.69
CA ASP D 173 -9.82 4.66 35.94
C ASP D 173 -9.18 5.82 35.19
N CYS D 174 -9.96 6.88 35.01
CA CYS D 174 -9.52 8.06 34.29
C CYS D 174 -9.29 9.24 35.24
N SER D 175 -8.33 10.09 34.88
CA SER D 175 -8.03 11.27 35.67
C SER D 175 -9.16 12.30 35.56
N HIS D 176 -9.16 13.24 36.49
CA HIS D 176 -10.24 14.22 36.56
C HIS D 176 -10.33 15.04 35.27
N ASN D 177 -9.19 15.52 34.77
CA ASN D 177 -9.19 16.21 33.48
C ASN D 177 -9.44 15.22 32.35
N GLY D 178 -8.73 14.09 32.37
CA GLY D 178 -8.96 13.04 31.40
C GLY D 178 -8.27 13.26 30.07
N SER D 179 -7.73 12.18 29.49
CA SER D 179 -7.10 12.24 28.18
C SER D 179 -7.07 10.83 27.60
N LEU D 180 -6.91 10.76 26.28
CA LEU D 180 -6.87 9.48 25.59
C LEU D 180 -5.52 8.81 25.64
N LYS D 181 -4.49 9.47 26.20
CA LYS D 181 -3.14 8.94 26.23
C LYS D 181 -2.79 8.29 27.57
N GLU D 182 -3.33 8.80 28.68
CA GLU D 182 -3.03 8.24 29.99
C GLU D 182 -3.63 6.85 30.19
N ILE D 183 -4.51 6.42 29.28
CA ILE D 183 -5.14 5.11 29.42
C ILE D 183 -4.10 4.00 29.32
N CYS D 184 -3.19 4.11 28.35
CA CYS D 184 -2.15 3.09 28.20
C CYS D 184 -1.20 3.09 29.39
N LEU D 185 -0.87 4.27 29.91
CA LEU D 185 -0.02 4.34 31.08
C LEU D 185 -0.68 3.69 32.29
N ASN D 186 -1.98 3.92 32.48
CA ASN D 186 -2.72 3.27 33.55
C ASN D 186 -2.76 1.75 33.36
N PHE D 187 -2.93 1.30 32.11
CA PHE D 187 -2.89 -0.13 31.83
C PHE D 187 -1.55 -0.72 32.23
N PHE D 188 -0.46 -0.06 31.87
CA PHE D 188 0.87 -0.55 32.26
C PHE D 188 1.05 -0.54 33.77
N ARG D 189 0.61 0.53 34.43
CA ARG D 189 0.81 0.66 35.87
C ARG D 189 -0.08 -0.29 36.66
N ALA D 190 -1.15 -0.79 36.06
CA ALA D 190 -1.94 -1.85 36.69
C ALA D 190 -1.39 -3.23 36.38
N LEU D 191 -0.88 -3.45 35.17
CA LEU D 191 -0.35 -4.76 34.81
C LEU D 191 0.93 -5.07 35.57
N ASP D 192 1.83 -4.09 35.69
CA ASP D 192 3.07 -4.35 36.41
C ASP D 192 2.86 -4.46 37.92
N ARG D 193 1.67 -4.13 38.42
CA ARG D 193 1.32 -4.44 39.81
C ARG D 193 0.66 -5.80 39.93
N ALA D 194 -0.25 -6.14 39.02
CA ALA D 194 -0.86 -7.46 39.04
C ALA D 194 0.17 -8.55 38.78
N LEU D 195 1.08 -8.32 37.84
CA LEU D 195 2.15 -9.25 37.51
C LEU D 195 3.48 -8.67 37.98
N GLY D 196 4.51 -9.53 37.95
CA GLY D 196 5.85 -9.09 38.31
C GLY D 196 6.74 -8.92 37.10
N SER D 197 6.96 -7.66 36.71
CA SER D 197 7.78 -7.32 35.55
C SER D 197 8.05 -5.82 35.59
N ASN D 198 8.70 -5.31 34.55
CA ASN D 198 9.00 -3.89 34.41
C ASN D 198 8.56 -3.41 33.03
N TYR D 199 7.34 -3.77 32.63
CA TYR D 199 6.85 -3.43 31.30
C TYR D 199 6.84 -1.92 31.09
N GLU D 200 6.37 -1.17 32.09
CA GLU D 200 6.34 0.29 31.96
C GLU D 200 7.74 0.85 31.78
N ARG D 201 8.71 0.35 32.55
CA ARG D 201 10.07 0.86 32.44
C ARG D 201 10.77 0.33 31.19
N ARG D 202 10.56 -0.96 30.87
CA ARG D 202 11.31 -1.56 29.78
C ARG D 202 10.81 -1.11 28.41
N TYR D 203 9.49 -1.03 28.23
CA TYR D 203 8.92 -0.69 26.94
C TYR D 203 8.07 0.57 26.98
N GLY D 204 7.27 0.76 28.01
CA GLY D 204 6.35 1.89 28.07
C GLY D 204 7.04 3.21 28.37
N LEU D 205 7.92 3.65 27.49
CA LEU D 205 8.61 4.92 27.66
C LEU D 205 7.75 6.07 27.16
N LYS D 206 8.22 7.29 27.42
CA LYS D 206 7.50 8.49 27.02
C LYS D 206 7.74 8.86 25.56
N ARG D 207 8.72 8.25 24.90
CA ARG D 207 9.03 8.62 23.53
C ARG D 207 7.95 8.14 22.56
N HIS D 208 7.44 6.94 22.77
CA HIS D 208 6.51 6.34 21.82
C HIS D 208 5.18 7.09 21.82
N GLY D 209 4.56 7.16 20.64
CA GLY D 209 3.30 7.85 20.47
C GLY D 209 2.11 6.99 20.87
N ILE D 210 0.93 7.59 20.77
CA ILE D 210 -0.29 6.91 21.19
C ILE D 210 -0.57 5.69 20.31
N GLU D 211 -0.33 5.82 19.00
CA GLU D 211 -0.53 4.67 18.11
C GLU D 211 0.44 3.55 18.44
N THR D 212 1.69 3.88 18.74
CA THR D 212 2.65 2.87 19.18
C THR D 212 2.22 2.25 20.50
N MET D 213 1.65 3.07 21.40
CA MET D 213 1.13 2.53 22.64
C MET D 213 0.03 1.51 22.39
N LEU D 214 -0.90 1.81 21.48
CA LEU D 214 -1.96 0.86 21.16
C LEU D 214 -1.41 -0.40 20.53
N ALA D 215 -0.42 -0.24 19.64
CA ALA D 215 0.18 -1.41 18.98
C ALA D 215 0.86 -2.32 20.00
N LEU D 216 1.62 -1.74 20.93
CA LEU D 216 2.25 -2.54 21.98
C LEU D 216 1.20 -3.13 22.93
N MET D 217 0.10 -2.40 23.17
CA MET D 217 -0.96 -2.90 24.01
C MET D 217 -1.61 -4.14 23.41
N SER D 218 -1.80 -4.17 22.10
CA SER D 218 -2.36 -5.36 21.45
C SER D 218 -1.42 -6.55 21.61
N GLN D 219 -0.11 -6.33 21.42
CA GLN D 219 0.84 -7.43 21.54
C GLN D 219 0.91 -7.95 22.97
N ILE D 220 0.90 -7.06 23.96
CA ILE D 220 0.97 -7.52 25.34
C ILE D 220 -0.34 -8.18 25.76
N ALA D 221 -1.47 -7.75 25.19
CA ALA D 221 -2.74 -8.40 25.47
C ALA D 221 -2.86 -9.74 24.76
N ASN D 222 -2.06 -9.97 23.72
CA ASN D 222 -1.97 -11.28 23.12
C ASN D 222 -0.93 -12.17 23.81
N ALA D 223 0.06 -11.58 24.48
CA ALA D 223 1.03 -12.38 25.22
C ALA D 223 0.38 -13.05 26.43
N HIS D 224 -0.46 -12.31 27.14
CA HIS D 224 -1.19 -12.82 28.30
C HIS D 224 -2.67 -12.91 27.96
N ALA D 225 -3.31 -13.99 28.43
CA ALA D 225 -4.71 -14.23 28.09
C ALA D 225 -5.63 -13.28 28.84
N LEU D 226 -5.84 -12.09 28.28
CA LEU D 226 -6.70 -11.09 28.90
C LEU D 226 -8.15 -11.37 28.53
N GLY D 227 -8.98 -11.64 29.54
CA GLY D 227 -10.36 -11.98 29.30
C GLY D 227 -11.35 -10.84 29.40
N LEU D 228 -10.94 -9.70 29.93
CA LEU D 228 -11.85 -8.57 30.09
C LEU D 228 -11.05 -7.29 30.18
N LEU D 229 -11.71 -6.17 29.89
CA LEU D 229 -11.09 -4.86 30.02
C LEU D 229 -12.17 -3.90 30.53
N VAL D 230 -12.00 -3.42 31.75
CA VAL D 230 -12.98 -2.55 32.41
C VAL D 230 -12.43 -1.14 32.45
N ILE D 231 -13.14 -0.22 31.80
CA ILE D 231 -12.86 1.21 31.89
C ILE D 231 -14.01 1.85 32.64
N ASP D 232 -13.73 2.40 33.81
CA ASP D 232 -14.76 2.90 34.70
C ASP D 232 -14.83 4.42 34.65
N GLU D 233 -16.04 4.94 34.51
CA GLU D 233 -16.31 6.38 34.57
C GLU D 233 -15.52 7.13 33.49
N ILE D 234 -15.86 6.84 32.24
CA ILE D 234 -15.29 7.58 31.12
C ILE D 234 -15.73 9.04 31.07
N GLN D 235 -16.64 9.45 31.98
CA GLN D 235 -17.05 10.84 32.04
C GLN D 235 -15.88 11.75 32.38
N HIS D 236 -14.97 11.29 33.23
CA HIS D 236 -13.80 12.08 33.58
C HIS D 236 -12.93 12.42 32.38
N LEU D 237 -13.03 11.64 31.29
CA LEU D 237 -12.29 11.97 30.08
C LEU D 237 -12.87 13.23 29.44
N SER D 238 -11.98 14.17 29.09
CA SER D 238 -12.41 15.42 28.52
C SER D 238 -12.78 15.27 27.05
N ARG D 239 -13.84 15.96 26.64
CA ARG D 239 -14.25 15.99 25.24
C ARG D 239 -13.59 17.10 24.44
N SER D 240 -12.87 18.00 25.10
CA SER D 240 -12.20 19.12 24.44
C SER D 240 -10.73 18.84 24.15
N ARG D 241 -9.97 18.43 25.17
CA ARG D 241 -8.57 18.10 24.96
C ARG D 241 -8.40 16.91 24.02
N SER D 242 -9.34 15.96 24.05
CA SER D 242 -9.25 14.80 23.20
C SER D 242 -9.30 15.18 21.72
N GLY D 243 -10.16 16.13 21.36
CA GLY D 243 -10.23 16.60 19.99
C GLY D 243 -11.61 16.86 19.45
N GLY D 244 -12.60 16.12 19.94
CA GLY D 244 -13.96 16.33 19.47
C GLY D 244 -14.89 15.26 20.03
N SER D 245 -16.15 15.34 19.60
CA SER D 245 -17.19 14.42 20.05
C SER D 245 -17.28 13.17 19.17
N GLN D 246 -16.57 13.14 18.05
CA GLN D 246 -16.54 11.96 17.18
C GLN D 246 -15.22 11.21 17.25
N GLU D 247 -14.10 11.91 17.42
CA GLU D 247 -12.80 11.24 17.40
C GLU D 247 -12.58 10.39 18.65
N MET D 248 -13.16 10.77 19.79
CA MET D 248 -13.07 9.92 20.97
C MET D 248 -13.94 8.67 20.84
N LEU D 249 -15.15 8.80 20.29
CA LEU D 249 -15.91 7.63 19.87
C LEU D 249 -15.09 6.76 18.93
N ASN D 250 -14.34 7.40 18.04
CA ASN D 250 -13.56 6.68 17.05
C ASN D 250 -12.41 5.91 17.70
N PHE D 251 -11.77 6.51 18.70
CA PHE D 251 -10.73 5.81 19.47
C PHE D 251 -11.32 4.65 20.26
N PHE D 252 -12.48 4.86 20.88
CA PHE D 252 -13.12 3.77 21.62
C PHE D 252 -13.54 2.64 20.69
N VAL D 253 -13.92 2.97 19.45
CA VAL D 253 -14.22 1.93 18.46
C VAL D 253 -12.95 1.21 18.04
N THR D 254 -11.88 1.97 17.80
CA THR D 254 -10.58 1.37 17.47
C THR D 254 -10.08 0.47 18.59
N MET D 255 -10.56 0.69 19.81
CA MET D 255 -10.21 -0.15 20.94
C MET D 255 -10.78 -1.57 20.84
N VAL D 256 -11.38 -1.93 19.69
CA VAL D 256 -11.77 -3.30 19.45
C VAL D 256 -10.67 -4.08 18.72
N ASN D 257 -9.69 -3.38 18.13
CA ASN D 257 -8.61 -4.05 17.42
C ASN D 257 -7.83 -5.01 18.32
N ILE D 258 -7.87 -4.78 19.64
CA ILE D 258 -7.29 -5.73 20.57
C ILE D 258 -7.99 -7.07 20.39
N ILE D 259 -7.21 -8.13 20.22
CA ILE D 259 -7.76 -9.43 19.86
C ILE D 259 -8.59 -9.97 21.02
N GLY D 260 -9.87 -10.23 20.75
CA GLY D 260 -10.76 -10.63 21.82
C GLY D 260 -10.86 -9.52 22.84
N VAL D 261 -10.63 -9.90 24.10
CA VAL D 261 -10.65 -8.98 25.24
C VAL D 261 -11.97 -8.21 25.21
N PRO D 262 -13.09 -8.83 25.57
CA PRO D 262 -14.36 -8.10 25.62
C PRO D 262 -14.27 -6.94 26.60
N VAL D 263 -14.40 -5.73 26.07
CA VAL D 263 -14.22 -4.52 26.86
C VAL D 263 -15.55 -4.12 27.49
N MET D 264 -15.48 -3.66 28.74
CA MET D 264 -16.64 -3.16 29.46
C MET D 264 -16.46 -1.67 29.69
N LEU D 265 -17.34 -0.86 29.11
CA LEU D 265 -17.26 0.59 29.20
C LEU D 265 -18.29 1.09 30.19
N ILE D 266 -17.84 1.87 31.17
CA ILE D 266 -18.69 2.37 32.24
C ILE D 266 -18.59 3.89 32.25
N GLY D 267 -19.75 4.55 32.28
CA GLY D 267 -19.78 5.99 32.28
C GLY D 267 -21.18 6.50 32.57
N THR D 268 -21.28 7.82 32.69
CA THR D 268 -22.55 8.48 32.92
C THR D 268 -23.42 8.41 31.66
N PRO D 269 -24.75 8.52 31.82
CA PRO D 269 -25.62 8.56 30.63
C PRO D 269 -25.33 9.70 29.67
N LYS D 270 -24.53 10.68 30.07
CA LYS D 270 -24.15 11.74 29.14
C LYS D 270 -23.37 11.21 27.95
N ALA D 271 -22.73 10.05 28.10
CA ALA D 271 -22.00 9.43 27.02
C ALA D 271 -22.87 8.60 26.09
N ARG D 272 -24.16 8.43 26.43
CA ARG D 272 -25.05 7.64 25.58
C ARG D 272 -25.24 8.29 24.21
N GLU D 273 -25.37 9.62 24.16
CA GLU D 273 -25.59 10.30 22.89
C GLU D 273 -24.44 10.08 21.92
N ILE D 274 -23.26 9.77 22.43
CA ILE D 274 -22.10 9.53 21.57
C ILE D 274 -22.29 8.25 20.77
N PHE D 275 -22.88 7.22 21.40
CA PHE D 275 -23.07 5.94 20.74
C PHE D 275 -24.39 5.81 20.01
N GLU D 276 -25.50 6.25 20.61
CA GLU D 276 -26.81 6.13 19.95
C GLU D 276 -26.95 7.22 18.90
N ALA D 277 -26.57 6.88 17.67
CA ALA D 277 -26.76 7.72 16.51
C ALA D 277 -27.34 6.99 15.31
N ASP D 278 -27.25 5.67 15.26
CA ASP D 278 -27.82 4.87 14.17
C ASP D 278 -27.89 3.42 14.62
N LEU D 279 -28.57 2.60 13.82
CA LEU D 279 -28.65 1.17 14.11
C LEU D 279 -27.28 0.49 14.08
N ARG D 280 -26.31 1.07 13.35
CA ARG D 280 -24.97 0.50 13.30
C ARG D 280 -24.36 0.41 14.69
N SER D 281 -24.39 1.50 15.45
CA SER D 281 -23.82 1.50 16.79
C SER D 281 -24.78 0.91 17.83
N ALA D 282 -26.09 0.93 17.55
CA ALA D 282 -27.06 0.27 18.42
C ALA D 282 -26.95 -1.24 18.33
N ARG D 283 -26.28 -1.77 17.30
CA ARG D 283 -26.06 -3.19 17.12
C ARG D 283 -24.72 -3.65 17.68
N ARG D 284 -23.64 -2.92 17.36
CA ARG D 284 -22.32 -3.29 17.87
C ARG D 284 -22.20 -2.98 19.35
N GLY D 285 -22.83 -1.89 19.81
CA GLY D 285 -22.76 -1.54 21.22
C GLY D 285 -23.42 -2.58 22.11
N ALA D 286 -24.62 -3.00 21.74
CA ALA D 286 -25.34 -4.05 22.47
C ALA D 286 -25.11 -5.42 21.85
N GLY D 287 -23.85 -5.84 21.78
CA GLY D 287 -23.53 -7.12 21.15
C GLY D 287 -24.15 -8.30 21.89
N PHE D 288 -24.23 -8.21 23.21
CA PHE D 288 -24.85 -9.25 24.03
C PHE D 288 -26.06 -8.71 24.79
N GLY D 289 -26.79 -7.77 24.17
CA GLY D 289 -27.93 -7.15 24.82
C GLY D 289 -27.56 -5.80 25.42
N ALA D 290 -28.58 -5.14 25.96
CA ALA D 290 -28.42 -3.84 26.61
C ALA D 290 -28.84 -3.96 28.06
N ILE D 291 -27.91 -3.64 28.97
CA ILE D 291 -28.17 -3.68 30.40
C ILE D 291 -27.89 -2.29 30.97
N PHE D 292 -28.85 -1.77 31.74
CA PHE D 292 -28.80 -0.43 32.28
C PHE D 292 -28.82 -0.48 33.80
N TRP D 293 -27.92 0.28 34.43
CA TRP D 293 -27.93 0.42 35.88
C TRP D 293 -28.90 1.52 36.29
N ASP D 294 -29.88 1.18 37.10
CA ASP D 294 -30.90 2.12 37.55
C ASP D 294 -31.01 2.07 39.06
N PRO D 295 -31.38 3.19 39.70
CA PRO D 295 -31.64 3.15 41.14
C PRO D 295 -32.81 2.24 41.46
N ILE D 296 -32.72 1.58 42.61
CA ILE D 296 -33.75 0.61 43.00
C ILE D 296 -35.03 1.34 43.36
N GLN D 297 -36.10 1.06 42.63
CA GLN D 297 -37.39 1.65 42.94
C GLN D 297 -38.04 0.91 44.11
N GLN D 298 -38.75 1.66 44.95
CA GLN D 298 -39.46 1.04 46.07
C GLN D 298 -40.54 0.09 45.56
N THR D 299 -41.30 0.51 44.56
CA THR D 299 -42.43 -0.25 44.04
C THR D 299 -42.19 -0.49 42.55
N GLN D 300 -41.42 -1.54 42.23
CA GLN D 300 -41.29 -1.95 40.84
C GLN D 300 -42.57 -2.63 40.36
N ARG D 301 -43.17 -3.45 41.22
CA ARG D 301 -44.51 -3.98 41.05
C ARG D 301 -45.47 -3.17 41.93
N GLY D 302 -46.72 -3.62 42.02
CA GLY D 302 -47.66 -2.94 42.89
C GLY D 302 -47.25 -3.01 44.34
N LYS D 303 -46.86 -4.19 44.80
CA LYS D 303 -46.30 -4.32 46.14
C LYS D 303 -44.93 -3.67 46.19
N PRO D 304 -44.59 -2.96 47.27
CA PRO D 304 -43.22 -2.44 47.40
C PRO D 304 -42.20 -3.56 47.33
N ASN D 305 -41.07 -3.26 46.69
CA ASN D 305 -40.06 -4.27 46.41
C ASN D 305 -39.57 -4.92 47.69
N GLN D 306 -39.55 -6.26 47.70
CA GLN D 306 -39.00 -6.98 48.84
C GLN D 306 -37.52 -6.66 49.03
N GLU D 307 -36.81 -6.36 47.95
CA GLU D 307 -35.41 -5.97 48.06
C GLU D 307 -35.27 -4.69 48.88
N TRP D 308 -36.10 -3.69 48.62
CA TRP D 308 -36.02 -2.43 49.34
C TRP D 308 -36.32 -2.63 50.83
N ILE D 309 -37.37 -3.40 51.14
CA ILE D 309 -37.74 -3.62 52.54
C ILE D 309 -36.64 -4.39 53.25
N ALA D 310 -36.08 -5.42 52.61
CA ALA D 310 -35.01 -6.20 53.21
C ALA D 310 -33.78 -5.33 53.44
N PHE D 311 -33.43 -4.48 52.48
CA PHE D 311 -32.29 -3.58 52.63
C PHE D 311 -32.50 -2.63 53.81
N THR D 312 -33.69 -2.02 53.89
CA THR D 312 -33.98 -1.10 54.97
C THR D 312 -33.92 -1.80 56.32
N ASP D 313 -34.50 -3.00 56.42
CA ASP D 313 -34.49 -3.73 57.67
C ASP D 313 -33.06 -4.10 58.08
N ASN D 314 -32.28 -4.62 57.13
CA ASN D 314 -30.91 -5.02 57.43
C ASN D 314 -30.06 -3.84 57.87
N LEU D 315 -30.22 -2.68 57.22
CA LEU D 315 -29.52 -1.49 57.69
C LEU D 315 -30.03 -1.04 59.05
N TRP D 316 -31.32 -1.26 59.33
CA TRP D 316 -31.89 -0.86 60.61
C TRP D 316 -31.30 -1.69 61.76
N GLN D 317 -31.12 -2.99 61.54
CA GLN D 317 -30.57 -3.80 62.64
C GLN D 317 -29.08 -3.57 62.86
N LEU D 318 -28.45 -2.60 62.21
CA LEU D 318 -27.03 -2.30 62.39
C LEU D 318 -26.82 -1.06 63.25
N GLN D 319 -27.66 -0.87 64.25
CA GLN D 319 -27.61 0.31 65.11
C GLN D 319 -26.89 -0.02 66.41
N LEU D 320 -25.97 0.85 66.83
CA LEU D 320 -25.21 0.70 68.06
C LEU D 320 -25.50 1.91 68.95
N LEU D 321 -26.55 1.81 69.75
CA LEU D 321 -26.96 2.90 70.62
C LEU D 321 -27.42 2.33 71.96
N GLN D 322 -27.25 3.13 73.02
CA GLN D 322 -27.71 2.73 74.34
C GLN D 322 -29.24 2.57 74.36
N ARG D 323 -29.95 3.51 73.75
CA ARG D 323 -31.40 3.48 73.66
C ARG D 323 -31.77 3.18 72.21
N LYS D 324 -31.82 1.91 71.87
CA LYS D 324 -32.09 1.46 70.51
C LYS D 324 -33.47 0.80 70.45
N ASP D 325 -34.27 1.21 69.47
CA ASP D 325 -35.59 0.63 69.24
C ASP D 325 -35.54 -0.34 68.06
N ALA D 326 -36.00 -1.58 68.30
CA ALA D 326 -35.94 -2.60 67.26
C ALA D 326 -36.88 -2.28 66.10
N LEU D 327 -38.08 -1.79 66.40
CA LEU D 327 -39.06 -1.54 65.36
C LEU D 327 -38.68 -0.31 64.53
N LEU D 328 -38.93 -0.40 63.23
CA LEU D 328 -38.68 0.70 62.31
C LEU D 328 -40.01 1.24 61.80
N SER D 329 -40.19 2.55 61.92
CA SER D 329 -41.44 3.17 61.51
C SER D 329 -41.54 3.23 59.99
N ASP D 330 -42.79 3.10 59.50
CA ASP D 330 -43.03 3.20 58.06
C ASP D 330 -42.77 4.62 57.55
N GLU D 331 -43.00 5.63 58.39
CA GLU D 331 -42.69 7.01 58.00
C GLU D 331 -41.19 7.17 57.72
N VAL D 332 -40.35 6.49 58.50
CA VAL D 332 -38.91 6.55 58.26
C VAL D 332 -38.57 5.98 56.89
N ARG D 333 -39.19 4.86 56.53
CA ARG D 333 -38.93 4.26 55.22
C ARG D 333 -39.43 5.16 54.09
N ASP D 334 -40.61 5.76 54.26
CA ASP D 334 -41.12 6.67 53.23
C ASP D 334 -40.21 7.88 53.06
N VAL D 335 -39.73 8.44 54.18
CA VAL D 335 -38.81 9.56 54.12
C VAL D 335 -37.50 9.13 53.45
N TRP D 336 -37.03 7.93 53.75
CA TRP D 336 -35.80 7.44 53.13
C TRP D 336 -35.95 7.34 51.62
N TYR D 337 -37.09 6.83 51.15
CA TYR D 337 -37.33 6.83 49.70
C TYR D 337 -37.35 8.24 49.16
N GLU D 338 -38.12 9.14 49.79
CA GLU D 338 -38.32 10.47 49.24
C GLU D 338 -37.02 11.24 49.14
N LEU D 339 -36.16 11.13 50.17
CA LEU D 339 -34.86 11.80 50.13
C LEU D 339 -33.87 11.08 49.24
N SER D 340 -34.00 9.77 49.10
CA SER D 340 -32.98 8.96 48.43
C SER D 340 -33.33 8.58 47.00
N GLN D 341 -34.59 8.27 46.73
CA GLN D 341 -35.04 7.85 45.40
C GLN D 341 -34.34 6.59 44.93
N GLY D 342 -33.90 5.75 45.88
CA GLY D 342 -33.33 4.47 45.56
C GLY D 342 -31.85 4.46 45.21
N VAL D 343 -31.15 5.58 45.40
CA VAL D 343 -29.72 5.63 45.10
C VAL D 343 -28.95 5.01 46.26
N MET D 344 -28.18 3.96 45.98
CA MET D 344 -27.42 3.27 47.01
C MET D 344 -26.28 4.10 47.57
N ASP D 345 -25.84 5.14 46.87
CA ASP D 345 -24.74 5.95 47.36
C ASP D 345 -25.17 6.77 48.58
N ILE D 346 -26.40 7.27 48.58
CA ILE D 346 -26.79 8.28 49.56
C ILE D 346 -27.65 7.69 50.67
N VAL D 347 -28.21 6.50 50.47
CA VAL D 347 -29.03 5.89 51.53
C VAL D 347 -28.19 5.62 52.77
N VAL D 348 -27.07 4.91 52.59
CA VAL D 348 -26.21 4.60 53.72
C VAL D 348 -25.53 5.86 54.25
N LYS D 349 -25.21 6.79 53.35
CA LYS D 349 -24.60 8.04 53.76
C LYS D 349 -25.53 8.83 54.67
N LEU D 350 -26.80 8.94 54.29
CA LEU D 350 -27.78 9.62 55.13
C LEU D 350 -27.97 8.89 56.45
N PHE D 351 -28.04 7.56 56.41
CA PHE D 351 -28.20 6.80 57.65
C PHE D 351 -27.06 7.05 58.61
N VAL D 352 -25.82 6.95 58.12
CA VAL D 352 -24.67 7.12 59.00
C VAL D 352 -24.55 8.56 59.47
N LEU D 353 -24.88 9.53 58.61
CA LEU D 353 -24.83 10.93 59.04
C LEU D 353 -25.84 11.20 60.15
N ALA D 354 -27.07 10.70 60.00
CA ALA D 354 -28.07 10.89 61.05
C ALA D 354 -27.68 10.19 62.34
N GLN D 355 -27.18 8.97 62.24
CA GLN D 355 -26.89 8.22 63.46
C GLN D 355 -25.57 8.64 64.09
N LEU D 356 -24.73 9.40 63.38
CA LEU D 356 -23.60 10.10 63.98
C LEU D 356 -24.00 11.43 64.60
N ARG D 357 -24.94 12.15 63.99
CA ARG D 357 -25.46 13.34 64.65
C ARG D 357 -26.21 12.98 65.93
N ALA D 358 -26.80 11.79 65.98
CA ALA D 358 -27.38 11.31 67.23
C ALA D 358 -26.34 11.19 68.33
N LEU D 359 -25.16 10.65 68.00
CA LEU D 359 -24.06 10.62 68.96
C LEU D 359 -23.59 12.01 69.31
N ALA D 360 -23.51 12.90 68.31
CA ALA D 360 -23.02 14.25 68.54
C ALA D 360 -23.91 15.00 69.52
N LEU D 361 -25.22 14.87 69.38
CA LEU D 361 -26.15 15.50 70.31
C LEU D 361 -26.32 14.71 71.61
N GLY D 362 -25.82 13.48 71.66
CA GLY D 362 -25.96 12.66 72.85
C GLY D 362 -27.33 12.07 73.05
N ASN D 363 -28.22 12.17 72.05
CA ASN D 363 -29.57 11.66 72.20
C ASN D 363 -29.59 10.14 72.29
N GLU D 364 -28.68 9.47 71.58
CA GLU D 364 -28.61 8.01 71.54
C GLU D 364 -29.92 7.41 71.05
N ARG D 365 -30.54 8.08 70.09
CA ARG D 365 -31.80 7.61 69.51
C ARG D 365 -31.96 8.23 68.12
N ILE D 366 -32.87 7.64 67.35
CA ILE D 366 -33.12 8.06 65.97
C ILE D 366 -34.54 8.59 65.87
N THR D 367 -34.70 9.77 65.28
CA THR D 367 -36.01 10.40 65.10
C THR D 367 -36.15 10.89 63.66
N ALA D 368 -37.41 11.00 63.22
CA ALA D 368 -37.68 11.43 61.86
C ALA D 368 -37.36 12.91 61.66
N GLY D 369 -37.63 13.74 62.68
CA GLY D 369 -37.28 15.15 62.58
C GLY D 369 -35.79 15.36 62.37
N LEU D 370 -34.97 14.54 63.03
CA LEU D 370 -33.53 14.60 62.80
C LEU D 370 -33.19 14.25 61.36
N LEU D 371 -33.88 13.26 60.78
CA LEU D 371 -33.67 12.91 59.39
C LEU D 371 -34.00 14.09 58.47
N ARG D 372 -35.15 14.74 58.72
CA ARG D 372 -35.52 15.89 57.91
C ARG D 372 -34.50 17.01 58.03
N GLN D 373 -34.03 17.26 59.26
CA GLN D 373 -33.06 18.33 59.48
C GLN D 373 -31.74 18.03 58.77
N VAL D 374 -31.24 16.80 58.88
CA VAL D 374 -29.98 16.48 58.23
C VAL D 374 -30.12 16.52 56.71
N TYR D 375 -31.28 16.11 56.18
CA TYR D 375 -31.50 16.23 54.74
C TYR D 375 -31.48 17.69 54.30
N GLN D 376 -32.16 18.56 55.06
CA GLN D 376 -32.21 19.97 54.68
C GLN D 376 -30.86 20.64 54.84
N ASP D 377 -30.00 20.11 55.73
CA ASP D 377 -28.73 20.75 56.03
C ASP D 377 -27.59 20.28 55.13
N GLU D 378 -27.33 18.97 55.11
CA GLU D 378 -26.02 18.48 54.66
C GLU D 378 -25.91 18.34 53.15
N LEU D 379 -27.01 18.10 52.44
CA LEU D 379 -26.96 17.63 51.07
C LEU D 379 -27.12 18.75 50.04
N LYS D 380 -26.61 19.94 50.33
CA LYS D 380 -26.75 21.07 49.41
C LYS D 380 -26.14 20.80 48.03
N PRO D 381 -24.88 20.36 47.90
CA PRO D 381 -24.32 20.17 46.55
C PRO D 381 -25.06 19.14 45.71
N VAL D 382 -25.71 18.16 46.34
CA VAL D 382 -26.25 17.02 45.60
C VAL D 382 -27.74 17.19 45.32
N HIS D 383 -28.37 18.30 45.74
CA HIS D 383 -29.78 18.51 45.46
C HIS D 383 -30.14 18.39 43.99
N PRO D 384 -29.40 18.96 43.03
CA PRO D 384 -29.85 18.85 41.63
C PRO D 384 -30.30 17.45 41.26
N MET D 385 -29.50 16.43 41.57
CA MET D 385 -29.93 15.06 41.32
C MET D 385 -31.11 14.68 42.20
N LEU D 386 -31.19 15.21 43.42
CA LEU D 386 -32.29 14.83 44.31
C LEU D 386 -33.65 15.25 43.74
N GLU D 387 -33.80 16.53 43.38
CA GLU D 387 -35.06 16.96 42.76
C GLU D 387 -35.21 16.43 41.35
N ALA D 388 -34.12 16.16 40.64
CA ALA D 388 -34.23 15.53 39.31
C ALA D 388 -34.84 14.14 39.42
N LEU D 389 -34.42 13.36 40.43
CA LEU D 389 -34.98 12.04 40.64
C LEU D 389 -36.38 12.09 41.21
N ARG D 390 -36.65 13.04 42.12
CA ARG D 390 -37.99 13.21 42.66
C ARG D 390 -38.99 13.55 41.55
N SER D 391 -38.63 14.47 40.67
CA SER D 391 -39.45 14.79 39.52
C SER D 391 -39.37 13.73 38.43
N GLY D 392 -38.32 12.91 38.42
CA GLY D 392 -38.17 11.87 37.44
C GLY D 392 -37.72 12.32 36.08
N ILE D 393 -37.34 13.58 35.92
CA ILE D 393 -36.93 14.09 34.61
C ILE D 393 -35.52 13.59 34.32
N PRO D 394 -35.30 12.94 33.17
CA PRO D 394 -33.95 12.45 32.85
C PRO D 394 -32.99 13.55 32.45
N GLU D 395 -33.51 14.68 31.96
CA GLU D 395 -32.65 15.77 31.51
C GLU D 395 -31.83 16.35 32.66
N ARG D 396 -32.49 16.69 33.77
CA ARG D 396 -31.77 17.24 34.92
C ARG D 396 -30.95 16.17 35.63
N ILE D 397 -31.31 14.89 35.47
CA ILE D 397 -30.47 13.82 36.00
C ILE D 397 -29.15 13.76 35.24
N ALA D 398 -29.22 13.79 33.91
CA ALA D 398 -28.03 13.67 33.09
C ALA D 398 -27.16 14.93 33.17
N ARG D 399 -27.78 16.10 33.07
CA ARG D 399 -27.01 17.35 33.08
C ARG D 399 -26.33 17.59 34.42
N TYR D 400 -26.75 16.90 35.48
CA TYR D 400 -26.12 17.01 36.79
C TYR D 400 -25.59 15.68 37.29
N SER D 401 -25.45 14.70 36.40
CA SER D 401 -24.92 13.39 36.78
C SER D 401 -23.43 13.41 37.10
N ASP D 402 -22.71 14.45 36.69
CA ASP D 402 -21.31 14.61 37.04
C ASP D 402 -21.11 15.41 38.33
N LEU D 403 -22.20 15.71 39.03
CA LEU D 403 -22.14 16.34 40.34
C LEU D 403 -22.15 15.27 41.43
N VAL D 404 -21.31 15.45 42.44
CA VAL D 404 -21.23 14.55 43.58
C VAL D 404 -20.91 15.37 44.81
N VAL D 405 -21.17 14.80 45.98
CA VAL D 405 -20.83 15.50 47.23
C VAL D 405 -19.32 15.67 47.30
N PRO D 406 -18.80 16.89 47.52
CA PRO D 406 -17.36 17.11 47.46
C PRO D 406 -16.66 16.73 48.76
N GLU D 407 -15.92 15.63 48.72
CA GLU D 407 -15.04 15.22 49.81
C GLU D 407 -15.78 15.14 51.15
N ILE D 408 -16.75 14.22 51.19
CA ILE D 408 -17.56 14.06 52.41
C ILE D 408 -16.82 13.28 53.49
N ASP D 409 -15.75 12.56 53.14
CA ASP D 409 -14.93 11.92 54.17
C ASP D 409 -14.27 12.96 55.07
N LYS D 410 -13.81 14.06 54.48
CA LYS D 410 -13.29 15.17 55.28
C LYS D 410 -14.36 15.71 56.21
N ARG D 411 -15.58 15.89 55.69
CA ARG D 411 -16.67 16.39 56.52
C ARG D 411 -16.95 15.43 57.68
N LEU D 412 -16.86 14.13 57.42
CA LEU D 412 -16.95 13.14 58.49
C LEU D 412 -15.82 13.33 59.50
N ILE D 413 -14.64 13.71 59.03
CA ILE D 413 -13.51 13.92 59.94
C ILE D 413 -13.79 15.09 60.88
N GLN D 414 -14.24 16.24 60.34
CA GLN D 414 -14.59 17.34 61.24
C GLN D 414 -15.82 17.00 62.10
N LEU D 415 -16.73 16.15 61.61
CA LEU D 415 -17.85 15.72 62.44
C LEU D 415 -17.35 14.93 63.64
N GLN D 416 -16.38 14.04 63.42
CA GLN D 416 -15.78 13.31 64.53
C GLN D 416 -15.07 14.26 65.48
N LEU D 417 -14.38 15.27 64.94
CA LEU D 417 -13.72 16.26 65.78
C LEU D 417 -14.71 17.01 66.64
N ASP D 418 -15.85 17.41 66.06
CA ASP D 418 -16.88 18.11 66.82
C ASP D 418 -17.48 17.19 67.89
N ILE D 419 -17.68 15.92 67.56
CA ILE D 419 -18.17 14.97 68.56
C ILE D 419 -17.19 14.86 69.72
N ALA D 420 -15.89 14.76 69.43
CA ALA D 420 -14.89 14.70 70.48
C ALA D 420 -14.89 15.98 71.32
N ALA D 421 -15.01 17.13 70.68
CA ALA D 421 -15.04 18.41 71.38
C ALA D 421 -16.38 18.62 72.08
PG ATP E . -11.53 5.92 -18.49
O1G ATP E . -12.41 5.92 -17.29
O2G ATP E . -11.77 7.10 -19.43
O3G ATP E . -10.03 5.86 -18.15
PB ATP E . -11.47 4.07 -20.84
O1B ATP E . -12.35 4.64 -21.87
O2B ATP E . -9.97 4.27 -21.05
O3B ATP E . -11.79 4.63 -19.38
PA ATP E . -10.81 1.20 -20.75
O1A ATP E . -10.01 1.00 -19.52
O2A ATP E . -10.01 1.32 -22.02
O3A ATP E . -11.70 2.51 -20.64
O5' ATP E . -11.89 0.07 -20.93
C5' ATP E . -13.04 0.26 -21.78
C4' ATP E . -13.83 -1.03 -21.85
O4' ATP E . -14.59 -1.06 -23.08
C3' ATP E . -12.99 -2.30 -21.86
O3' ATP E . -13.71 -3.39 -21.32
C2' ATP E . -12.70 -2.48 -23.36
O2' ATP E . -12.47 -3.84 -23.68
C1' ATP E . -14.01 -2.00 -23.98
N9 ATP E . -13.83 -1.33 -25.27
C8 ATP E . -13.39 -0.05 -25.48
N7 ATP E . -13.34 0.29 -26.74
C5 ATP E . -13.76 -0.84 -27.41
C6 ATP E . -13.93 -1.14 -28.78
N6 ATP E . -13.68 -0.27 -29.76
N1 ATP E . -14.39 -2.37 -29.10
C2 ATP E . -14.64 -3.24 -28.12
N3 ATP E . -14.52 -3.08 -26.81
C4 ATP E . -14.08 -1.85 -26.52
MG MG F . -8.16 4.89 -18.37
ZN ZN G . 45.95 20.87 -31.55
PG ATP H . -22.00 -4.85 9.28
O1G ATP H . -23.08 -3.84 9.46
O2G ATP H . -21.60 -5.05 7.82
O3G ATP H . -20.73 -4.57 10.10
PB ATP H . -23.13 -7.61 9.18
O1B ATP H . -24.39 -7.33 8.46
O2B ATP H . -22.04 -8.33 8.39
O3B ATP H . -22.49 -6.28 9.77
PA ATP H . -22.79 -9.77 11.16
O1A ATP H . -21.44 -9.53 11.71
O2A ATP H . -22.87 -10.87 10.11
O3A ATP H . -23.38 -8.46 10.50
O5' ATP H . -23.83 -10.09 12.31
C5' ATP H . -25.18 -10.48 12.00
C4' ATP H . -25.49 -11.78 12.70
O4' ATP H . -26.59 -12.43 12.04
C3' ATP H . -24.35 -12.78 12.73
O3' ATP H . -23.51 -12.58 13.85
C2' ATP H . -25.11 -14.12 12.82
O2' ATP H . -25.47 -14.41 14.17
C1' ATP H . -26.35 -13.83 11.98
N9 ATP H . -26.23 -14.23 10.57
C8 ATP H . -25.48 -13.62 9.61
N7 ATP H . -25.56 -14.19 8.43
C5 ATP H . -26.44 -15.24 8.64
C6 ATP H . -26.95 -16.23 7.78
N6 ATP H . -26.64 -16.33 6.48
N1 ATP H . -27.81 -17.13 8.31
C2 ATP H . -28.13 -17.04 9.60
N3 ATP H . -27.71 -16.16 10.50
C4 ATP H . -26.86 -15.28 9.95
MG MG I . -20.46 -6.60 9.77
PB ADP J . -19.42 5.74 39.59
O1B ADP J . -18.06 6.40 39.59
O2B ADP J . -20.49 6.51 38.88
O3B ADP J . -19.39 4.26 39.26
PA ADP J . -19.18 4.76 42.18
O1A ADP J . -17.68 4.88 42.04
O2A ADP J . -19.86 3.41 42.03
O3A ADP J . -19.87 5.76 41.13
O5' ADP J . -19.59 5.35 43.61
C5' ADP J . -18.92 4.88 44.79
C4' ADP J . -19.74 5.21 46.02
O4' ADP J . -21.08 4.73 45.85
C3' ADP J . -19.18 4.55 47.26
O3' ADP J . -18.70 5.54 48.17
C2' ADP J . -20.32 3.78 47.88
O2' ADP J . -20.54 4.23 49.22
C1' ADP J . -21.54 4.08 47.04
N9 ADP J . -22.21 2.82 46.65
C8 ADP J . -22.21 2.26 45.43
N7 ADP J . -22.91 1.11 45.41
C5 ADP J . -23.41 0.91 46.64
C6 ADP J . -24.24 -0.11 47.31
N6 ADP J . -24.72 -1.18 46.62
N1 ADP J . -24.54 0.06 48.61
C2 ADP J . -24.08 1.12 49.30
N3 ADP J . -23.31 2.09 48.76
C4 ADP J . -22.95 2.05 47.46
MG MG K . -16.98 4.70 40.01
#